data_8CLE
#
_entry.id   8CLE
#
_cell.length_a   106.390
_cell.length_b   159.740
_cell.length_c   182.240
_cell.angle_alpha   90.00
_cell.angle_beta   90.00
_cell.angle_gamma   90.00
#
_symmetry.space_group_name_H-M   'P 21 21 21'
#
loop_
_entity.id
_entity.type
_entity.pdbx_description
1 polymer 'Tubulin alpha-1B chain'
2 polymer 'Tubulin beta-2B chain'
3 polymer Stathmin-4
4 polymer 'Tubulin-Tyrosine Ligase'
5 non-polymer "GUANOSINE-5'-TRIPHOSPHATE"
6 non-polymer 'MAGNESIUM ION'
7 non-polymer 'CALCIUM ION'
8 non-polymer "(2ALPHA,2'BETA,3BETA,4ALPHA,5BETA)-VINCALEUKOBLASTINE"
9 non-polymer "GUANOSINE-5'-DIPHOSPHATE"
10 water water
#
loop_
_entity_poly.entity_id
_entity_poly.type
_entity_poly.pdbx_seq_one_letter_code
_entity_poly.pdbx_strand_id
1 'polypeptide(L)'
;MRECISIHVGQAGVQIGNACWELYCLEHGIQPDGQMPSDKTIGGGDDSFNTFFSETGAGKHVPRAVFVDLEPTVIDEVRT
GTYRQLFHPEQLITGKEDAANNYARGHYTIGKEIIDLVLDRIRKLADQCTGLQGFLVFHSFGGGTGSGFTSLLMERLSVD
YGKKSKLEFSIYPAPQVSTAVVEPYNSILTTHTTLEHSDCAFMVDNEAIYDICRRNLDIERPTYTNLNRLISQIVSSITA
SLRFDGALNVDLTEFQTNLVPYPRIHFPLATYAPVISAEKAYHEQLSVAEITNACFEPANQMVKCDPRHGKYMACCLLYR
GDVVPKDVNAAIATIKTKRSIQFVDWCPTGFKVGINYQPPTVVPGGDLAKVQRAVCMLSNTTAIAEAWARLDHKFDLMYA
KRAFVHWYVGEGMEEGEFSEAREDMAALEKDYEEVGVDSV
;
A,C
2 'polypeptide(L)'
;MREIVHIQAGQCGNQIGAKFWEVISDEHGIDPTGSYHGDSDLQLERINVYYNEATGNKYVPRAILVDLEPGTMDSVRSGP
FGQIFRPDNFVFGQSGAGNNWAKGHYTEGAELVDSVLDVVRKESESCDCLQGFQLTHSLGGGTGSGMGTLLISKIREEYP
DRIMNTFSVMPSPKVSDTVVEPYNATLSVHQLVENTDETYCIDNEALYDICFRTLKLTTPTYGDLNHLVSATMSGVTTCL
RFPGQLNADLRKLAVNMVPFPRLHFFMPGFAPLTSRGSQQYRALTVPELTQQMFDSKNMMAACDPRHGRYLTVAAIFRGR
MSMKEVDEQMLNVQNKNSSYFVEWIPNNVKTAVCDIPPRGLKMSATFIGNSTAIQELFKRISEQFTAMFRRKAFLHWYTG
EGMDEMEFTEAESNMNDLVSEYQQYQDATAD
;
D,B
3 'polypeptide(L)'
;MEVIELNKCTSGQSFEVILKPPSDPSLEEIQKKLEAAEERRKYQEAELLKHLAEKREHEREVIQKAIEENNNFIKMAKEK
LAQKMESNKENREAHLAAMLERLQEKDKHAEEVRKNKELK
;
E
4 'polypeptide(L)'
;MYTFVVRDENSSVYAEVSRLLLATGQWKRLRKDNPRFNLMLGERNRLPFGRLGHEPGLVQLVNYYRGADKLCRKASLVKL
IKTSPELSESCTWFPESYVIYPTTDEREVFLAAYNRGNVWIAGILISSEASELLDFIDEQGQVHVIQKYLEKPLLLEPGH
RKFDIRSWVLVDHLYNIYLYREGVLRTSSEPYNSANFQDKTCHLTNHCIQKEYSRYEEGNEMFFEEFNQYLMDALNTTLE
NSILLQIKHIIRSCLMCIEPAISTKHLHYQSFQLFGFDFMVDEELKVWLIEVNGAPACAQKLYAELCQGIVDVAISSVFP
LATSIFIKLHH
;
F
#
loop_
_chem_comp.id
_chem_comp.type
_chem_comp.name
_chem_comp.formula
CA non-polymer 'CALCIUM ION' 'Ca 2'
GDP RNA linking GUANOSINE-5'-DIPHOSPHATE 'C10 H15 N5 O11 P2'
GTP non-polymer GUANOSINE-5'-TRIPHOSPHATE 'C10 H16 N5 O14 P3'
MG non-polymer 'MAGNESIUM ION' 'Mg 2'
VLB non-polymer (2ALPHA,2'BETA,3BETA,4ALPHA,5BETA)-VINCALEUKOBLASTINE 'C46 H58 N4 O9'
#
# COMPACT_ATOMS: atom_id res chain seq x y z
N MET A 1 -57.02 -4.93 -47.33
CA MET A 1 -55.77 -5.55 -46.90
C MET A 1 -55.01 -4.53 -46.06
N ARG A 2 -54.47 -4.97 -44.92
CA ARG A 2 -53.72 -4.08 -44.05
C ARG A 2 -52.42 -4.71 -43.57
N GLU A 3 -51.33 -3.95 -43.70
CA GLU A 3 -49.98 -4.44 -43.46
C GLU A 3 -49.65 -4.44 -41.96
N CYS A 4 -48.55 -5.11 -41.62
CA CYS A 4 -47.99 -5.09 -40.27
C CYS A 4 -46.48 -4.91 -40.37
N ILE A 5 -45.94 -3.86 -39.74
CA ILE A 5 -44.51 -3.65 -39.66
C ILE A 5 -44.00 -4.23 -38.34
N SER A 6 -42.94 -5.02 -38.43
CA SER A 6 -42.32 -5.64 -37.29
C SER A 6 -41.11 -4.85 -36.84
N ILE A 7 -40.94 -4.69 -35.53
CA ILE A 7 -39.81 -3.95 -34.97
C ILE A 7 -39.09 -4.81 -33.95
N HIS A 8 -37.82 -5.11 -34.21
CA HIS A 8 -36.99 -5.96 -33.35
C HIS A 8 -35.92 -5.10 -32.68
N VAL A 9 -35.93 -5.07 -31.34
CA VAL A 9 -35.06 -4.18 -30.57
C VAL A 9 -34.14 -5.01 -29.67
N GLY A 10 -32.83 -4.75 -29.75
CA GLY A 10 -31.86 -5.46 -28.95
C GLY A 10 -31.61 -6.90 -29.39
N GLN A 11 -30.66 -7.53 -28.69
CA GLN A 11 -30.21 -8.87 -29.09
C GLN A 11 -31.36 -9.86 -29.07
N ALA A 12 -32.06 -9.97 -27.95
CA ALA A 12 -33.22 -10.85 -27.88
C ALA A 12 -34.17 -10.59 -29.05
N GLY A 13 -34.52 -9.32 -29.27
CA GLY A 13 -35.46 -9.03 -30.33
C GLY A 13 -34.93 -9.46 -31.68
N VAL A 14 -33.64 -9.25 -31.94
CA VAL A 14 -33.07 -9.54 -33.24
C VAL A 14 -32.95 -11.05 -33.44
N GLN A 15 -32.42 -11.77 -32.44
CA GLN A 15 -32.28 -13.20 -32.62
C GLN A 15 -33.64 -13.88 -32.69
N ILE A 16 -34.59 -13.48 -31.83
CA ILE A 16 -35.94 -14.04 -31.93
C ILE A 16 -36.57 -13.65 -33.26
N GLY A 17 -36.44 -12.37 -33.63
CA GLY A 17 -36.95 -11.90 -34.90
C GLY A 17 -36.38 -12.67 -36.07
N ASN A 18 -35.09 -12.99 -36.00
CA ASN A 18 -34.44 -13.74 -37.06
C ASN A 18 -35.00 -15.15 -37.14
N ALA A 19 -35.32 -15.73 -35.98
CA ALA A 19 -35.97 -17.04 -35.93
C ALA A 19 -37.34 -17.02 -36.60
N CYS A 20 -38.20 -16.08 -36.19
CA CYS A 20 -39.56 -15.98 -36.75
C CYS A 20 -39.58 -15.83 -38.26
N TRP A 21 -38.77 -14.94 -38.81
CA TRP A 21 -38.88 -14.70 -40.25
C TRP A 21 -38.48 -15.92 -41.07
N GLU A 22 -37.50 -16.70 -40.61
CA GLU A 22 -37.20 -17.95 -41.30
C GLU A 22 -38.39 -18.90 -41.27
N LEU A 23 -39.06 -18.98 -40.12
CA LEU A 23 -40.19 -19.89 -39.99
C LEU A 23 -41.37 -19.37 -40.79
N TYR A 24 -41.56 -18.06 -40.81
CA TYR A 24 -42.58 -17.49 -41.69
C TYR A 24 -42.32 -17.91 -43.12
N CYS A 25 -41.05 -17.89 -43.53
CA CYS A 25 -40.71 -18.24 -44.90
C CYS A 25 -41.04 -19.70 -45.18
N LEU A 26 -40.65 -20.60 -44.27
CA LEU A 26 -40.97 -22.02 -44.45
C LEU A 26 -42.47 -22.26 -44.45
N GLU A 27 -43.23 -21.42 -43.76
CA GLU A 27 -44.67 -21.65 -43.73
C GLU A 27 -45.33 -21.15 -45.01
N HIS A 28 -44.77 -20.12 -45.64
CA HIS A 28 -45.37 -19.53 -46.81
C HIS A 28 -44.65 -19.96 -48.09
N GLY A 29 -43.58 -20.72 -47.97
CA GLY A 29 -42.85 -21.17 -49.14
C GLY A 29 -42.08 -20.05 -49.79
N ILE A 30 -41.44 -19.20 -48.99
CA ILE A 30 -40.56 -18.15 -49.48
C ILE A 30 -39.12 -18.60 -49.31
N GLN A 31 -38.40 -18.70 -50.42
CA GLN A 31 -37.01 -19.14 -50.36
C GLN A 31 -36.10 -18.04 -49.81
N PRO A 32 -34.91 -18.42 -49.36
CA PRO A 32 -33.95 -17.44 -48.83
C PRO A 32 -33.64 -16.24 -49.71
N ASP A 33 -33.75 -16.37 -51.02
CA ASP A 33 -33.49 -15.27 -51.95
C ASP A 33 -34.72 -14.41 -52.22
N GLY A 34 -35.85 -14.73 -51.62
CA GLY A 34 -37.04 -13.90 -51.70
C GLY A 34 -37.99 -14.33 -52.79
N GLN A 35 -37.65 -15.38 -53.52
CA GLN A 35 -38.51 -15.90 -54.58
C GLN A 35 -39.55 -16.80 -53.97
N MET A 36 -40.79 -16.67 -54.43
CA MET A 36 -41.92 -17.42 -53.90
C MET A 36 -42.69 -18.04 -55.05
N PRO A 37 -42.23 -19.20 -55.54
CA PRO A 37 -42.90 -19.83 -56.69
C PRO A 37 -44.40 -19.88 -56.54
N SER A 38 -44.88 -20.16 -55.33
CA SER A 38 -46.33 -20.16 -55.06
C SER A 38 -46.98 -18.85 -55.45
N ASP A 39 -46.25 -17.74 -55.26
CA ASP A 39 -46.81 -16.43 -55.64
C ASP A 39 -46.95 -16.43 -57.15
N LYS A 40 -48.17 -16.20 -57.61
CA LYS A 40 -48.42 -16.15 -59.04
C LYS A 40 -48.62 -14.73 -59.55
N THR A 41 -48.96 -13.79 -58.67
CA THR A 41 -48.98 -12.37 -59.02
C THR A 41 -47.59 -11.82 -58.81
N ILE A 42 -46.87 -11.58 -59.89
CA ILE A 42 -45.48 -11.16 -59.77
C ILE A 42 -45.52 -9.65 -59.59
N GLY A 43 -44.73 -9.14 -58.66
CA GLY A 43 -44.65 -7.71 -58.43
C GLY A 43 -45.77 -7.09 -57.63
N GLY A 44 -46.75 -7.85 -57.14
CA GLY A 44 -47.79 -7.25 -56.33
C GLY A 44 -48.75 -8.29 -55.76
N GLY A 45 -49.61 -7.81 -54.86
CA GLY A 45 -50.63 -8.67 -54.26
C GLY A 45 -51.40 -8.05 -53.11
N ASP A 46 -52.57 -8.63 -52.78
CA ASP A 46 -53.30 -8.33 -51.55
C ASP A 46 -53.70 -9.62 -50.85
N ASP A 47 -52.85 -10.66 -51.00
CA ASP A 47 -53.00 -11.92 -50.28
C ASP A 47 -52.66 -11.77 -48.80
N SER A 48 -53.11 -12.75 -48.03
CA SER A 48 -52.92 -12.74 -46.59
C SER A 48 -51.46 -12.60 -46.21
N PHE A 49 -50.57 -13.18 -46.99
CA PHE A 49 -49.17 -13.15 -46.64
C PHE A 49 -48.58 -11.77 -46.91
N ASN A 50 -49.21 -10.97 -47.76
CA ASN A 50 -48.70 -9.63 -48.02
C ASN A 50 -48.77 -8.74 -46.80
N THR A 51 -49.47 -9.16 -45.74
CA THR A 51 -49.49 -8.37 -44.51
CA THR A 51 -49.49 -8.37 -44.51
C THR A 51 -48.13 -8.32 -43.83
N PHE A 52 -47.26 -9.29 -44.11
CA PHE A 52 -45.92 -9.35 -43.55
C PHE A 52 -44.80 -9.17 -44.56
N PHE A 53 -45.03 -9.50 -45.83
CA PHE A 53 -44.03 -9.36 -46.88
C PHE A 53 -44.57 -8.43 -47.96
N SER A 54 -43.78 -7.42 -48.32
CA SER A 54 -44.04 -6.65 -49.53
C SER A 54 -43.41 -7.35 -50.72
N GLU A 55 -43.62 -6.82 -51.92
CA GLU A 55 -43.07 -7.46 -53.12
C GLU A 55 -42.37 -6.43 -53.98
N THR A 56 -41.39 -6.90 -54.75
CA THR A 56 -40.70 -6.11 -55.76
C THR A 56 -41.08 -6.59 -57.17
N GLY A 57 -40.78 -5.75 -58.15
CA GLY A 57 -41.02 -6.15 -59.53
C GLY A 57 -40.17 -7.32 -59.95
N ALA A 58 -39.12 -7.64 -59.18
CA ALA A 58 -38.25 -8.76 -59.48
C ALA A 58 -38.72 -10.04 -58.79
N GLY A 59 -39.86 -10.00 -58.10
CA GLY A 59 -40.43 -11.15 -57.43
C GLY A 59 -39.94 -11.37 -56.02
N LYS A 60 -39.09 -10.48 -55.52
CA LYS A 60 -38.58 -10.56 -54.16
C LYS A 60 -39.67 -10.23 -53.14
N HIS A 61 -39.92 -11.14 -52.21
CA HIS A 61 -40.79 -10.91 -51.05
C HIS A 61 -39.90 -10.62 -49.84
N VAL A 62 -39.94 -9.38 -49.36
CA VAL A 62 -39.06 -8.95 -48.28
C VAL A 62 -39.89 -8.64 -47.04
N PRO A 63 -39.46 -9.11 -45.86
CA PRO A 63 -40.21 -8.85 -44.63
C PRO A 63 -40.50 -7.38 -44.39
N ARG A 64 -41.68 -7.11 -43.85
CA ARG A 64 -42.02 -5.75 -43.42
C ARG A 64 -41.52 -5.65 -41.97
N ALA A 65 -40.22 -5.41 -41.84
CA ALA A 65 -39.54 -5.51 -40.56
C ALA A 65 -38.38 -4.52 -40.50
N VAL A 66 -38.04 -4.13 -39.27
CA VAL A 66 -36.91 -3.24 -39.00
CA VAL A 66 -36.93 -3.23 -39.00
C VAL A 66 -36.17 -3.77 -37.79
N PHE A 67 -34.85 -3.89 -37.90
CA PHE A 67 -34.00 -4.34 -36.81
C PHE A 67 -33.18 -3.16 -36.30
N VAL A 68 -33.10 -3.03 -34.97
CA VAL A 68 -32.36 -1.95 -34.34
CA VAL A 68 -32.36 -1.95 -34.33
C VAL A 68 -31.63 -2.52 -33.12
N ASP A 69 -30.31 -2.40 -33.12
CA ASP A 69 -29.49 -2.76 -31.97
C ASP A 69 -28.35 -1.75 -31.88
N LEU A 70 -28.01 -1.38 -30.66
CA LEU A 70 -26.97 -0.38 -30.44
C LEU A 70 -25.58 -0.91 -30.67
N GLU A 71 -25.43 -2.22 -30.84
CA GLU A 71 -24.14 -2.82 -31.20
C GLU A 71 -24.33 -3.71 -32.41
N PRO A 72 -23.28 -3.87 -33.24
CA PRO A 72 -23.50 -4.45 -34.57
C PRO A 72 -23.41 -5.97 -34.61
N THR A 73 -22.84 -6.59 -33.58
CA THR A 73 -22.50 -8.00 -33.68
C THR A 73 -23.73 -8.83 -34.06
N VAL A 74 -24.82 -8.64 -33.32
CA VAL A 74 -26.04 -9.42 -33.50
C VAL A 74 -26.67 -9.13 -34.86
N ILE A 75 -26.79 -7.86 -35.23
CA ILE A 75 -27.41 -7.55 -36.51
C ILE A 75 -26.52 -8.00 -37.65
N ASP A 76 -25.21 -8.10 -37.42
CA ASP A 76 -24.31 -8.58 -38.48
C ASP A 76 -24.73 -10.00 -38.87
N GLU A 77 -25.09 -10.83 -37.89
CA GLU A 77 -25.58 -12.16 -38.19
C GLU A 77 -26.71 -12.11 -39.20
N VAL A 78 -27.71 -11.26 -38.96
CA VAL A 78 -28.77 -11.10 -39.95
C VAL A 78 -28.19 -10.73 -41.31
N ARG A 79 -27.23 -9.82 -41.33
CA ARG A 79 -26.67 -9.34 -42.63
C ARG A 79 -25.86 -10.44 -43.33
N THR A 80 -25.38 -11.45 -42.61
CA THR A 80 -24.65 -12.54 -43.25
C THR A 80 -25.32 -13.89 -43.12
N GLY A 81 -26.49 -13.96 -42.50
CA GLY A 81 -27.14 -15.23 -42.29
C GLY A 81 -27.59 -15.84 -43.60
N THR A 82 -28.31 -16.96 -43.47
CA THR A 82 -28.75 -17.69 -44.65
C THR A 82 -29.87 -16.95 -45.36
N TYR A 83 -30.51 -16.01 -44.67
CA TYR A 83 -31.57 -15.18 -45.24
C TYR A 83 -31.11 -13.73 -45.44
N ARG A 84 -29.82 -13.53 -45.74
CA ARG A 84 -29.33 -12.16 -45.96
C ARG A 84 -30.01 -11.47 -47.13
N GLN A 85 -30.40 -12.20 -48.18
CA GLN A 85 -30.95 -11.51 -49.34
C GLN A 85 -32.39 -11.09 -49.10
N LEU A 86 -33.04 -11.65 -48.08
CA LEU A 86 -34.40 -11.25 -47.76
C LEU A 86 -34.45 -9.77 -47.41
N PHE A 87 -33.51 -9.30 -46.60
CA PHE A 87 -33.54 -7.92 -46.12
C PHE A 87 -32.60 -7.08 -46.96
N HIS A 88 -32.93 -5.80 -47.09
CA HIS A 88 -32.08 -4.76 -47.69
C HIS A 88 -31.52 -3.79 -46.64
N PRO A 89 -30.25 -3.34 -46.82
CA PRO A 89 -29.53 -2.57 -45.80
C PRO A 89 -30.29 -1.47 -45.04
N GLU A 90 -31.27 -0.81 -45.67
CA GLU A 90 -31.94 0.32 -45.04
C GLU A 90 -32.79 -0.07 -43.84
N GLN A 91 -33.18 -1.35 -43.72
CA GLN A 91 -34.02 -1.81 -42.62
C GLN A 91 -33.21 -2.45 -41.51
N LEU A 92 -31.88 -2.31 -41.53
CA LEU A 92 -30.98 -2.83 -40.50
C LEU A 92 -30.18 -1.69 -39.88
N ILE A 93 -30.56 -1.30 -38.67
CA ILE A 93 -30.01 -0.13 -37.97
C ILE A 93 -29.19 -0.59 -36.78
N THR A 94 -27.97 -0.07 -36.67
CA THR A 94 -27.09 -0.42 -35.55
C THR A 94 -26.40 0.85 -35.07
N GLY A 95 -25.88 0.80 -33.84
CA GLY A 95 -25.10 1.86 -33.27
C GLY A 95 -23.65 1.47 -33.06
N LYS A 96 -22.98 2.21 -32.18
CA LYS A 96 -21.57 1.97 -31.92
C LYS A 96 -21.34 1.26 -30.59
N GLU A 97 -21.83 1.84 -29.49
CA GLU A 97 -21.78 1.22 -28.17
C GLU A 97 -23.20 0.98 -27.69
N ASP A 98 -23.39 -0.05 -26.87
CA ASP A 98 -24.74 -0.43 -26.46
C ASP A 98 -25.08 0.26 -25.14
N ALA A 99 -26.20 -0.14 -24.54
CA ALA A 99 -26.69 0.47 -23.31
C ALA A 99 -26.07 -0.16 -22.07
N ALA A 100 -25.13 -1.09 -22.24
CA ALA A 100 -24.41 -1.71 -21.13
C ALA A 100 -25.34 -2.20 -20.03
N ASN A 101 -26.44 -2.86 -20.42
CA ASN A 101 -27.42 -3.41 -19.47
C ASN A 101 -27.99 -2.33 -18.55
N ASN A 102 -28.04 -1.10 -19.03
CA ASN A 102 -28.43 0.04 -18.22
C ASN A 102 -29.62 0.71 -18.91
N TYR A 103 -30.82 0.54 -18.33
CA TYR A 103 -32.01 1.13 -18.92
C TYR A 103 -31.84 2.61 -19.22
N ALA A 104 -31.23 3.37 -18.31
CA ALA A 104 -31.05 4.80 -18.50
C ALA A 104 -30.17 5.11 -19.72
N ARG A 105 -29.14 4.30 -19.93
CA ARG A 105 -28.28 4.48 -21.10
C ARG A 105 -29.01 4.16 -22.41
N GLY A 106 -29.90 3.18 -22.38
CA GLY A 106 -30.67 2.86 -23.58
C GLY A 106 -31.74 3.89 -23.88
N HIS A 107 -32.42 4.38 -22.83
CA HIS A 107 -33.51 5.33 -22.98
C HIS A 107 -32.98 6.74 -23.29
N TYR A 108 -32.16 7.29 -22.38
CA TYR A 108 -31.74 8.69 -22.44
C TYR A 108 -30.47 8.86 -23.27
N THR A 109 -29.36 8.25 -22.83
CA THR A 109 -28.05 8.58 -23.40
C THR A 109 -27.97 8.09 -24.84
N ILE A 110 -28.07 6.77 -25.06
CA ILE A 110 -27.88 6.29 -26.41
C ILE A 110 -29.18 6.37 -27.20
N GLY A 111 -30.32 6.36 -26.51
CA GLY A 111 -31.59 6.45 -27.22
C GLY A 111 -31.76 7.75 -27.96
N LYS A 112 -31.47 8.88 -27.30
CA LYS A 112 -31.75 10.18 -27.90
C LYS A 112 -30.97 10.41 -29.18
N GLU A 113 -29.79 9.81 -29.32
CA GLU A 113 -29.01 10.02 -30.54
C GLU A 113 -29.47 9.16 -31.71
N ILE A 114 -30.40 8.23 -31.49
CA ILE A 114 -30.80 7.32 -32.56
C ILE A 114 -32.32 7.21 -32.73
N ILE A 115 -33.10 7.79 -31.81
CA ILE A 115 -34.54 7.61 -31.88
C ILE A 115 -35.08 8.13 -33.22
N ASP A 116 -34.61 9.30 -33.66
CA ASP A 116 -35.15 9.86 -34.89
C ASP A 116 -34.72 9.08 -36.13
N LEU A 117 -33.51 8.51 -36.11
CA LEU A 117 -33.11 7.63 -37.21
C LEU A 117 -34.01 6.41 -37.30
N VAL A 118 -34.22 5.72 -36.18
CA VAL A 118 -35.05 4.53 -36.19
C VAL A 118 -36.44 4.86 -36.72
N LEU A 119 -37.03 5.96 -36.22
CA LEU A 119 -38.37 6.33 -36.66
C LEU A 119 -38.39 6.63 -38.15
N ASP A 120 -37.32 7.21 -38.67
CA ASP A 120 -37.27 7.50 -40.10
C ASP A 120 -37.38 6.22 -40.93
N ARG A 121 -36.49 5.27 -40.66
CA ARG A 121 -36.56 3.97 -41.33
C ARG A 121 -37.95 3.34 -41.23
N ILE A 122 -38.56 3.40 -40.04
CA ILE A 122 -39.91 2.89 -39.88
C ILE A 122 -40.91 3.68 -40.73
N ARG A 123 -40.73 4.99 -40.83
CA ARG A 123 -41.61 5.80 -41.67
C ARG A 123 -41.50 5.35 -43.12
N LYS A 124 -40.29 5.03 -43.57
CA LYS A 124 -40.09 4.65 -44.97
C LYS A 124 -40.91 3.40 -45.28
N LEU A 125 -40.87 2.40 -44.40
CA LEU A 125 -41.72 1.22 -44.60
C LEU A 125 -43.19 1.59 -44.50
N ALA A 126 -43.53 2.50 -43.59
CA ALA A 126 -44.93 2.82 -43.33
C ALA A 126 -45.58 3.44 -44.56
N ASP A 127 -44.89 4.39 -45.21
CA ASP A 127 -45.41 5.00 -46.43
C ASP A 127 -45.74 3.98 -47.52
N GLN A 128 -45.09 2.82 -47.50
CA GLN A 128 -45.38 1.76 -48.47
C GLN A 128 -46.59 0.92 -48.09
N CYS A 129 -47.31 1.27 -47.02
CA CYS A 129 -48.49 0.54 -46.58
C CYS A 129 -49.76 1.29 -46.98
N THR A 130 -50.74 0.54 -47.48
CA THR A 130 -52.04 1.10 -47.85
C THR A 130 -53.00 1.16 -46.67
N GLY A 131 -52.70 0.46 -45.58
CA GLY A 131 -53.60 0.38 -44.45
C GLY A 131 -52.95 -0.26 -43.26
N LEU A 132 -51.75 0.23 -42.94
CA LEU A 132 -50.99 -0.18 -41.77
C LEU A 132 -51.90 -0.36 -40.56
N GLN A 133 -51.83 -1.54 -39.94
CA GLN A 133 -52.64 -1.78 -38.75
C GLN A 133 -51.90 -1.44 -37.46
N GLY A 134 -50.59 -1.38 -37.50
CA GLY A 134 -49.76 -1.14 -36.34
C GLY A 134 -48.50 -1.97 -36.38
N PHE A 135 -47.95 -2.22 -35.19
CA PHE A 135 -46.61 -2.78 -35.07
C PHE A 135 -46.56 -3.92 -34.06
N LEU A 136 -45.64 -4.85 -34.33
CA LEU A 136 -45.28 -5.92 -33.41
CA LEU A 136 -45.28 -5.92 -33.40
C LEU A 136 -43.85 -5.66 -32.95
N VAL A 137 -43.64 -5.54 -31.64
CA VAL A 137 -42.35 -5.12 -31.10
C VAL A 137 -41.74 -6.20 -30.21
N PHE A 138 -40.56 -6.69 -30.59
CA PHE A 138 -39.87 -7.79 -29.95
C PHE A 138 -38.68 -7.24 -29.15
N HIS A 139 -38.60 -7.60 -27.87
CA HIS A 139 -37.55 -7.05 -27.03
C HIS A 139 -37.51 -7.80 -25.70
N SER A 140 -36.37 -7.69 -25.02
CA SER A 140 -36.17 -8.21 -23.68
C SER A 140 -36.51 -7.16 -22.61
N PHE A 141 -36.88 -7.65 -21.42
CA PHE A 141 -37.02 -6.76 -20.28
C PHE A 141 -35.66 -6.33 -19.72
N GLY A 142 -34.67 -7.22 -19.78
CA GLY A 142 -33.45 -7.06 -19.00
C GLY A 142 -32.32 -6.27 -19.61
N GLY A 143 -32.21 -6.25 -20.94
CA GLY A 143 -31.14 -5.52 -21.57
C GLY A 143 -31.33 -4.01 -21.51
N GLY A 144 -30.22 -3.29 -21.68
CA GLY A 144 -30.31 -1.84 -21.66
C GLY A 144 -31.06 -1.32 -22.87
N THR A 145 -30.81 -1.91 -24.03
CA THR A 145 -31.47 -1.44 -25.25
C THR A 145 -32.89 -1.98 -25.32
N GLY A 146 -33.05 -3.29 -25.09
CA GLY A 146 -34.38 -3.87 -25.12
C GLY A 146 -35.36 -3.21 -24.17
N SER A 147 -34.88 -2.80 -22.99
CA SER A 147 -35.77 -2.18 -22.03
C SER A 147 -35.81 -0.67 -22.24
N GLY A 148 -34.65 -0.04 -22.41
CA GLY A 148 -34.58 1.41 -22.35
C GLY A 148 -34.99 2.03 -23.67
N PHE A 149 -34.42 1.52 -24.77
CA PHE A 149 -34.77 2.04 -26.09
C PHE A 149 -36.21 1.74 -26.46
N THR A 150 -36.66 0.52 -26.19
CA THR A 150 -38.02 0.13 -26.57
C THR A 150 -39.03 1.14 -26.02
N SER A 151 -38.94 1.45 -24.73
CA SER A 151 -39.88 2.38 -24.12
C SER A 151 -39.89 3.72 -24.86
N LEU A 152 -38.70 4.26 -25.17
CA LEU A 152 -38.63 5.47 -25.98
C LEU A 152 -39.36 5.27 -27.30
N LEU A 153 -39.07 4.17 -28.00
CA LEU A 153 -39.68 3.96 -29.31
C LEU A 153 -41.20 3.89 -29.17
N MET A 154 -41.68 3.06 -28.24
CA MET A 154 -43.11 2.91 -28.02
C MET A 154 -43.78 4.27 -27.86
N GLU A 155 -43.15 5.14 -27.05
CA GLU A 155 -43.65 6.50 -26.87
C GLU A 155 -43.68 7.26 -28.19
N ARG A 156 -42.58 7.23 -28.93
CA ARG A 156 -42.58 7.99 -30.18
C ARG A 156 -43.59 7.42 -31.16
N LEU A 157 -43.81 6.10 -31.15
CA LEU A 157 -44.74 5.50 -32.09
C LEU A 157 -46.17 5.91 -31.76
N SER A 158 -46.48 6.11 -30.48
CA SER A 158 -47.79 6.63 -30.12
C SER A 158 -47.96 8.05 -30.62
N VAL A 159 -46.87 8.82 -30.66
CA VAL A 159 -46.95 10.19 -31.15
C VAL A 159 -47.10 10.22 -32.67
N ASP A 160 -46.28 9.46 -33.39
CA ASP A 160 -46.30 9.56 -34.85
C ASP A 160 -47.31 8.64 -35.50
N TYR A 161 -47.86 7.67 -34.77
CA TYR A 161 -48.88 6.79 -35.31
C TYR A 161 -49.94 6.62 -34.22
N GLY A 162 -50.46 7.75 -33.76
CA GLY A 162 -51.40 7.80 -32.67
C GLY A 162 -52.58 6.88 -32.88
N LYS A 163 -52.82 6.54 -34.13
CA LYS A 163 -54.00 5.79 -34.52
C LYS A 163 -53.62 4.39 -35.00
N LYS A 164 -52.68 3.74 -34.29
CA LYS A 164 -52.23 2.42 -34.68
C LYS A 164 -52.12 1.50 -33.47
N SER A 165 -52.32 0.21 -33.73
CA SER A 165 -52.17 -0.82 -32.71
C SER A 165 -50.69 -1.13 -32.48
N LYS A 166 -50.38 -1.46 -31.22
CA LYS A 166 -48.99 -1.81 -30.84
C LYS A 166 -48.99 -3.10 -30.01
N LEU A 167 -48.51 -4.21 -30.59
CA LEU A 167 -48.37 -5.48 -29.89
C LEU A 167 -46.92 -5.67 -29.45
N GLU A 168 -46.73 -6.37 -28.34
CA GLU A 168 -45.42 -6.60 -27.77
C GLU A 168 -45.13 -8.09 -27.66
N PHE A 169 -43.86 -8.46 -27.86
CA PHE A 169 -43.34 -9.78 -27.49
C PHE A 169 -42.15 -9.53 -26.57
N SER A 170 -42.29 -9.93 -25.32
CA SER A 170 -41.41 -9.55 -24.24
C SER A 170 -40.75 -10.76 -23.61
N ILE A 171 -39.41 -10.75 -23.50
CA ILE A 171 -38.67 -11.86 -22.88
C ILE A 171 -38.47 -11.51 -21.41
N TYR A 172 -39.00 -12.36 -20.52
CA TYR A 172 -38.99 -12.00 -19.11
C TYR A 172 -37.77 -12.63 -18.46
N PRO A 173 -37.06 -11.92 -17.58
CA PRO A 173 -35.70 -12.33 -17.21
C PRO A 173 -35.69 -13.57 -16.33
N ALA A 174 -34.82 -14.53 -16.68
CA ALA A 174 -34.62 -15.75 -15.91
C ALA A 174 -33.15 -15.96 -15.58
N PRO A 175 -32.84 -16.20 -14.30
CA PRO A 175 -31.44 -16.43 -13.88
C PRO A 175 -30.63 -17.42 -14.70
N GLN A 176 -31.26 -18.50 -15.14
CA GLN A 176 -30.55 -19.55 -15.86
C GLN A 176 -29.83 -19.04 -17.10
N VAL A 177 -30.32 -17.95 -17.71
CA VAL A 177 -29.63 -17.39 -18.87
C VAL A 177 -29.40 -15.88 -18.82
N SER A 178 -29.64 -15.24 -17.68
CA SER A 178 -29.47 -13.79 -17.65
C SER A 178 -27.99 -13.43 -17.60
N THR A 179 -27.70 -12.18 -17.92
CA THR A 179 -26.34 -11.70 -18.08
C THR A 179 -26.04 -10.42 -17.32
N ALA A 180 -26.99 -9.89 -16.56
CA ALA A 180 -26.77 -8.72 -15.73
C ALA A 180 -27.61 -8.85 -14.46
N VAL A 181 -27.00 -8.54 -13.31
CA VAL A 181 -27.74 -8.54 -12.06
C VAL A 181 -28.82 -7.48 -11.97
N VAL A 182 -28.83 -6.52 -12.90
CA VAL A 182 -29.71 -5.35 -12.80
C VAL A 182 -31.00 -5.49 -13.62
N GLU A 183 -31.24 -6.63 -14.25
CA GLU A 183 -32.39 -6.86 -15.09
C GLU A 183 -33.76 -6.57 -14.43
N PRO A 184 -33.95 -6.81 -13.13
CA PRO A 184 -35.26 -6.45 -12.54
C PRO A 184 -35.50 -4.96 -12.58
N TYR A 185 -34.48 -4.14 -12.30
CA TYR A 185 -34.57 -2.70 -12.51
C TYR A 185 -35.08 -2.39 -13.90
N ASN A 186 -34.33 -2.83 -14.92
CA ASN A 186 -34.71 -2.57 -16.31
C ASN A 186 -36.11 -3.06 -16.59
N SER A 187 -36.50 -4.18 -15.98
CA SER A 187 -37.81 -4.76 -16.26
C SER A 187 -38.92 -3.85 -15.78
N ILE A 188 -38.78 -3.30 -14.57
CA ILE A 188 -39.83 -2.45 -14.02
C ILE A 188 -39.83 -1.10 -14.69
N LEU A 189 -38.65 -0.57 -15.01
CA LEU A 189 -38.59 0.70 -15.75
C LEU A 189 -39.31 0.59 -17.09
N THR A 190 -38.97 -0.42 -17.89
CA THR A 190 -39.59 -0.48 -19.22
C THR A 190 -41.08 -0.79 -19.14
N THR A 191 -41.49 -1.65 -18.20
CA THR A 191 -42.91 -1.97 -18.06
C THR A 191 -43.72 -0.73 -17.66
N HIS A 192 -43.21 0.04 -16.71
CA HIS A 192 -43.89 1.26 -16.27
C HIS A 192 -44.11 2.21 -17.44
N THR A 193 -43.12 2.35 -18.31
CA THR A 193 -43.13 3.36 -19.36
C THR A 193 -43.87 2.87 -20.60
N THR A 194 -43.66 1.62 -20.99
CA THR A 194 -44.39 1.07 -22.13
C THR A 194 -45.84 0.73 -21.80
N LEU A 195 -46.20 0.65 -20.52
CA LEU A 195 -47.51 0.14 -20.15
C LEU A 195 -48.63 0.94 -20.79
N GLU A 196 -48.58 2.28 -20.64
CA GLU A 196 -49.59 3.12 -21.28
C GLU A 196 -49.55 3.12 -22.81
N HIS A 197 -48.47 2.64 -23.43
CA HIS A 197 -48.33 2.74 -24.88
C HIS A 197 -48.55 1.42 -25.61
N SER A 198 -48.75 0.31 -24.90
CA SER A 198 -48.86 -1.01 -25.50
C SER A 198 -50.28 -1.53 -25.29
N ASP A 199 -50.89 -2.04 -26.35
CA ASP A 199 -52.28 -2.49 -26.30
C ASP A 199 -52.38 -3.92 -25.82
N CYS A 200 -51.37 -4.74 -26.09
CA CYS A 200 -51.37 -6.16 -25.77
C CYS A 200 -49.96 -6.73 -25.88
N ALA A 201 -49.48 -7.31 -24.77
CA ALA A 201 -48.10 -7.76 -24.62
C ALA A 201 -48.07 -9.24 -24.28
N PHE A 202 -47.31 -10.02 -25.04
CA PHE A 202 -47.14 -11.44 -24.74
C PHE A 202 -45.83 -11.67 -23.99
N MET A 203 -45.94 -12.06 -22.73
CA MET A 203 -44.75 -12.27 -21.93
C MET A 203 -44.31 -13.72 -22.10
N VAL A 204 -43.01 -13.88 -22.33
CA VAL A 204 -42.39 -15.19 -22.45
C VAL A 204 -41.27 -15.21 -21.42
N ASP A 205 -41.41 -16.08 -20.43
CA ASP A 205 -40.43 -16.23 -19.38
C ASP A 205 -39.36 -17.21 -19.83
N ASN A 206 -38.11 -16.75 -19.94
CA ASN A 206 -37.02 -17.64 -20.33
C ASN A 206 -36.95 -18.87 -19.44
N GLU A 207 -37.36 -18.73 -18.17
CA GLU A 207 -37.34 -19.87 -17.28
C GLU A 207 -38.25 -20.97 -17.81
N ALA A 208 -39.44 -20.60 -18.27
CA ALA A 208 -40.40 -21.58 -18.76
C ALA A 208 -39.87 -22.27 -19.99
N ILE A 209 -39.34 -21.49 -20.94
CA ILE A 209 -38.80 -22.07 -22.15
C ILE A 209 -37.57 -22.91 -21.84
N TYR A 210 -36.76 -22.48 -20.87
CA TYR A 210 -35.61 -23.27 -20.48
C TYR A 210 -35.98 -24.66 -19.98
N ASP A 211 -37.00 -24.76 -19.12
CA ASP A 211 -37.32 -26.09 -18.57
C ASP A 211 -38.10 -26.94 -19.57
N ILE A 212 -38.93 -26.32 -20.40
CA ILE A 212 -39.62 -27.08 -21.46
C ILE A 212 -38.61 -27.68 -22.41
N CYS A 213 -37.56 -26.93 -22.73
CA CYS A 213 -36.52 -27.48 -23.60
C CYS A 213 -35.85 -28.67 -22.92
N ARG A 214 -35.55 -28.53 -21.64
CA ARG A 214 -34.93 -29.63 -20.91
C ARG A 214 -35.85 -30.82 -20.83
N ARG A 215 -37.06 -30.63 -20.31
CA ARG A 215 -37.95 -31.76 -20.06
C ARG A 215 -38.47 -32.38 -21.35
N ASN A 216 -38.97 -31.57 -22.28
CA ASN A 216 -39.63 -32.16 -23.43
C ASN A 216 -38.69 -32.40 -24.60
N LEU A 217 -37.57 -31.70 -24.68
CA LEU A 217 -36.70 -31.85 -25.82
C LEU A 217 -35.40 -32.60 -25.53
N ASP A 218 -35.14 -32.95 -24.26
CA ASP A 218 -33.91 -33.66 -23.89
C ASP A 218 -32.66 -32.82 -24.18
N ILE A 219 -32.78 -31.51 -24.05
CA ILE A 219 -31.68 -30.57 -24.22
C ILE A 219 -31.03 -30.33 -22.86
N GLU A 220 -29.82 -30.85 -22.70
CA GLU A 220 -29.15 -30.81 -21.40
C GLU A 220 -28.93 -29.39 -20.90
N ARG A 221 -28.46 -28.52 -21.76
CA ARG A 221 -28.17 -27.12 -21.42
C ARG A 221 -28.66 -26.23 -22.55
N PRO A 222 -29.95 -25.93 -22.58
CA PRO A 222 -30.52 -25.16 -23.70
C PRO A 222 -29.75 -23.87 -23.96
N THR A 223 -29.49 -23.62 -25.24
CA THR A 223 -28.93 -22.38 -25.72
C THR A 223 -30.04 -21.44 -26.19
N TYR A 224 -29.64 -20.22 -26.57
CA TYR A 224 -30.59 -19.27 -27.12
C TYR A 224 -31.22 -19.79 -28.40
N THR A 225 -30.44 -20.47 -29.24
CA THR A 225 -30.99 -21.06 -30.46
C THR A 225 -32.10 -22.04 -30.13
N ASN A 226 -31.90 -22.89 -29.14
CA ASN A 226 -32.99 -23.78 -28.73
C ASN A 226 -34.18 -22.95 -28.26
N LEU A 227 -33.94 -22.02 -27.35
CA LEU A 227 -35.02 -21.21 -26.80
C LEU A 227 -35.76 -20.49 -27.93
N ASN A 228 -35.03 -19.96 -28.89
CA ASN A 228 -35.63 -19.10 -29.90
C ASN A 228 -36.46 -19.90 -30.92
N ARG A 229 -36.07 -21.14 -31.20
CA ARG A 229 -36.87 -21.95 -32.12
C ARG A 229 -38.23 -22.32 -31.53
N LEU A 230 -38.26 -22.60 -30.24
CA LEU A 230 -39.53 -22.83 -29.55
C LEU A 230 -40.36 -21.56 -29.52
N ILE A 231 -39.73 -20.46 -29.10
CA ILE A 231 -40.41 -19.16 -29.06
C ILE A 231 -41.01 -18.83 -30.42
N SER A 232 -40.32 -19.13 -31.51
CA SER A 232 -40.85 -18.81 -32.82
C SER A 232 -42.08 -19.64 -33.12
N GLN A 233 -42.14 -20.85 -32.59
CA GLN A 233 -43.36 -21.62 -32.73
C GLN A 233 -44.52 -20.90 -32.08
N ILE A 234 -44.31 -20.34 -30.89
CA ILE A 234 -45.41 -19.66 -30.19
C ILE A 234 -45.76 -18.37 -30.90
N VAL A 235 -44.76 -17.52 -31.15
CA VAL A 235 -44.98 -16.27 -31.87
C VAL A 235 -45.73 -16.50 -33.17
N SER A 236 -45.33 -17.52 -33.92
CA SER A 236 -45.97 -17.81 -35.20
C SER A 236 -47.44 -18.16 -35.02
N SER A 237 -47.74 -19.05 -34.07
CA SER A 237 -49.11 -19.40 -33.74
C SER A 237 -49.97 -18.19 -33.44
N ILE A 238 -49.44 -17.24 -32.66
CA ILE A 238 -50.20 -16.04 -32.33
C ILE A 238 -50.43 -15.17 -33.56
N THR A 239 -49.48 -15.13 -34.49
CA THR A 239 -49.63 -14.25 -35.65
C THR A 239 -50.17 -14.99 -36.87
N ALA A 240 -50.33 -16.31 -36.79
CA ALA A 240 -50.85 -17.10 -37.90
C ALA A 240 -52.13 -16.48 -38.46
N SER A 241 -53.03 -16.03 -37.59
CA SER A 241 -54.32 -15.52 -38.04
C SER A 241 -54.20 -14.24 -38.87
N LEU A 242 -53.05 -13.56 -38.83
CA LEU A 242 -52.80 -12.37 -39.63
C LEU A 242 -52.23 -12.68 -41.00
N ARG A 243 -51.60 -13.84 -41.18
CA ARG A 243 -50.85 -14.15 -42.38
C ARG A 243 -51.56 -15.14 -43.28
N PHE A 244 -52.70 -15.65 -42.86
CA PHE A 244 -53.42 -16.65 -43.61
C PHE A 244 -54.87 -16.22 -43.70
N ASP A 245 -55.59 -16.78 -44.65
CA ASP A 245 -57.02 -16.53 -44.73
C ASP A 245 -57.69 -17.08 -43.48
N GLY A 246 -58.59 -16.30 -42.89
CA GLY A 246 -59.28 -16.77 -41.70
C GLY A 246 -60.22 -15.70 -41.17
N ALA A 247 -60.76 -15.95 -39.98
CA ALA A 247 -61.74 -15.03 -39.43
C ALA A 247 -61.59 -14.72 -37.95
N LEU A 248 -60.61 -15.30 -37.26
CA LEU A 248 -60.39 -15.00 -35.86
C LEU A 248 -59.05 -14.30 -35.72
N ASN A 249 -59.04 -13.19 -34.96
CA ASN A 249 -57.84 -12.39 -34.77
C ASN A 249 -57.22 -11.97 -36.10
N VAL A 250 -58.05 -11.44 -37.00
CA VAL A 250 -57.56 -11.16 -38.34
C VAL A 250 -56.84 -9.82 -38.44
N ASP A 251 -57.04 -8.93 -37.46
CA ASP A 251 -56.31 -7.67 -37.44
C ASP A 251 -55.90 -7.41 -35.99
N LEU A 252 -54.88 -6.57 -35.85
CA LEU A 252 -54.33 -6.23 -34.53
C LEU A 252 -55.42 -5.80 -33.56
N THR A 253 -56.40 -5.03 -34.04
CA THR A 253 -57.45 -4.56 -33.15
C THR A 253 -58.20 -5.74 -32.51
N GLU A 254 -58.35 -6.85 -33.23
CA GLU A 254 -59.13 -7.98 -32.72
C GLU A 254 -58.45 -8.67 -31.56
N PHE A 255 -57.13 -8.52 -31.45
CA PHE A 255 -56.41 -9.09 -30.33
C PHE A 255 -56.83 -8.45 -29.02
N GLN A 256 -56.92 -7.12 -29.03
CA GLN A 256 -57.32 -6.38 -27.84
C GLN A 256 -58.78 -6.66 -27.48
N THR A 257 -59.67 -6.62 -28.47
CA THR A 257 -61.06 -6.95 -28.24
C THR A 257 -61.25 -8.33 -27.62
N ASN A 258 -60.66 -9.36 -28.23
CA ASN A 258 -60.84 -10.73 -27.73
C ASN A 258 -60.11 -11.01 -26.43
N LEU A 259 -58.95 -10.39 -26.20
CA LEU A 259 -58.10 -10.76 -25.07
C LEU A 259 -58.00 -9.71 -23.97
N VAL A 260 -58.32 -8.45 -24.24
CA VAL A 260 -57.97 -7.39 -23.29
C VAL A 260 -59.20 -6.55 -22.96
N PRO A 261 -59.99 -6.97 -21.97
CA PRO A 261 -61.09 -6.11 -21.50
C PRO A 261 -60.62 -4.89 -20.75
N TYR A 262 -59.57 -5.01 -19.93
CA TYR A 262 -58.99 -3.88 -19.22
C TYR A 262 -57.72 -3.44 -19.91
N PRO A 263 -57.55 -2.13 -20.13
CA PRO A 263 -56.34 -1.67 -20.81
CA PRO A 263 -56.34 -1.66 -20.80
C PRO A 263 -55.06 -2.03 -20.06
N ARG A 264 -55.04 -1.85 -18.73
CA ARG A 264 -53.79 -2.12 -18.02
C ARG A 264 -53.52 -3.60 -17.86
N ILE A 265 -54.56 -4.42 -17.69
CA ILE A 265 -54.38 -5.86 -17.60
C ILE A 265 -54.32 -6.47 -19.01
N HIS A 266 -53.24 -6.22 -19.74
CA HIS A 266 -53.17 -6.61 -21.14
C HIS A 266 -52.07 -7.65 -21.34
N PHE A 267 -51.91 -8.56 -20.37
CA PHE A 267 -50.87 -9.57 -20.40
C PHE A 267 -51.46 -10.97 -20.43
N PRO A 268 -51.82 -11.45 -21.62
CA PRO A 268 -52.36 -12.81 -21.75
C PRO A 268 -51.27 -13.87 -21.55
N LEU A 269 -51.63 -14.96 -20.87
CA LEU A 269 -50.77 -16.12 -20.71
C LEU A 269 -50.82 -17.01 -21.95
N ALA A 270 -49.67 -17.35 -22.54
CA ALA A 270 -49.64 -18.29 -23.64
C ALA A 270 -49.25 -19.70 -23.18
N THR A 271 -50.00 -20.69 -23.69
CA THR A 271 -49.75 -22.11 -23.48
C THR A 271 -49.73 -22.80 -24.84
N TYR A 272 -48.73 -23.67 -25.05
CA TYR A 272 -48.53 -24.35 -26.33
C TYR A 272 -48.38 -25.85 -26.11
N ALA A 273 -48.98 -26.64 -27.01
CA ALA A 273 -48.92 -28.09 -26.91
C ALA A 273 -49.22 -28.66 -28.29
N PRO A 274 -48.58 -29.75 -28.68
CA PRO A 274 -47.59 -30.47 -27.88
C PRO A 274 -46.18 -30.20 -28.37
N VAL A 275 -45.24 -30.30 -27.45
CA VAL A 275 -43.82 -30.15 -27.75
C VAL A 275 -43.16 -31.52 -27.68
N ILE A 276 -42.68 -32.01 -28.81
CA ILE A 276 -42.22 -33.38 -28.95
C ILE A 276 -40.83 -33.34 -29.55
N SER A 277 -39.94 -34.17 -29.02
CA SER A 277 -38.55 -34.20 -29.47
C SER A 277 -38.45 -34.74 -30.89
N ALA A 278 -37.71 -34.03 -31.76
CA ALA A 278 -37.52 -34.55 -33.11
C ALA A 278 -36.59 -35.76 -33.12
N GLU A 279 -35.72 -35.88 -32.14
CA GLU A 279 -34.81 -37.01 -32.01
C GLU A 279 -35.52 -38.24 -31.47
N LYS A 280 -36.83 -38.13 -31.22
CA LYS A 280 -37.61 -39.25 -30.64
C LYS A 280 -37.95 -40.26 -31.75
N ALA A 281 -38.08 -41.54 -31.39
CA ALA A 281 -38.33 -42.60 -32.40
C ALA A 281 -39.84 -42.81 -32.55
N TYR A 282 -40.51 -41.92 -33.28
CA TYR A 282 -42.00 -42.02 -33.47
C TYR A 282 -42.70 -41.82 -32.12
N HIS A 283 -43.87 -41.19 -32.15
CA HIS A 283 -44.56 -40.88 -30.87
C HIS A 283 -46.07 -41.05 -31.00
N GLU A 284 -46.70 -41.44 -29.89
CA GLU A 284 -48.17 -41.56 -29.88
C GLU A 284 -48.76 -40.22 -30.32
N GLN A 285 -49.15 -40.09 -31.58
CA GLN A 285 -49.80 -38.84 -32.02
C GLN A 285 -50.92 -38.51 -31.04
N LEU A 286 -50.85 -37.32 -30.44
CA LEU A 286 -51.85 -36.93 -29.41
C LEU A 286 -53.14 -36.52 -30.11
N SER A 287 -54.26 -36.62 -29.41
CA SER A 287 -55.56 -36.28 -29.98
C SER A 287 -55.88 -34.82 -29.71
N VAL A 288 -56.97 -34.35 -30.33
CA VAL A 288 -57.44 -32.99 -30.04
C VAL A 288 -57.74 -32.85 -28.56
N ALA A 289 -58.44 -33.84 -28.00
CA ALA A 289 -58.82 -33.80 -26.60
C ALA A 289 -57.58 -33.71 -25.73
N GLU A 290 -56.53 -34.45 -26.09
CA GLU A 290 -55.35 -34.54 -25.24
C GLU A 290 -54.58 -33.23 -25.24
N ILE A 291 -54.33 -32.66 -26.43
CA ILE A 291 -53.60 -31.41 -26.48
C ILE A 291 -54.42 -30.26 -25.91
N THR A 292 -55.75 -30.31 -26.01
CA THR A 292 -56.54 -29.26 -25.38
C THR A 292 -56.45 -29.35 -23.87
N ASN A 293 -56.44 -30.56 -23.32
CA ASN A 293 -56.22 -30.72 -21.89
C ASN A 293 -54.85 -30.19 -21.50
N ALA A 294 -53.85 -30.38 -22.37
CA ALA A 294 -52.49 -29.95 -22.03
C ALA A 294 -52.38 -28.45 -21.83
N CYS A 295 -53.37 -27.67 -22.30
CA CYS A 295 -53.30 -26.23 -22.17
C CYS A 295 -53.49 -25.77 -20.73
N PHE A 296 -53.94 -26.66 -19.85
CA PHE A 296 -54.21 -26.33 -18.46
C PHE A 296 -53.18 -26.98 -17.52
N GLU A 297 -52.10 -27.51 -18.09
CA GLU A 297 -50.95 -27.96 -17.31
C GLU A 297 -49.91 -26.85 -17.20
N PRO A 298 -49.52 -26.45 -16.00
CA PRO A 298 -48.49 -25.41 -15.83
C PRO A 298 -47.23 -25.63 -16.66
N ALA A 299 -46.81 -26.88 -16.84
CA ALA A 299 -45.54 -27.19 -17.48
C ALA A 299 -45.47 -26.81 -18.95
N ASN A 300 -46.58 -26.45 -19.59
CA ASN A 300 -46.56 -26.01 -20.98
C ASN A 300 -46.83 -24.53 -21.14
N GLN A 301 -46.85 -23.76 -20.06
CA GLN A 301 -47.07 -22.33 -20.09
C GLN A 301 -45.77 -21.59 -20.43
N MET A 302 -45.92 -20.42 -21.05
CA MET A 302 -44.78 -19.55 -21.31
C MET A 302 -44.38 -18.72 -20.09
N VAL A 303 -45.17 -18.76 -19.03
CA VAL A 303 -44.83 -18.17 -17.74
C VAL A 303 -45.28 -19.17 -16.69
N LYS A 304 -44.36 -19.66 -15.87
CA LYS A 304 -44.81 -20.52 -14.78
C LYS A 304 -45.65 -19.73 -13.79
N CYS A 305 -46.92 -20.15 -13.68
CA CYS A 305 -47.85 -19.68 -12.68
C CYS A 305 -48.98 -20.72 -12.62
N ASP A 306 -49.94 -20.52 -11.73
CA ASP A 306 -50.98 -21.53 -11.52
C ASP A 306 -52.33 -20.92 -11.84
N PRO A 307 -52.82 -21.06 -13.08
CA PRO A 307 -54.11 -20.44 -13.44
C PRO A 307 -55.28 -20.93 -12.59
N ARG A 308 -55.14 -22.05 -11.89
CA ARG A 308 -56.20 -22.50 -10.98
C ARG A 308 -56.56 -21.46 -9.93
N HIS A 309 -55.57 -20.74 -9.41
CA HIS A 309 -55.79 -19.73 -8.38
C HIS A 309 -55.76 -18.34 -9.00
N GLY A 310 -56.75 -18.13 -9.85
CA GLY A 310 -56.97 -16.84 -10.49
C GLY A 310 -58.24 -16.91 -11.31
N LYS A 311 -58.50 -15.88 -12.10
CA LYS A 311 -59.77 -15.86 -12.85
C LYS A 311 -59.52 -15.47 -14.29
N TYR A 312 -60.22 -16.12 -15.22
CA TYR A 312 -60.13 -15.80 -16.63
C TYR A 312 -61.02 -14.63 -17.02
N MET A 313 -60.53 -13.83 -17.95
CA MET A 313 -61.32 -12.79 -18.59
C MET A 313 -61.52 -13.05 -20.08
N ALA A 314 -60.78 -14.01 -20.65
CA ALA A 314 -60.85 -14.32 -22.07
C ALA A 314 -59.96 -15.51 -22.38
N CYS A 315 -60.36 -16.32 -23.35
CA CYS A 315 -59.59 -17.48 -23.75
CA CYS A 315 -59.59 -17.49 -23.76
C CYS A 315 -59.73 -17.68 -25.25
N CYS A 316 -58.61 -17.87 -25.93
CA CYS A 316 -58.59 -18.11 -27.37
CA CYS A 316 -58.60 -18.10 -27.37
C CYS A 316 -57.84 -19.40 -27.64
N LEU A 317 -58.50 -20.36 -28.26
CA LEU A 317 -57.83 -21.60 -28.66
C LEU A 317 -57.55 -21.54 -30.16
N LEU A 318 -56.27 -21.66 -30.50
CA LEU A 318 -55.79 -21.65 -31.88
C LEU A 318 -55.21 -23.01 -32.25
N TYR A 319 -55.90 -23.74 -33.11
CA TYR A 319 -55.48 -25.07 -33.52
C TYR A 319 -54.80 -24.98 -34.88
N ARG A 320 -53.77 -25.80 -35.09
CA ARG A 320 -53.17 -25.91 -36.41
C ARG A 320 -53.12 -27.39 -36.80
N GLY A 321 -53.75 -27.75 -37.91
CA GLY A 321 -53.63 -29.08 -38.47
C GLY A 321 -54.97 -29.80 -38.47
N ASP A 322 -54.92 -31.09 -38.18
CA ASP A 322 -56.04 -32.03 -38.29
C ASP A 322 -56.97 -31.83 -37.08
N VAL A 323 -57.84 -30.83 -37.20
CA VAL A 323 -58.77 -30.46 -36.14
C VAL A 323 -60.09 -30.14 -36.82
N VAL A 324 -61.18 -30.66 -36.27
CA VAL A 324 -62.52 -30.31 -36.75
C VAL A 324 -63.43 -29.89 -35.60
N PRO A 325 -64.41 -29.03 -35.87
CA PRO A 325 -65.15 -28.39 -34.77
C PRO A 325 -65.73 -29.37 -33.77
N LYS A 326 -66.19 -30.55 -34.22
CA LYS A 326 -66.85 -31.47 -33.27
C LYS A 326 -65.92 -31.90 -32.16
N ASP A 327 -64.67 -32.28 -32.51
CA ASP A 327 -63.72 -32.72 -31.48
C ASP A 327 -63.33 -31.62 -30.51
N VAL A 328 -63.26 -30.38 -30.97
CA VAL A 328 -62.93 -29.28 -30.06
C VAL A 328 -64.03 -29.08 -29.04
N ASN A 329 -65.26 -28.89 -29.51
CA ASN A 329 -66.39 -28.75 -28.59
C ASN A 329 -66.50 -29.92 -27.62
N ALA A 330 -66.19 -31.13 -28.07
CA ALA A 330 -66.25 -32.27 -27.17
C ALA A 330 -65.07 -32.34 -26.22
N ALA A 331 -63.95 -31.72 -26.57
CA ALA A 331 -62.83 -31.64 -25.64
C ALA A 331 -63.09 -30.59 -24.59
N ILE A 332 -63.77 -29.50 -24.99
CA ILE A 332 -64.01 -28.38 -24.08
C ILE A 332 -64.92 -28.79 -22.94
N ALA A 333 -66.08 -29.37 -23.25
CA ALA A 333 -66.99 -29.78 -22.19
C ALA A 333 -66.33 -30.76 -21.23
N THR A 334 -65.51 -31.68 -21.75
CA THR A 334 -64.72 -32.56 -20.90
C THR A 334 -63.81 -31.77 -19.96
N ILE A 335 -62.99 -30.87 -20.51
CA ILE A 335 -62.08 -30.11 -19.68
C ILE A 335 -62.85 -29.25 -18.68
N LYS A 336 -63.99 -28.69 -19.10
CA LYS A 336 -64.69 -27.76 -18.22
C LYS A 336 -65.22 -28.41 -16.94
N THR A 337 -65.37 -29.73 -16.91
CA THR A 337 -65.74 -30.45 -15.70
C THR A 337 -64.54 -31.02 -14.94
N LYS A 338 -63.54 -31.49 -15.68
CA LYS A 338 -62.34 -32.09 -15.10
C LYS A 338 -61.45 -31.06 -14.42
N ARG A 339 -61.41 -29.84 -14.95
CA ARG A 339 -60.50 -28.80 -14.51
C ARG A 339 -61.29 -27.62 -13.97
N SER A 340 -60.65 -26.87 -13.06
CA SER A 340 -61.24 -25.67 -12.49
C SER A 340 -60.95 -24.45 -13.35
N ILE A 341 -61.92 -24.04 -14.16
CA ILE A 341 -61.77 -22.90 -15.07
C ILE A 341 -62.83 -21.88 -14.67
N GLN A 342 -62.41 -20.87 -13.91
CA GLN A 342 -63.32 -19.92 -13.28
C GLN A 342 -63.12 -18.58 -13.96
N PHE A 343 -64.11 -18.11 -14.72
CA PHE A 343 -64.08 -16.77 -15.27
C PHE A 343 -64.60 -15.73 -14.27
N VAL A 344 -64.24 -14.46 -14.50
CA VAL A 344 -64.78 -13.40 -13.67
C VAL A 344 -66.26 -13.24 -13.95
N ASP A 345 -67.00 -12.84 -12.92
CA ASP A 345 -68.46 -12.76 -13.04
C ASP A 345 -68.88 -11.93 -14.25
N TRP A 346 -68.27 -10.76 -14.43
CA TRP A 346 -68.64 -9.85 -15.52
C TRP A 346 -68.13 -10.28 -16.89
N CYS A 347 -68.00 -11.58 -17.11
CA CYS A 347 -67.41 -12.08 -18.32
C CYS A 347 -68.12 -13.37 -18.64
N PRO A 348 -68.44 -13.64 -19.90
CA PRO A 348 -69.05 -14.94 -20.23
C PRO A 348 -67.99 -16.03 -20.15
N THR A 349 -68.34 -17.13 -19.50
CA THR A 349 -67.50 -18.32 -19.48
C THR A 349 -67.59 -18.98 -20.85
N GLY A 350 -66.59 -18.72 -21.68
CA GLY A 350 -66.62 -19.20 -23.05
C GLY A 350 -65.25 -19.12 -23.69
N PHE A 351 -65.11 -19.83 -24.81
CA PHE A 351 -63.86 -19.91 -25.54
C PHE A 351 -64.09 -19.47 -26.98
N LYS A 352 -63.26 -18.54 -27.45
CA LYS A 352 -63.14 -18.28 -28.88
C LYS A 352 -62.12 -19.24 -29.46
N VAL A 353 -62.47 -19.86 -30.58
CA VAL A 353 -61.69 -20.95 -31.14
C VAL A 353 -61.33 -20.60 -32.58
N GLY A 354 -60.13 -21.02 -32.99
CA GLY A 354 -59.64 -20.80 -34.33
C GLY A 354 -58.92 -22.04 -34.83
N ILE A 355 -59.28 -22.51 -36.01
CA ILE A 355 -58.66 -23.67 -36.65
C ILE A 355 -57.97 -23.18 -37.91
N ASN A 356 -56.68 -23.48 -38.03
CA ASN A 356 -55.96 -23.34 -39.29
C ASN A 356 -55.58 -24.73 -39.79
N TYR A 357 -56.08 -25.08 -40.97
CA TYR A 357 -55.86 -26.44 -41.45
C TYR A 357 -54.39 -26.75 -41.74
N GLN A 358 -53.60 -25.78 -42.16
CA GLN A 358 -52.17 -26.02 -42.37
C GLN A 358 -51.48 -26.39 -41.06
N PRO A 359 -50.94 -27.60 -40.93
CA PRO A 359 -50.29 -27.99 -39.67
C PRO A 359 -49.01 -27.21 -39.42
N PRO A 360 -48.48 -27.25 -38.20
CA PRO A 360 -47.27 -26.50 -37.87
C PRO A 360 -46.11 -26.86 -38.79
N THR A 361 -45.46 -25.83 -39.33
CA THR A 361 -44.19 -26.00 -40.04
C THR A 361 -43.04 -26.01 -39.02
N VAL A 362 -42.16 -27.00 -39.13
CA VAL A 362 -40.97 -27.06 -38.28
C VAL A 362 -39.74 -26.80 -39.13
N VAL A 363 -38.82 -26.01 -38.57
CA VAL A 363 -37.55 -25.70 -39.23
C VAL A 363 -36.77 -26.99 -39.40
N PRO A 364 -36.40 -27.35 -40.62
CA PRO A 364 -35.55 -28.54 -40.81
C PRO A 364 -34.29 -28.47 -39.96
N GLY A 365 -34.03 -29.55 -39.24
CA GLY A 365 -32.91 -29.65 -38.31
C GLY A 365 -33.13 -29.06 -36.94
N GLY A 366 -34.33 -28.59 -36.63
CA GLY A 366 -34.63 -28.10 -35.30
C GLY A 366 -34.81 -29.25 -34.32
N ASP A 367 -35.22 -28.89 -33.11
CA ASP A 367 -35.40 -29.86 -32.03
C ASP A 367 -36.82 -30.39 -31.95
N LEU A 368 -37.77 -29.72 -32.60
CA LEU A 368 -39.19 -30.05 -32.45
C LEU A 368 -39.61 -31.08 -33.46
N ALA A 369 -40.29 -32.11 -33.00
CA ALA A 369 -40.83 -33.07 -33.94
C ALA A 369 -42.01 -32.46 -34.69
N LYS A 370 -42.15 -32.88 -35.94
CA LYS A 370 -43.32 -32.53 -36.73
C LYS A 370 -44.54 -33.27 -36.19
N VAL A 371 -45.67 -32.56 -36.13
CA VAL A 371 -46.91 -33.15 -35.61
C VAL A 371 -48.04 -32.84 -36.58
N GLN A 372 -49.13 -33.58 -36.41
CA GLN A 372 -50.29 -33.41 -37.27
CA GLN A 372 -50.29 -33.40 -37.28
C GLN A 372 -51.27 -32.37 -36.75
N ARG A 373 -51.21 -32.05 -35.46
CA ARG A 373 -52.10 -31.06 -34.89
C ARG A 373 -51.45 -30.46 -33.64
N ALA A 374 -51.58 -29.15 -33.50
CA ALA A 374 -51.07 -28.44 -32.33
C ALA A 374 -52.09 -27.38 -31.93
N VAL A 375 -51.90 -26.81 -30.74
CA VAL A 375 -52.79 -25.77 -30.23
C VAL A 375 -51.99 -24.80 -29.39
N CYS A 376 -52.31 -23.52 -29.52
CA CYS A 376 -51.80 -22.47 -28.66
C CYS A 376 -52.98 -21.84 -27.94
N MET A 377 -52.96 -21.85 -26.60
CA MET A 377 -54.00 -21.19 -25.83
C MET A 377 -53.50 -19.82 -25.44
N LEU A 378 -54.32 -18.81 -25.67
CA LEU A 378 -54.10 -17.46 -25.17
C LEU A 378 -55.17 -17.22 -24.10
N SER A 379 -54.76 -17.09 -22.85
CA SER A 379 -55.73 -16.90 -21.78
C SER A 379 -55.33 -15.68 -20.97
N ASN A 380 -56.23 -14.71 -20.87
CA ASN A 380 -55.97 -13.56 -20.02
C ASN A 380 -56.44 -13.96 -18.63
N THR A 381 -55.53 -14.50 -17.84
CA THR A 381 -55.80 -14.90 -16.47
C THR A 381 -55.06 -14.03 -15.47
N THR A 382 -55.69 -13.81 -14.30
CA THR A 382 -55.04 -13.04 -13.26
C THR A 382 -53.82 -13.76 -12.72
N ALA A 383 -53.68 -15.05 -13.01
CA ALA A 383 -52.56 -15.81 -12.47
C ALA A 383 -51.24 -15.23 -12.96
N ILE A 384 -51.25 -14.53 -14.09
CA ILE A 384 -50.00 -13.99 -14.61
C ILE A 384 -49.43 -12.95 -13.67
N ALA A 385 -50.25 -12.42 -12.75
CA ALA A 385 -49.74 -11.42 -11.83
C ALA A 385 -48.63 -11.99 -10.95
N GLU A 386 -48.53 -13.31 -10.84
CA GLU A 386 -47.45 -13.91 -10.05
C GLU A 386 -46.10 -13.44 -10.55
N ALA A 387 -45.97 -13.26 -11.86
CA ALA A 387 -44.71 -12.80 -12.44
C ALA A 387 -44.39 -11.35 -12.08
N TRP A 388 -45.40 -10.51 -11.88
CA TRP A 388 -45.12 -9.17 -11.37
C TRP A 388 -44.66 -9.21 -9.93
N ALA A 389 -45.26 -10.09 -9.12
CA ALA A 389 -44.88 -10.19 -7.71
C ALA A 389 -43.43 -10.62 -7.55
N ARG A 390 -43.04 -11.69 -8.24
CA ARG A 390 -41.64 -12.11 -8.22
C ARG A 390 -40.73 -10.96 -8.61
N LEU A 391 -41.00 -10.35 -9.76
CA LEU A 391 -40.13 -9.30 -10.28
C LEU A 391 -40.02 -8.15 -9.31
N ASP A 392 -41.17 -7.70 -8.79
CA ASP A 392 -41.21 -6.55 -7.91
C ASP A 392 -40.49 -6.82 -6.60
N HIS A 393 -40.54 -8.06 -6.11
CA HIS A 393 -39.85 -8.36 -4.86
C HIS A 393 -38.35 -8.25 -5.02
N LYS A 394 -37.83 -8.63 -6.19
CA LYS A 394 -36.39 -8.52 -6.39
C LYS A 394 -36.02 -7.06 -6.53
N PHE A 395 -36.85 -6.31 -7.23
CA PHE A 395 -36.64 -4.86 -7.33
C PHE A 395 -36.59 -4.27 -5.93
N ASP A 396 -37.54 -4.65 -5.07
CA ASP A 396 -37.59 -4.06 -3.75
C ASP A 396 -36.33 -4.41 -2.98
N LEU A 397 -35.87 -5.66 -3.11
CA LEU A 397 -34.68 -6.11 -2.39
C LEU A 397 -33.47 -5.25 -2.71
N MET A 398 -33.22 -5.01 -4.00
CA MET A 398 -32.09 -4.18 -4.38
C MET A 398 -32.31 -2.70 -4.13
N TYR A 399 -33.51 -2.19 -4.41
CA TYR A 399 -33.71 -0.75 -4.34
C TYR A 399 -33.60 -0.25 -2.90
N ALA A 400 -33.91 -1.09 -1.92
CA ALA A 400 -33.86 -0.63 -0.53
C ALA A 400 -32.46 -0.21 -0.11
N LYS A 401 -31.41 -0.81 -0.69
CA LYS A 401 -30.04 -0.38 -0.40
C LYS A 401 -29.50 0.57 -1.46
N ARG A 402 -30.32 0.94 -2.43
CA ARG A 402 -29.93 1.74 -3.58
C ARG A 402 -28.79 1.10 -4.38
N ALA A 403 -28.68 -0.22 -4.31
CA ALA A 403 -27.64 -0.94 -5.04
C ALA A 403 -27.77 -0.72 -6.54
N PHE A 404 -26.70 -0.24 -7.17
CA PHE A 404 -26.56 -0.10 -8.61
C PHE A 404 -27.29 1.14 -9.12
N VAL A 405 -28.01 1.85 -8.25
CA VAL A 405 -28.82 2.98 -8.69
C VAL A 405 -27.95 4.06 -9.31
N HIS A 406 -26.69 4.15 -8.88
CA HIS A 406 -25.83 5.25 -9.33
C HIS A 406 -25.51 5.13 -10.81
N TRP A 407 -25.55 3.91 -11.35
CA TRP A 407 -25.28 3.69 -12.76
C TRP A 407 -26.34 4.36 -13.62
N TYR A 408 -27.57 4.42 -13.11
CA TYR A 408 -28.70 5.01 -13.81
C TYR A 408 -28.70 6.52 -13.63
N VAL A 409 -28.45 6.97 -12.40
CA VAL A 409 -28.44 8.40 -12.14
C VAL A 409 -27.31 9.07 -12.93
N GLY A 410 -26.20 8.37 -13.11
CA GLY A 410 -25.10 8.90 -13.89
C GLY A 410 -25.43 9.10 -15.36
N GLU A 411 -26.51 8.49 -15.83
CA GLU A 411 -26.87 8.61 -17.27
C GLU A 411 -28.00 9.63 -17.41
N GLY A 412 -28.26 10.42 -16.38
CA GLY A 412 -29.22 11.50 -16.47
C GLY A 412 -30.61 11.19 -15.96
N MET A 413 -30.85 9.95 -15.54
CA MET A 413 -32.12 9.58 -14.94
C MET A 413 -32.16 10.09 -13.49
N GLU A 414 -33.35 10.39 -12.99
CA GLU A 414 -33.46 10.76 -11.58
C GLU A 414 -33.87 9.58 -10.70
N GLU A 415 -33.44 9.62 -9.43
CA GLU A 415 -33.82 8.55 -8.51
C GLU A 415 -35.33 8.41 -8.42
N GLY A 416 -36.06 9.52 -8.59
CA GLY A 416 -37.50 9.47 -8.43
C GLY A 416 -38.16 8.56 -9.44
N GLU A 417 -37.58 8.48 -10.63
CA GLU A 417 -38.16 7.63 -11.66
C GLU A 417 -38.14 6.16 -11.27
N PHE A 418 -37.35 5.77 -10.27
CA PHE A 418 -37.42 4.39 -9.78
C PHE A 418 -38.70 4.19 -8.98
N SER A 419 -38.88 4.97 -7.90
CA SER A 419 -40.02 4.72 -7.02
C SER A 419 -41.33 4.99 -7.74
N GLU A 420 -41.30 5.80 -8.80
CA GLU A 420 -42.49 6.04 -9.60
CA GLU A 420 -42.49 6.04 -9.60
C GLU A 420 -42.84 4.81 -10.43
N ALA A 421 -41.86 4.27 -11.16
CA ALA A 421 -42.09 3.03 -11.88
C ALA A 421 -42.54 1.92 -10.94
N ARG A 422 -41.94 1.86 -9.75
CA ARG A 422 -42.36 0.85 -8.77
C ARG A 422 -43.79 1.10 -8.30
N GLU A 423 -44.16 2.38 -8.12
CA GLU A 423 -45.54 2.68 -7.71
C GLU A 423 -46.55 2.23 -8.75
N ASP A 424 -46.25 2.44 -10.03
CA ASP A 424 -47.16 1.99 -11.07
C ASP A 424 -47.35 0.48 -11.00
N MET A 425 -46.26 -0.26 -10.76
CA MET A 425 -46.33 -1.72 -10.62
C MET A 425 -47.06 -2.11 -9.34
N ALA A 426 -46.86 -1.37 -8.26
CA ALA A 426 -47.69 -1.57 -7.08
C ALA A 426 -49.17 -1.42 -7.44
N ALA A 427 -49.50 -0.42 -8.23
CA ALA A 427 -50.88 -0.26 -8.68
C ALA A 427 -51.31 -1.42 -9.57
N LEU A 428 -50.40 -1.91 -10.42
CA LEU A 428 -50.75 -2.97 -11.36
C LEU A 428 -51.03 -4.28 -10.63
N GLU A 429 -50.36 -4.50 -9.50
CA GLU A 429 -50.58 -5.74 -8.75
C GLU A 429 -51.95 -5.71 -8.12
N LYS A 430 -52.37 -4.54 -7.63
CA LYS A 430 -53.66 -4.36 -7.01
C LYS A 430 -54.79 -4.50 -8.04
N ASP A 431 -54.54 -4.07 -9.28
CA ASP A 431 -55.57 -4.22 -10.31
C ASP A 431 -55.84 -5.69 -10.56
N TYR A 432 -54.78 -6.49 -10.69
CA TYR A 432 -54.97 -7.93 -10.79
C TYR A 432 -55.69 -8.45 -9.55
N GLU A 433 -55.34 -7.94 -8.37
CA GLU A 433 -55.93 -8.40 -7.12
C GLU A 433 -57.44 -8.14 -7.08
N GLU A 434 -57.84 -6.92 -7.40
CA GLU A 434 -59.25 -6.56 -7.46
C GLU A 434 -60.03 -7.47 -8.42
N VAL A 435 -59.55 -7.58 -9.66
CA VAL A 435 -60.26 -8.31 -10.70
C VAL A 435 -60.43 -9.78 -10.36
N GLY A 436 -59.55 -10.33 -9.51
CA GLY A 436 -59.63 -11.77 -9.23
C GLY A 436 -59.69 -12.08 -7.75
N VAL A 437 -60.62 -11.44 -7.02
CA VAL A 437 -60.71 -11.64 -5.55
C VAL A 437 -62.08 -12.22 -5.20
N ASP A 438 -62.32 -13.49 -5.55
CA ASP A 438 -63.59 -14.14 -5.13
C ASP A 438 -63.27 -14.85 -3.82
N SER A 439 -62.34 -15.79 -3.84
CA SER A 439 -61.86 -16.45 -2.62
C SER A 439 -60.94 -15.60 -1.75
N MET B 1 25.28 6.24 -15.08
CA MET B 1 25.37 7.51 -14.40
C MET B 1 25.28 7.30 -12.88
N ARG B 2 24.71 8.27 -12.16
CA ARG B 2 24.52 8.14 -10.72
C ARG B 2 25.88 8.17 -10.05
N GLU B 3 26.75 9.03 -10.54
CA GLU B 3 28.12 9.10 -10.03
C GLU B 3 28.16 9.63 -8.61
N CYS B 4 29.26 9.31 -7.93
CA CYS B 4 29.52 9.76 -6.57
CA CYS B 4 29.52 9.77 -6.58
C CYS B 4 30.92 10.35 -6.51
N ILE B 5 31.03 11.58 -6.02
CA ILE B 5 32.30 12.28 -5.90
C ILE B 5 32.79 12.17 -4.47
N SER B 6 34.05 11.76 -4.29
CA SER B 6 34.65 11.62 -2.97
C SER B 6 35.56 12.80 -2.65
N ILE B 7 35.43 13.33 -1.44
CA ILE B 7 36.17 14.51 -0.98
C ILE B 7 36.87 14.12 0.32
N HIS B 8 38.19 14.07 0.30
CA HIS B 8 38.97 13.64 1.46
C HIS B 8 39.64 14.87 2.05
N VAL B 9 39.35 15.16 3.33
CA VAL B 9 39.72 16.45 3.93
C VAL B 9 40.61 16.19 5.14
N GLY B 10 41.76 16.83 5.16
CA GLY B 10 42.68 16.69 6.27
C GLY B 10 43.42 15.36 6.26
N GLN B 11 44.32 15.21 7.22
CA GLN B 11 45.13 14.00 7.30
C GLN B 11 44.26 12.75 7.31
N ALA B 12 43.35 12.65 8.30
CA ALA B 12 42.52 11.46 8.41
C ALA B 12 41.75 11.19 7.12
N GLY B 13 41.05 12.21 6.61
CA GLY B 13 40.32 12.02 5.38
C GLY B 13 41.23 11.55 4.26
N VAL B 14 42.41 12.15 4.14
CA VAL B 14 43.34 11.77 3.08
C VAL B 14 43.90 10.38 3.30
N GLN B 15 44.34 10.09 4.53
CA GLN B 15 44.95 8.75 4.74
C GLN B 15 43.87 7.70 4.54
N ILE B 16 42.67 7.93 5.09
CA ILE B 16 41.56 7.02 4.87
C ILE B 16 41.23 6.91 3.38
N GLY B 17 41.19 8.05 2.68
CA GLY B 17 41.07 8.03 1.23
C GLY B 17 42.05 7.13 0.50
N ASN B 18 43.34 7.17 0.87
CA ASN B 18 44.29 6.26 0.24
C ASN B 18 43.85 4.81 0.41
N ALA B 19 43.47 4.43 1.63
CA ALA B 19 43.14 3.04 1.88
C ALA B 19 41.91 2.60 1.09
N CYS B 20 40.91 3.47 0.99
CA CYS B 20 39.70 3.07 0.29
C CYS B 20 39.96 2.92 -1.20
N TRP B 21 40.63 3.90 -1.79
CA TRP B 21 40.85 3.84 -3.23
C TRP B 21 41.75 2.65 -3.59
N GLU B 22 42.75 2.37 -2.76
CA GLU B 22 43.51 1.14 -2.98
C GLU B 22 42.57 -0.06 -2.93
N LEU B 23 41.71 -0.13 -1.92
CA LEU B 23 40.78 -1.26 -1.83
C LEU B 23 39.88 -1.32 -3.05
N TYR B 24 39.40 -0.17 -3.52
CA TYR B 24 38.52 -0.18 -4.69
C TYR B 24 39.26 -0.74 -5.90
N CYS B 25 40.52 -0.35 -6.07
CA CYS B 25 41.29 -0.82 -7.21
C CYS B 25 41.46 -2.33 -7.18
N LEU B 26 41.78 -2.87 -6.01
CA LEU B 26 41.81 -4.32 -5.82
C LEU B 26 40.48 -4.97 -6.14
N GLU B 27 39.39 -4.35 -5.72
CA GLU B 27 38.07 -4.97 -5.92
C GLU B 27 37.67 -5.01 -7.38
N HIS B 28 37.95 -3.95 -8.14
CA HIS B 28 37.55 -3.88 -9.53
C HIS B 28 38.65 -4.30 -10.51
N GLY B 29 39.77 -4.81 -10.01
CA GLY B 29 40.87 -5.14 -10.90
C GLY B 29 41.50 -3.97 -11.62
N ILE B 30 41.66 -2.83 -10.95
CA ILE B 30 42.34 -1.68 -11.53
C ILE B 30 43.76 -1.64 -10.99
N GLN B 31 44.72 -1.42 -11.87
CA GLN B 31 46.14 -1.37 -11.49
C GLN B 31 46.54 0.03 -11.11
N PRO B 32 47.71 0.18 -10.48
CA PRO B 32 48.13 1.51 -10.00
C PRO B 32 48.30 2.53 -11.12
N ASP B 33 48.46 2.12 -12.38
CA ASP B 33 48.54 3.05 -13.49
C ASP B 33 47.17 3.43 -14.05
N GLY B 34 46.09 2.88 -13.50
CA GLY B 34 44.75 3.23 -13.92
C GLY B 34 44.16 2.36 -15.01
N GLN B 35 44.94 1.44 -15.58
CA GLN B 35 44.45 0.57 -16.63
C GLN B 35 43.58 -0.53 -16.02
N MET B 36 42.49 -0.89 -16.72
CA MET B 36 41.63 -1.97 -16.25
C MET B 36 41.37 -2.89 -17.44
N PRO B 37 42.28 -3.85 -17.67
CA PRO B 37 42.23 -4.75 -18.83
C PRO B 37 40.91 -5.44 -19.11
N SER B 38 40.07 -5.59 -18.09
CA SER B 38 38.81 -6.27 -18.22
C SER B 38 37.67 -5.36 -18.65
N ASP B 39 37.98 -4.09 -18.88
CA ASP B 39 37.00 -3.13 -19.35
C ASP B 39 37.16 -2.91 -20.86
N LYS B 40 36.19 -3.42 -21.62
CA LYS B 40 36.23 -3.24 -23.09
C LYS B 40 35.81 -1.80 -23.42
N THR B 41 34.66 -1.38 -22.90
CA THR B 41 34.20 0.01 -23.10
C THR B 41 35.35 0.96 -22.79
N ILE B 42 36.18 1.27 -23.80
CA ILE B 42 37.36 2.16 -23.60
C ILE B 42 36.95 3.60 -23.86
N GLY B 43 37.50 4.55 -23.10
CA GLY B 43 37.17 5.97 -23.29
C GLY B 43 35.94 6.35 -22.49
N GLY B 44 34.96 5.45 -22.44
CA GLY B 44 33.71 5.75 -21.71
C GLY B 44 32.94 4.49 -21.41
N GLY B 45 31.84 4.61 -20.68
CA GLY B 45 31.03 3.45 -20.37
C GLY B 45 30.00 3.79 -19.31
N ASP B 46 29.10 2.84 -19.09
CA ASP B 46 28.03 3.02 -18.12
C ASP B 46 28.05 1.93 -17.05
N ASP B 47 29.18 1.26 -16.86
CA ASP B 47 29.25 0.16 -15.92
C ASP B 47 29.12 0.66 -14.49
N SER B 48 28.89 -0.28 -13.58
CA SER B 48 28.65 0.08 -12.19
C SER B 48 29.86 0.77 -11.58
N PHE B 49 31.06 0.34 -11.93
CA PHE B 49 32.23 0.93 -11.31
C PHE B 49 32.45 2.35 -11.79
N ASN B 50 31.78 2.74 -12.88
CA ASN B 50 31.97 4.08 -13.39
C ASN B 50 31.33 5.12 -12.48
N THR B 51 30.57 4.68 -11.47
CA THR B 51 30.04 5.62 -10.49
C THR B 51 31.14 6.18 -9.62
N PHE B 52 32.28 5.50 -9.53
CA PHE B 52 33.41 5.97 -8.75
C PHE B 52 34.66 6.24 -9.59
N PHE B 53 34.71 5.74 -10.83
CA PHE B 53 35.88 5.87 -11.70
C PHE B 53 35.44 6.45 -13.03
N SER B 54 36.07 7.55 -13.43
CA SER B 54 35.92 8.10 -14.77
C SER B 54 36.95 7.46 -15.71
N GLU B 55 36.74 7.63 -17.01
CA GLU B 55 37.63 7.01 -17.98
C GLU B 55 38.17 8.05 -18.97
N THR B 56 39.46 7.96 -19.21
CA THR B 56 40.16 8.74 -20.21
C THR B 56 40.19 8.01 -21.56
N GLY B 57 40.58 8.76 -22.59
CA GLY B 57 40.69 8.15 -23.91
C GLY B 57 41.67 6.99 -23.94
N ALA B 58 42.76 7.10 -23.19
CA ALA B 58 43.79 6.06 -23.18
C ALA B 58 43.41 4.85 -22.34
N GLY B 59 42.23 4.85 -21.72
CA GLY B 59 41.79 3.69 -20.99
C GLY B 59 42.11 3.77 -19.52
N LYS B 60 42.54 4.94 -19.05
CA LYS B 60 42.77 5.15 -17.63
C LYS B 60 41.44 5.27 -16.90
N HIS B 61 41.37 4.67 -15.72
CA HIS B 61 40.26 4.79 -14.80
C HIS B 61 40.65 5.69 -13.64
N VAL B 62 40.08 6.87 -13.58
CA VAL B 62 40.47 7.92 -12.63
C VAL B 62 39.42 8.04 -11.54
N PRO B 63 39.80 7.98 -10.27
CA PRO B 63 38.83 8.15 -9.18
C PRO B 63 38.11 9.50 -9.25
N ARG B 64 36.79 9.46 -9.01
CA ARG B 64 36.01 10.69 -8.87
C ARG B 64 36.20 11.26 -7.46
N ALA B 65 37.39 11.80 -7.22
CA ALA B 65 37.77 12.20 -5.88
C ALA B 65 38.60 13.48 -5.89
N VAL B 66 38.61 14.14 -4.73
CA VAL B 66 39.43 15.32 -4.48
C VAL B 66 40.08 15.14 -3.13
N PHE B 67 41.39 15.34 -3.06
CA PHE B 67 42.10 15.31 -1.79
C PHE B 67 42.44 16.75 -1.42
N VAL B 68 42.14 17.17 -0.19
CA VAL B 68 42.38 18.53 0.25
CA VAL B 68 42.39 18.53 0.24
C VAL B 68 42.94 18.53 1.66
N ASP B 69 44.01 19.31 1.88
CA ASP B 69 44.65 19.50 3.18
C ASP B 69 45.31 20.87 3.18
N LEU B 70 45.43 21.47 4.36
CA LEU B 70 45.96 22.80 4.47
C LEU B 70 47.48 22.83 4.55
N GLU B 71 48.11 21.69 4.78
CA GLU B 71 49.54 21.49 4.60
C GLU B 71 49.80 20.40 3.59
N PRO B 72 51.04 20.32 3.06
CA PRO B 72 51.32 19.42 1.92
C PRO B 72 51.85 18.03 2.23
N THR B 73 52.34 17.76 3.44
CA THR B 73 53.17 16.56 3.63
C THR B 73 52.39 15.26 3.55
N VAL B 74 51.11 15.26 3.97
CA VAL B 74 50.31 14.05 3.85
C VAL B 74 49.97 13.76 2.39
N ILE B 75 49.53 14.78 1.66
CA ILE B 75 49.17 14.59 0.25
C ILE B 75 50.38 14.38 -0.62
N ASP B 76 51.55 14.88 -0.21
CA ASP B 76 52.77 14.55 -0.94
C ASP B 76 52.99 13.05 -0.99
N GLU B 77 52.56 12.34 0.06
CA GLU B 77 52.69 10.89 0.05
C GLU B 77 51.84 10.28 -1.04
N VAL B 78 50.69 10.87 -1.33
CA VAL B 78 49.87 10.38 -2.43
C VAL B 78 50.53 10.69 -3.76
N ARG B 79 51.13 11.88 -3.87
CA ARG B 79 51.79 12.27 -5.12
C ARG B 79 52.95 11.35 -5.45
N THR B 80 53.58 10.75 -4.45
CA THR B 80 54.75 9.91 -4.69
C THR B 80 54.49 8.42 -4.43
N GLY B 81 53.31 8.06 -3.93
CA GLY B 81 53.04 6.70 -3.52
C GLY B 81 52.66 5.84 -4.71
N THR B 82 52.40 4.56 -4.41
CA THR B 82 52.19 3.57 -5.46
C THR B 82 51.12 4.02 -6.45
N TYR B 83 50.16 4.84 -6.01
CA TYR B 83 49.02 5.15 -6.84
C TYR B 83 49.10 6.56 -7.40
N ARG B 84 50.29 7.16 -7.38
CA ARG B 84 50.46 8.52 -7.88
C ARG B 84 49.93 8.69 -9.30
N GLN B 85 50.26 7.75 -10.20
CA GLN B 85 49.77 7.83 -11.57
C GLN B 85 48.25 7.76 -11.65
N LEU B 86 47.60 7.27 -10.60
CA LEU B 86 46.15 7.09 -10.58
C LEU B 86 45.39 8.43 -10.60
N PHE B 87 45.95 9.47 -9.98
CA PHE B 87 45.27 10.74 -9.84
C PHE B 87 45.82 11.82 -10.75
N HIS B 88 44.91 12.55 -11.37
CA HIS B 88 45.24 13.81 -12.02
C HIS B 88 45.68 14.87 -11.01
N PRO B 89 46.76 15.59 -11.29
CA PRO B 89 47.33 16.52 -10.30
C PRO B 89 46.32 17.49 -9.73
N GLU B 90 45.32 17.88 -10.49
CA GLU B 90 44.33 18.83 -9.98
C GLU B 90 43.43 18.22 -8.93
N GLN B 91 43.46 16.90 -8.76
CA GLN B 91 42.67 16.27 -7.71
C GLN B 91 43.32 16.31 -6.33
N LEU B 92 44.61 16.56 -6.25
CA LEU B 92 45.37 16.66 -4.99
C LEU B 92 45.69 18.13 -4.69
N ILE B 93 44.95 18.73 -3.78
CA ILE B 93 45.04 20.16 -3.46
C ILE B 93 45.64 20.33 -2.08
N THR B 94 46.67 21.16 -1.97
CA THR B 94 47.37 21.37 -0.70
C THR B 94 47.64 22.85 -0.52
N GLY B 95 47.58 23.28 0.73
CA GLY B 95 48.00 24.61 1.13
C GLY B 95 49.38 24.58 1.74
N LYS B 96 49.71 25.66 2.48
CA LYS B 96 51.04 25.72 3.09
C LYS B 96 51.01 25.70 4.61
N GLU B 97 49.89 26.01 5.24
CA GLU B 97 49.90 26.18 6.68
C GLU B 97 48.59 25.58 7.18
N ASP B 98 48.65 24.71 8.19
CA ASP B 98 47.43 24.01 8.55
C ASP B 98 46.70 24.77 9.65
N ALA B 99 45.67 24.15 10.18
CA ALA B 99 44.77 24.79 11.12
C ALA B 99 45.28 24.74 12.55
N ALA B 100 46.36 24.00 12.80
CA ALA B 100 46.91 23.89 14.14
C ALA B 100 45.85 23.42 15.13
N ASN B 101 45.06 22.44 14.73
CA ASN B 101 44.11 21.81 15.65
C ASN B 101 43.05 22.80 16.11
N ASN B 102 42.80 23.82 15.31
CA ASN B 102 41.93 24.93 15.68
C ASN B 102 40.84 25.07 14.63
N TYR B 103 39.62 24.69 15.01
CA TYR B 103 38.47 24.80 14.10
C TYR B 103 38.44 26.16 13.43
N ALA B 104 38.63 27.21 14.21
CA ALA B 104 38.62 28.59 13.71
C ALA B 104 39.55 28.79 12.53
N ARG B 105 40.74 28.21 12.57
CA ARG B 105 41.70 28.44 11.49
C ARG B 105 41.30 27.73 10.21
N GLY B 106 40.70 26.55 10.30
CA GLY B 106 40.31 25.78 9.14
C GLY B 106 39.08 26.34 8.47
N HIS B 107 38.15 26.84 9.29
CA HIS B 107 36.92 27.43 8.78
C HIS B 107 37.12 28.87 8.30
N TYR B 108 37.91 29.66 9.02
CA TYR B 108 38.04 31.08 8.70
C TYR B 108 39.42 31.42 8.16
N THR B 109 40.38 31.63 9.08
CA THR B 109 41.67 32.23 8.75
C THR B 109 42.39 31.57 7.58
N ILE B 110 42.54 30.24 7.63
CA ILE B 110 43.22 29.51 6.57
C ILE B 110 42.25 28.98 5.51
N GLY B 111 41.13 28.41 5.94
CA GLY B 111 40.16 27.92 4.98
C GLY B 111 39.79 28.94 3.92
N LYS B 112 39.65 30.21 4.31
CA LYS B 112 39.17 31.20 3.36
C LYS B 112 40.12 31.36 2.17
N GLU B 113 41.38 30.97 2.32
CA GLU B 113 42.36 31.20 1.27
C GLU B 113 42.35 30.11 0.19
N ILE B 114 41.78 28.95 0.48
CA ILE B 114 41.84 27.81 -0.43
C ILE B 114 40.47 27.24 -0.78
N ILE B 115 39.38 27.78 -0.21
CA ILE B 115 38.07 27.16 -0.37
C ILE B 115 37.55 27.32 -1.80
N ASP B 116 37.73 28.51 -2.39
CA ASP B 116 37.31 28.75 -3.77
C ASP B 116 37.94 27.76 -4.74
N LEU B 117 39.24 27.52 -4.59
CA LEU B 117 39.92 26.59 -5.48
C LEU B 117 39.34 25.17 -5.36
N VAL B 118 39.24 24.65 -4.14
CA VAL B 118 38.60 23.35 -3.94
C VAL B 118 37.22 23.27 -4.61
N LEU B 119 36.35 24.28 -4.40
CA LEU B 119 35.03 24.21 -5.06
C LEU B 119 35.14 24.19 -6.58
N ASP B 120 36.13 24.87 -7.15
CA ASP B 120 36.29 24.84 -8.60
CA ASP B 120 36.29 24.84 -8.60
C ASP B 120 36.69 23.45 -9.09
N ARG B 121 37.65 22.84 -8.40
CA ARG B 121 38.04 21.48 -8.78
C ARG B 121 36.86 20.52 -8.64
N ILE B 122 36.02 20.71 -7.61
CA ILE B 122 34.84 19.85 -7.49
C ILE B 122 33.89 20.12 -8.64
N ARG B 123 33.74 21.38 -9.03
CA ARG B 123 32.89 21.69 -10.18
C ARG B 123 33.36 20.99 -11.44
N LYS B 124 34.67 20.86 -11.61
CA LYS B 124 35.19 20.20 -12.80
C LYS B 124 34.85 18.72 -12.81
N LEU B 125 34.88 18.06 -11.64
CA LEU B 125 34.42 16.68 -11.55
C LEU B 125 32.92 16.56 -11.80
N ALA B 126 32.11 17.31 -11.03
CA ALA B 126 30.67 17.32 -11.24
C ALA B 126 30.29 17.45 -12.72
N ASP B 127 30.94 18.38 -13.42
CA ASP B 127 30.63 18.61 -14.83
C ASP B 127 30.87 17.39 -15.72
N GLN B 128 31.76 16.48 -15.31
CA GLN B 128 31.99 15.24 -16.03
C GLN B 128 30.95 14.16 -15.74
N CYS B 129 30.05 14.40 -14.81
CA CYS B 129 29.04 13.42 -14.43
C CYS B 129 27.77 13.62 -15.26
N THR B 130 27.16 12.51 -15.66
CA THR B 130 25.90 12.57 -16.38
C THR B 130 24.72 12.65 -15.43
N GLY B 131 24.91 12.27 -14.18
CA GLY B 131 23.84 12.13 -13.21
C GLY B 131 24.37 12.12 -11.80
N LEU B 132 24.98 13.23 -11.38
CA LEU B 132 25.60 13.27 -10.06
C LEU B 132 24.59 12.95 -8.98
N GLN B 133 24.91 11.93 -8.19
CA GLN B 133 24.08 11.53 -7.06
C GLN B 133 24.36 12.39 -5.84
N GLY B 134 25.60 12.41 -5.39
CA GLY B 134 25.92 13.13 -4.16
C GLY B 134 27.40 13.06 -3.86
N PHE B 135 27.74 13.50 -2.66
CA PHE B 135 29.11 13.63 -2.21
C PHE B 135 29.39 12.69 -1.05
N LEU B 136 30.65 12.32 -0.90
CA LEU B 136 31.10 11.52 0.23
C LEU B 136 32.27 12.28 0.85
N VAL B 137 32.10 12.72 2.09
CA VAL B 137 33.06 13.62 2.72
C VAL B 137 33.73 12.90 3.88
N PHE B 138 35.04 12.64 3.73
CA PHE B 138 35.84 11.93 4.72
C PHE B 138 36.65 12.94 5.50
N HIS B 139 36.60 12.87 6.82
CA HIS B 139 37.31 13.87 7.59
C HIS B 139 37.29 13.47 9.06
N SER B 140 38.22 14.02 9.81
CA SER B 140 38.27 13.84 11.25
C SER B 140 37.41 14.88 11.95
N PHE B 141 36.94 14.51 13.15
CA PHE B 141 36.28 15.46 14.05
C PHE B 141 37.25 16.39 14.75
N GLY B 142 38.44 15.89 15.08
CA GLY B 142 39.32 16.61 15.97
C GLY B 142 40.29 17.61 15.36
N GLY B 143 40.77 17.35 14.14
CA GLY B 143 41.67 18.29 13.51
C GLY B 143 41.02 19.60 13.11
N GLY B 144 41.86 20.62 12.99
CA GLY B 144 41.37 21.93 12.58
C GLY B 144 40.91 21.93 11.13
N THR B 145 41.57 21.17 10.28
CA THR B 145 41.18 21.08 8.88
C THR B 145 40.02 20.11 8.73
N GLY B 146 40.14 18.94 9.36
CA GLY B 146 39.06 17.97 9.34
C GLY B 146 37.75 18.56 9.83
N SER B 147 37.82 19.37 10.87
CA SER B 147 36.64 20.01 11.46
C SER B 147 36.32 21.34 10.79
N GLY B 148 37.20 22.33 10.96
CA GLY B 148 36.91 23.67 10.46
C GLY B 148 36.77 23.80 8.95
N PHE B 149 37.66 23.18 8.17
CA PHE B 149 37.52 23.30 6.72
C PHE B 149 36.37 22.46 6.18
N THR B 150 36.21 21.22 6.65
CA THR B 150 35.04 20.43 6.29
C THR B 150 33.73 21.21 6.42
N SER B 151 33.45 21.78 7.60
CA SER B 151 32.19 22.49 7.79
CA SER B 151 32.20 22.49 7.80
C SER B 151 32.03 23.60 6.77
N LEU B 152 33.09 24.38 6.53
CA LEU B 152 33.05 25.42 5.50
C LEU B 152 32.70 24.83 4.15
N LEU B 153 33.38 23.73 3.79
CA LEU B 153 33.11 23.09 2.51
C LEU B 153 31.66 22.62 2.43
N MET B 154 31.13 22.06 3.53
CA MET B 154 29.75 21.54 3.48
C MET B 154 28.77 22.69 3.32
N GLU B 155 28.99 23.80 4.01
CA GLU B 155 28.17 24.97 3.78
C GLU B 155 28.23 25.38 2.32
N ARG B 156 29.43 25.39 1.73
CA ARG B 156 29.53 25.90 0.38
C ARG B 156 28.95 24.92 -0.62
N LEU B 157 28.98 23.62 -0.31
CA LEU B 157 28.39 22.63 -1.20
C LEU B 157 26.87 22.73 -1.17
N SER B 158 26.30 22.99 0.00
CA SER B 158 24.87 23.23 0.09
C SER B 158 24.41 24.38 -0.81
N VAL B 159 25.22 25.45 -0.91
CA VAL B 159 24.86 26.59 -1.76
C VAL B 159 24.98 26.25 -3.24
N ASP B 160 26.02 25.51 -3.64
CA ASP B 160 26.31 25.29 -5.05
C ASP B 160 25.59 24.08 -5.62
N TYR B 161 25.08 23.20 -4.77
CA TYR B 161 24.41 21.99 -5.22
C TYR B 161 23.08 21.80 -4.51
N GLY B 162 22.63 22.80 -3.74
CA GLY B 162 21.36 22.69 -3.05
C GLY B 162 21.20 21.47 -2.19
N LYS B 163 20.23 20.63 -2.54
CA LYS B 163 19.84 19.50 -1.71
C LYS B 163 20.48 18.20 -2.16
N LYS B 164 21.34 18.26 -3.18
CA LYS B 164 22.21 17.14 -3.56
C LYS B 164 22.83 16.51 -2.33
N SER B 165 22.71 15.19 -2.22
CA SER B 165 22.94 14.57 -0.92
C SER B 165 24.43 14.52 -0.58
N LYS B 166 24.69 14.59 0.72
CA LYS B 166 26.01 14.67 1.32
C LYS B 166 26.11 13.66 2.46
N LEU B 167 26.98 12.68 2.31
CA LEU B 167 27.22 11.68 3.33
C LEU B 167 28.59 11.94 3.95
N GLU B 168 28.70 11.71 5.25
CA GLU B 168 29.96 12.03 5.95
C GLU B 168 30.59 10.79 6.57
N PHE B 169 31.91 10.63 6.40
CA PHE B 169 32.64 9.55 7.11
C PHE B 169 33.47 10.31 8.14
N SER B 170 33.18 10.15 9.42
CA SER B 170 33.75 10.98 10.47
C SER B 170 34.55 10.14 11.43
N ILE B 171 35.77 10.58 11.75
CA ILE B 171 36.62 9.92 12.72
C ILE B 171 36.38 10.58 14.07
N TYR B 172 35.77 9.82 14.96
CA TYR B 172 35.41 10.30 16.28
C TYR B 172 36.66 10.20 17.17
N PRO B 173 36.98 11.23 17.93
CA PRO B 173 38.29 11.28 18.60
C PRO B 173 38.41 10.27 19.73
N ALA B 174 39.59 9.69 19.86
CA ALA B 174 39.89 8.81 20.96
C ALA B 174 41.24 9.17 21.58
N PRO B 175 41.31 9.18 22.90
CA PRO B 175 42.55 9.51 23.62
C PRO B 175 43.79 8.75 23.16
N GLN B 176 43.65 7.49 22.73
CA GLN B 176 44.82 6.67 22.44
C GLN B 176 45.58 7.11 21.21
N VAL B 177 44.97 7.89 20.34
CA VAL B 177 45.65 8.40 19.17
C VAL B 177 45.20 9.82 18.92
N SER B 178 44.76 10.51 19.97
CA SER B 178 44.38 11.89 19.77
C SER B 178 45.65 12.75 19.76
N THR B 179 45.58 13.85 19.03
CA THR B 179 46.73 14.73 18.85
C THR B 179 46.50 16.15 19.31
N ALA B 180 45.38 16.42 19.97
CA ALA B 180 45.09 17.78 20.44
C ALA B 180 44.14 17.71 21.61
N VAL B 181 44.49 18.44 22.68
CA VAL B 181 43.60 18.54 23.83
C VAL B 181 42.26 19.14 23.46
N VAL B 182 42.19 19.88 22.36
CA VAL B 182 40.98 20.62 22.02
C VAL B 182 40.05 19.84 21.09
N GLU B 183 40.30 18.56 20.86
CA GLU B 183 39.50 17.87 19.87
C GLU B 183 38.03 17.85 20.22
N PRO B 184 37.63 17.81 21.49
CA PRO B 184 36.20 18.02 21.81
C PRO B 184 35.61 19.33 21.31
N TYR B 185 36.29 20.47 21.50
CA TYR B 185 35.76 21.71 20.93
C TYR B 185 35.57 21.56 19.43
N ASN B 186 36.58 21.05 18.73
CA ASN B 186 36.45 20.91 17.29
C ASN B 186 35.32 19.96 16.94
N SER B 187 35.15 18.89 17.71
CA SER B 187 34.10 17.92 17.40
C SER B 187 32.72 18.55 17.52
N ILE B 188 32.45 19.27 18.61
CA ILE B 188 31.12 19.85 18.79
C ILE B 188 30.88 20.98 17.79
N LEU B 189 31.89 21.84 17.57
CA LEU B 189 31.79 22.89 16.56
C LEU B 189 31.49 22.32 15.18
N THR B 190 32.26 21.31 14.74
CA THR B 190 32.04 20.76 13.40
C THR B 190 30.71 20.01 13.28
N THR B 191 30.26 19.35 14.36
CA THR B 191 29.02 18.57 14.27
C THR B 191 27.79 19.48 14.20
N HIS B 192 27.79 20.56 14.98
CA HIS B 192 26.71 21.55 14.91
C HIS B 192 26.64 22.18 13.53
N THR B 193 27.76 22.70 13.03
CA THR B 193 27.74 23.42 11.76
C THR B 193 27.35 22.52 10.58
N THR B 194 27.72 21.25 10.60
CA THR B 194 27.37 20.35 9.50
CA THR B 194 27.37 20.35 9.50
C THR B 194 26.05 19.63 9.70
N LEU B 195 25.47 19.66 10.90
CA LEU B 195 24.29 18.85 11.18
C LEU B 195 23.17 19.09 10.17
N GLU B 196 22.94 20.34 9.78
CA GLU B 196 21.83 20.59 8.87
C GLU B 196 22.25 20.54 7.40
N HIS B 197 23.53 20.30 7.12
CA HIS B 197 24.02 20.21 5.76
C HIS B 197 24.33 18.78 5.35
N SER B 198 24.12 17.82 6.24
CA SER B 198 24.53 16.44 6.03
C SER B 198 23.30 15.56 6.07
N ASP B 199 23.19 14.64 5.11
CA ASP B 199 22.02 13.78 4.98
C ASP B 199 22.16 12.51 5.79
N CYS B 200 23.38 12.12 6.09
CA CYS B 200 23.66 10.86 6.75
C CYS B 200 25.15 10.80 7.07
N ALA B 201 25.51 10.43 8.29
CA ALA B 201 26.90 10.53 8.75
C ALA B 201 27.30 9.26 9.48
N PHE B 202 28.36 8.61 9.01
CA PHE B 202 28.83 7.37 9.60
C PHE B 202 30.04 7.67 10.47
N MET B 203 29.85 7.71 11.79
CA MET B 203 30.96 7.91 12.72
C MET B 203 31.76 6.64 12.93
N VAL B 204 33.08 6.79 13.00
CA VAL B 204 33.97 5.71 13.42
C VAL B 204 34.72 6.20 14.64
N ASP B 205 34.48 5.55 15.78
CA ASP B 205 35.16 5.83 17.03
C ASP B 205 36.57 5.21 17.06
N ASN B 206 37.60 6.05 17.06
CA ASN B 206 38.98 5.56 17.02
C ASN B 206 39.30 4.63 18.18
N GLU B 207 38.67 4.83 19.34
CA GLU B 207 38.86 3.90 20.45
C GLU B 207 38.25 2.56 20.11
N ALA B 208 37.13 2.57 19.40
CA ALA B 208 36.49 1.32 19.05
C ALA B 208 37.33 0.56 18.04
N ILE B 209 37.84 1.25 17.02
CA ILE B 209 38.70 0.61 16.03
C ILE B 209 40.01 0.16 16.64
N TYR B 210 40.60 1.00 17.51
CA TYR B 210 41.79 0.60 18.26
C TYR B 210 41.56 -0.72 18.99
N ASP B 211 40.46 -0.84 19.72
CA ASP B 211 40.28 -2.02 20.55
C ASP B 211 40.07 -3.25 19.68
N ILE B 212 39.29 -3.13 18.61
CA ILE B 212 39.03 -4.26 17.71
C ILE B 212 40.31 -4.75 17.05
N CYS B 213 41.18 -3.84 16.62
CA CYS B 213 42.45 -4.25 16.06
C CYS B 213 43.34 -4.99 17.06
N ARG B 214 43.39 -4.52 18.32
CA ARG B 214 44.17 -5.26 19.31
C ARG B 214 43.60 -6.66 19.54
N ARG B 215 42.29 -6.75 19.74
CA ARG B 215 41.68 -7.99 20.22
C ARG B 215 41.50 -9.00 19.09
N ASN B 216 40.95 -8.57 17.96
CA ASN B 216 40.59 -9.48 16.89
C ASN B 216 41.76 -9.71 15.93
N LEU B 217 42.70 -8.78 15.85
CA LEU B 217 43.83 -8.89 14.94
C LEU B 217 45.15 -9.07 15.66
N ASP B 218 45.14 -9.16 16.99
CA ASP B 218 46.33 -9.31 17.82
C ASP B 218 47.45 -8.34 17.43
N ILE B 219 47.11 -7.06 17.30
CA ILE B 219 48.09 -6.00 17.07
C ILE B 219 48.35 -5.29 18.40
N GLU B 220 49.56 -5.46 18.93
CA GLU B 220 49.87 -4.90 20.25
C GLU B 220 49.62 -3.40 20.34
N ARG B 221 50.09 -2.64 19.35
CA ARG B 221 49.92 -1.19 19.36
C ARG B 221 49.53 -0.67 17.98
N PRO B 222 48.25 -0.79 17.64
CA PRO B 222 47.80 -0.44 16.28
C PRO B 222 48.27 0.93 15.85
N THR B 223 48.65 1.02 14.57
CA THR B 223 48.95 2.27 13.92
C THR B 223 47.70 2.76 13.18
N TYR B 224 47.77 4.00 12.69
CA TYR B 224 46.79 4.52 11.74
C TYR B 224 46.59 3.58 10.55
N THR B 225 47.68 2.98 10.08
CA THR B 225 47.58 2.01 8.98
C THR B 225 46.70 0.82 9.33
N ASN B 226 46.85 0.27 10.54
CA ASN B 226 45.91 -0.75 11.00
C ASN B 226 44.48 -0.25 10.97
N LEU B 227 44.22 0.89 11.61
CA LEU B 227 42.87 1.42 11.65
C LEU B 227 42.35 1.71 10.24
N ASN B 228 43.09 2.50 9.47
CA ASN B 228 42.53 2.92 8.15
C ASN B 228 42.12 1.70 7.31
N ARG B 229 42.74 0.55 7.52
CA ARG B 229 42.47 -0.63 6.66
C ARG B 229 41.15 -1.29 7.07
N LEU B 230 40.86 -1.35 8.36
CA LEU B 230 39.56 -1.90 8.80
C LEU B 230 38.48 -0.85 8.49
N ILE B 231 38.82 0.41 8.70
CA ILE B 231 37.83 1.51 8.47
C ILE B 231 37.41 1.46 6.99
N SER B 232 38.31 0.98 6.13
CA SER B 232 38.02 0.99 4.67
C SER B 232 37.01 -0.12 4.34
N GLN B 233 37.14 -1.27 4.99
CA GLN B 233 36.25 -2.40 4.65
C GLN B 233 34.81 -1.96 4.93
N ILE B 234 34.62 -1.09 5.92
CA ILE B 234 33.26 -0.59 6.24
C ILE B 234 32.81 0.30 5.09
N VAL B 235 33.66 1.21 4.65
CA VAL B 235 33.28 2.17 3.57
C VAL B 235 32.98 1.36 2.31
N SER B 236 33.81 0.35 2.02
CA SER B 236 33.65 -0.45 0.78
C SER B 236 32.31 -1.17 0.78
N SER B 237 31.83 -1.56 1.95
CA SER B 237 30.57 -2.31 2.05
C SER B 237 29.38 -1.36 1.92
N ILE B 238 29.55 -0.12 2.36
CA ILE B 238 28.46 0.88 2.22
C ILE B 238 28.45 1.37 0.76
N THR B 239 29.58 1.26 0.06
CA THR B 239 29.68 1.80 -1.31
C THR B 239 29.50 0.70 -2.36
N ALA B 240 29.73 -0.55 -1.97
CA ALA B 240 29.67 -1.67 -2.93
C ALA B 240 28.30 -1.70 -3.58
N SER B 241 27.28 -1.33 -2.84
CA SER B 241 25.90 -1.31 -3.36
C SER B 241 25.84 -0.45 -4.61
N LEU B 242 26.84 0.40 -4.81
CA LEU B 242 26.80 1.34 -5.96
C LEU B 242 27.93 1.03 -6.93
N ARG B 243 28.98 0.35 -6.47
CA ARG B 243 30.16 0.11 -7.35
C ARG B 243 29.99 -1.26 -8.02
N PHE B 244 29.07 -2.07 -7.53
CA PHE B 244 28.87 -3.42 -8.10
C PHE B 244 27.38 -3.66 -8.42
N ASP B 245 27.10 -4.60 -9.30
CA ASP B 245 25.71 -4.88 -9.73
C ASP B 245 25.33 -6.31 -9.35
N GLY B 246 24.06 -6.56 -9.08
CA GLY B 246 23.62 -7.89 -8.64
C GLY B 246 22.11 -7.95 -8.51
N ALA B 247 21.57 -9.13 -8.22
CA ALA B 247 20.11 -9.30 -8.18
C ALA B 247 19.59 -9.08 -6.76
N LEU B 248 20.39 -9.42 -5.75
CA LEU B 248 19.90 -9.30 -4.36
C LEU B 248 20.57 -8.09 -3.71
N ASN B 249 21.28 -7.30 -4.52
CA ASN B 249 21.98 -6.08 -4.00
C ASN B 249 20.96 -4.97 -3.74
N VAL B 250 21.24 -4.07 -2.80
CA VAL B 250 20.31 -2.92 -2.58
C VAL B 250 21.14 -1.64 -2.53
N ASP B 251 20.66 -0.58 -3.18
CA ASP B 251 21.37 0.72 -3.20
C ASP B 251 21.28 1.38 -1.83
N LEU B 252 22.29 2.18 -1.48
CA LEU B 252 22.31 2.83 -0.15
C LEU B 252 21.09 3.74 -0.03
N THR B 253 20.57 4.20 -1.15
CA THR B 253 19.44 5.16 -1.11
C THR B 253 18.23 4.51 -0.45
N GLU B 254 17.99 3.24 -0.75
CA GLU B 254 16.83 2.51 -0.17
C GLU B 254 17.08 2.32 1.31
N PHE B 255 18.29 1.93 1.68
CA PHE B 255 18.66 1.74 3.09
C PHE B 255 18.47 3.06 3.83
N GLN B 256 18.83 4.17 3.19
CA GLN B 256 18.76 5.48 3.87
C GLN B 256 17.31 5.83 4.16
N THR B 257 16.40 5.50 3.25
CA THR B 257 14.97 5.78 3.46
C THR B 257 14.56 5.09 4.77
N ASN B 258 15.35 4.11 5.20
CA ASN B 258 14.97 3.32 6.40
C ASN B 258 15.90 3.68 7.56
N LEU B 259 17.07 4.25 7.26
CA LEU B 259 18.08 4.51 8.31
C LEU B 259 18.00 5.97 8.77
N VAL B 260 17.13 6.76 8.16
CA VAL B 260 16.96 8.18 8.57
C VAL B 260 15.46 8.45 8.76
N PRO B 261 14.92 8.24 9.97
CA PRO B 261 13.50 8.43 10.20
C PRO B 261 13.16 9.91 10.27
N TYR B 262 14.02 10.69 10.92
CA TYR B 262 13.81 12.14 11.05
C TYR B 262 15.08 12.82 10.53
N PRO B 263 15.01 14.08 10.08
CA PRO B 263 16.16 14.72 9.45
C PRO B 263 17.46 14.75 10.27
N ARG B 264 17.38 15.01 11.57
CA ARG B 264 18.60 15.17 12.40
C ARG B 264 19.10 13.82 12.90
N ILE B 265 18.25 12.83 13.01
CA ILE B 265 18.68 11.46 13.40
C ILE B 265 19.30 10.79 12.17
N HIS B 266 20.50 11.20 11.78
CA HIS B 266 21.15 10.66 10.55
C HIS B 266 22.52 10.08 10.86
N PHE B 267 22.66 9.49 12.03
CA PHE B 267 23.97 8.90 12.43
C PHE B 267 23.78 7.41 12.66
N PRO B 268 24.04 6.56 11.65
CA PRO B 268 23.92 5.11 11.80
C PRO B 268 25.15 4.51 12.51
N LEU B 269 24.96 3.38 13.21
CA LEU B 269 26.09 2.69 13.89
C LEU B 269 26.54 1.53 13.00
N ALA B 270 27.84 1.39 12.81
CA ALA B 270 28.34 0.36 11.86
C ALA B 270 29.03 -0.79 12.61
N THR B 271 28.85 -2.00 12.10
CA THR B 271 29.49 -3.22 12.67
C THR B 271 29.96 -4.04 11.48
N TYR B 272 31.17 -4.58 11.55
CA TYR B 272 31.69 -5.45 10.46
C TYR B 272 32.08 -6.81 11.03
N ALA B 273 31.98 -7.85 10.20
CA ALA B 273 32.38 -9.21 10.62
C ALA B 273 32.51 -10.06 9.37
N PRO B 274 33.58 -10.86 9.21
CA PRO B 274 34.44 -11.23 10.32
C PRO B 274 35.77 -10.48 10.36
N VAL B 275 36.15 -9.98 11.54
CA VAL B 275 37.50 -9.35 11.71
C VAL B 275 38.38 -10.41 12.37
N ILE B 276 39.14 -11.16 11.59
CA ILE B 276 39.93 -12.28 12.15
C ILE B 276 41.32 -12.29 11.52
N SER B 277 42.30 -12.84 12.24
CA SER B 277 43.68 -12.95 11.72
C SER B 277 43.80 -14.23 10.90
N ALA B 278 44.66 -14.24 9.89
CA ALA B 278 44.86 -15.44 9.08
C ALA B 278 45.24 -16.59 10.00
N GLU B 279 45.93 -16.29 11.08
CA GLU B 279 46.39 -17.34 12.01
C GLU B 279 45.18 -18.06 12.60
N LYS B 280 44.09 -17.33 12.80
CA LYS B 280 42.89 -17.93 13.46
C LYS B 280 41.85 -18.26 12.38
N ALA B 281 41.89 -17.56 11.26
CA ALA B 281 40.99 -17.91 10.16
C ALA B 281 41.33 -19.33 9.73
N TYR B 282 42.62 -19.62 9.59
CA TYR B 282 43.03 -21.01 9.29
C TYR B 282 42.39 -21.89 10.36
N HIS B 283 41.72 -22.95 9.93
CA HIS B 283 41.03 -23.83 10.90
C HIS B 283 39.89 -23.03 11.53
N GLU B 284 38.88 -22.66 10.75
CA GLU B 284 37.73 -21.86 11.23
C GLU B 284 37.03 -21.30 10.00
N GLN B 285 35.75 -21.63 9.79
CA GLN B 285 35.00 -21.03 8.66
C GLN B 285 33.76 -20.34 9.25
N LEU B 286 33.90 -19.05 9.55
CA LEU B 286 32.79 -18.30 10.18
C LEU B 286 31.55 -18.44 9.28
N SER B 287 30.45 -18.92 9.86
CA SER B 287 29.23 -19.17 9.07
C SER B 287 28.40 -17.90 9.01
N VAL B 288 27.51 -17.81 8.03
CA VAL B 288 26.63 -16.63 7.90
C VAL B 288 26.02 -16.36 9.27
N ALA B 289 25.72 -17.42 10.02
CA ALA B 289 25.05 -17.25 11.33
C ALA B 289 26.00 -16.61 12.35
N GLU B 290 27.25 -17.06 12.36
CA GLU B 290 28.23 -16.56 13.36
C GLU B 290 28.50 -15.08 13.07
N ILE B 291 28.79 -14.76 11.82
CA ILE B 291 29.11 -13.35 11.44
C ILE B 291 27.94 -12.46 11.86
N THR B 292 26.71 -12.87 11.56
CA THR B 292 25.54 -12.02 11.88
C THR B 292 25.44 -11.85 13.39
N ASN B 293 25.57 -12.95 14.13
CA ASN B 293 25.44 -12.90 15.60
C ASN B 293 26.53 -12.01 16.18
N ALA B 294 27.53 -11.68 15.37
CA ALA B 294 28.65 -10.83 15.85
C ALA B 294 28.26 -9.38 15.68
N CYS B 295 27.45 -9.09 14.68
CA CYS B 295 27.09 -7.70 14.38
C CYS B 295 26.21 -7.17 15.52
N PHE B 296 25.90 -8.03 16.48
CA PHE B 296 25.01 -7.63 17.60
C PHE B 296 25.82 -7.67 18.91
N GLU B 297 27.08 -8.04 18.83
CA GLU B 297 27.97 -8.05 20.02
C GLU B 297 28.40 -6.61 20.28
N PRO B 298 28.14 -6.03 21.47
CA PRO B 298 28.43 -4.62 21.70
C PRO B 298 29.91 -4.25 21.66
N ALA B 299 30.76 -5.17 21.22
CA ALA B 299 32.22 -4.89 21.26
C ALA B 299 32.79 -4.98 19.85
N ASN B 300 31.93 -5.24 18.87
CA ASN B 300 32.38 -5.29 17.46
C ASN B 300 31.75 -4.09 16.74
N GLN B 301 31.47 -3.03 17.50
CA GLN B 301 30.81 -1.83 16.93
C GLN B 301 31.87 -0.74 16.76
N MET B 302 31.74 0.06 15.71
CA MET B 302 32.80 1.07 15.45
C MET B 302 32.54 2.33 16.27
N VAL B 303 31.51 2.34 17.10
CA VAL B 303 31.28 3.49 18.02
C VAL B 303 30.94 2.88 19.37
N LYS B 304 31.61 3.31 20.43
CA LYS B 304 31.44 2.67 21.76
C LYS B 304 30.08 3.03 22.36
N CYS B 305 29.14 2.09 22.32
CA CYS B 305 27.80 2.28 22.90
C CYS B 305 27.28 0.88 23.25
N ASP B 306 26.23 0.79 24.06
CA ASP B 306 25.59 -0.52 24.32
C ASP B 306 24.25 -0.54 23.62
N PRO B 307 24.20 -0.98 22.34
CA PRO B 307 22.96 -1.04 21.61
C PRO B 307 21.81 -1.63 22.42
N ARG B 308 22.13 -2.41 23.44
CA ARG B 308 21.08 -3.10 24.25
C ARG B 308 20.39 -2.11 25.18
N HIS B 309 21.13 -1.14 25.72
CA HIS B 309 20.53 -0.21 26.71
C HIS B 309 19.73 0.85 25.96
N GLY B 310 19.31 0.52 24.74
CA GLY B 310 18.57 1.49 23.92
C GLY B 310 17.63 0.78 22.97
N LYS B 311 16.90 1.55 22.16
CA LYS B 311 15.89 0.95 21.25
C LYS B 311 16.36 1.12 19.81
N TYR B 312 16.11 0.11 18.97
CA TYR B 312 16.52 0.17 17.55
C TYR B 312 15.42 0.82 16.72
N MET B 313 15.81 1.58 15.72
CA MET B 313 14.83 2.23 14.82
C MET B 313 15.09 1.70 13.40
N ALA B 314 16.06 0.79 13.25
CA ALA B 314 16.39 0.21 11.93
C ALA B 314 17.70 -0.58 11.99
N CYS B 315 17.71 -1.79 11.47
CA CYS B 315 18.93 -2.62 11.39
C CYS B 315 19.05 -3.10 9.95
N CYS B 316 20.00 -2.56 9.19
CA CYS B 316 20.17 -2.91 7.76
C CYS B 316 21.40 -3.80 7.60
N LEU B 317 21.21 -5.03 7.12
CA LEU B 317 22.32 -6.00 7.03
C LEU B 317 22.75 -6.16 5.57
N LEU B 318 23.93 -5.65 5.24
CA LEU B 318 24.47 -5.73 3.87
C LEU B 318 25.52 -6.83 3.87
N TYR B 319 25.22 -7.97 3.23
CA TYR B 319 26.13 -9.13 3.22
C TYR B 319 26.97 -9.09 1.95
N ARG B 320 28.07 -9.83 1.92
CA ARG B 320 28.92 -9.90 0.69
C ARG B 320 29.65 -11.23 0.63
N GLY B 321 29.58 -11.92 -0.50
CA GLY B 321 30.32 -13.17 -0.69
C GLY B 321 29.44 -14.40 -0.78
N ASP B 322 29.92 -15.53 -0.28
CA ASP B 322 29.14 -16.79 -0.30
C ASP B 322 28.02 -16.66 0.71
N VAL B 323 26.99 -15.87 0.36
CA VAL B 323 25.80 -15.77 1.24
C VAL B 323 24.60 -16.13 0.37
N VAL B 324 23.63 -16.83 0.94
CA VAL B 324 22.40 -17.21 0.19
C VAL B 324 21.22 -16.82 1.06
N PRO B 325 20.15 -16.25 0.48
CA PRO B 325 19.00 -15.84 1.25
C PRO B 325 18.61 -16.80 2.37
N LYS B 326 18.52 -18.10 2.09
CA LYS B 326 18.04 -19.09 3.08
C LYS B 326 18.81 -19.00 4.40
N ASP B 327 20.12 -18.83 4.33
CA ASP B 327 20.98 -18.79 5.53
C ASP B 327 20.71 -17.49 6.29
N VAL B 328 20.59 -16.39 5.55
CA VAL B 328 20.34 -15.07 6.17
C VAL B 328 19.07 -15.19 7.00
N ASN B 329 18.04 -15.81 6.45
CA ASN B 329 16.74 -15.87 7.16
C ASN B 329 16.94 -16.59 8.48
N ALA B 330 17.44 -17.81 8.44
CA ALA B 330 17.64 -18.59 9.67
C ALA B 330 18.36 -17.72 10.71
N ALA B 331 19.47 -17.11 10.31
CA ALA B 331 20.25 -16.27 11.22
C ALA B 331 19.36 -15.22 11.88
N ILE B 332 18.74 -14.37 11.08
CA ILE B 332 17.93 -13.26 11.66
C ILE B 332 16.96 -13.87 12.67
N ALA B 333 16.44 -15.06 12.39
CA ALA B 333 15.54 -15.74 13.34
C ALA B 333 16.29 -16.01 14.65
N THR B 334 17.22 -16.95 14.62
CA THR B 334 18.03 -17.25 15.82
C THR B 334 18.29 -15.96 16.60
N ILE B 335 18.78 -14.92 15.94
CA ILE B 335 19.13 -13.67 16.66
C ILE B 335 17.90 -13.16 17.38
N LYS B 336 16.90 -12.69 16.62
CA LYS B 336 15.69 -12.11 17.23
C LYS B 336 15.35 -12.87 18.50
N THR B 337 15.21 -14.20 18.41
CA THR B 337 14.80 -15.00 19.59
C THR B 337 15.88 -14.92 20.66
N LYS B 338 17.00 -15.60 20.46
CA LYS B 338 18.07 -15.64 21.50
C LYS B 338 18.92 -14.37 21.44
N ARG B 339 18.31 -13.20 21.61
CA ARG B 339 19.14 -11.96 21.68
C ARG B 339 18.27 -10.76 22.08
N SER B 340 18.91 -9.64 22.41
CA SER B 340 18.19 -8.45 22.91
C SER B 340 17.97 -7.45 21.78
N ILE B 341 16.96 -7.66 20.94
CA ILE B 341 16.68 -6.63 19.90
C ILE B 341 15.33 -5.99 20.22
N GLN B 342 15.33 -4.77 20.73
CA GLN B 342 14.05 -4.05 20.95
C GLN B 342 13.94 -2.95 19.90
N PHE B 343 12.91 -2.99 19.08
CA PHE B 343 12.68 -1.92 18.08
C PHE B 343 11.68 -0.92 18.66
N VAL B 344 11.42 0.17 17.95
CA VAL B 344 10.49 1.21 18.46
C VAL B 344 9.09 0.88 17.95
N ASP B 345 8.05 1.42 18.58
CA ASP B 345 6.66 1.10 18.21
C ASP B 345 6.32 1.71 16.86
N TRP B 346 7.03 2.76 16.46
CA TRP B 346 6.67 3.48 15.22
C TRP B 346 7.40 2.91 14.01
N CYS B 347 8.02 1.74 14.15
CA CYS B 347 8.80 1.16 13.04
C CYS B 347 8.19 -0.18 12.65
N PRO B 348 7.25 -0.22 11.69
CA PRO B 348 6.70 -1.46 11.22
C PRO B 348 7.93 -2.08 10.56
N THR B 349 7.95 -3.40 10.36
CA THR B 349 9.19 -3.98 9.81
C THR B 349 10.32 -3.63 10.78
N GLY B 350 11.54 -3.41 10.29
CA GLY B 350 12.69 -3.11 11.15
C GLY B 350 13.99 -3.59 10.55
N PHE B 351 13.95 -4.69 9.80
CA PHE B 351 15.20 -5.25 9.21
C PHE B 351 15.20 -5.06 7.69
N LYS B 352 16.36 -4.69 7.12
CA LYS B 352 16.51 -4.60 5.65
C LYS B 352 17.76 -5.40 5.32
N VAL B 353 17.66 -6.32 4.36
CA VAL B 353 18.81 -7.23 4.09
C VAL B 353 19.19 -7.17 2.61
N GLY B 354 20.45 -7.43 2.30
CA GLY B 354 20.94 -7.43 0.90
C GLY B 354 22.20 -8.26 0.77
N ILE B 355 22.51 -8.73 -0.44
CA ILE B 355 23.70 -9.60 -0.64
C ILE B 355 24.47 -9.14 -1.89
N ASN B 356 25.75 -8.81 -1.73
CA ASN B 356 26.60 -8.46 -2.88
C ASN B 356 27.48 -9.67 -3.12
N TYR B 357 27.21 -10.42 -4.17
CA TYR B 357 27.93 -11.70 -4.39
C TYR B 357 29.40 -11.44 -4.74
N GLN B 358 29.79 -10.18 -4.88
CA GLN B 358 31.22 -9.88 -5.14
C GLN B 358 32.00 -10.22 -3.89
N PRO B 359 32.99 -11.13 -3.96
CA PRO B 359 33.67 -11.60 -2.77
C PRO B 359 34.36 -10.47 -2.00
N PRO B 360 34.59 -10.63 -0.69
CA PRO B 360 35.32 -9.64 0.07
C PRO B 360 36.79 -9.70 -0.36
N THR B 361 37.54 -8.61 -0.17
CA THR B 361 38.96 -8.57 -0.62
C THR B 361 39.85 -8.04 0.51
N VAL B 362 41.14 -8.31 0.43
CA VAL B 362 42.09 -7.87 1.48
C VAL B 362 43.36 -7.38 0.80
N VAL B 363 43.90 -6.26 1.28
CA VAL B 363 45.14 -5.70 0.69
CA VAL B 363 45.14 -5.69 0.69
C VAL B 363 46.38 -6.56 0.97
N PRO B 364 47.12 -6.90 -0.09
CA PRO B 364 48.32 -7.68 0.10
C PRO B 364 49.11 -6.97 1.20
N GLY B 365 49.53 -7.70 2.21
CA GLY B 365 50.36 -7.09 3.27
C GLY B 365 49.49 -6.59 4.40
N GLY B 366 48.25 -7.04 4.43
CA GLY B 366 47.30 -6.56 5.45
C GLY B 366 47.36 -7.44 6.69
N ASP B 367 46.51 -7.14 7.68
CA ASP B 367 46.49 -7.93 8.92
C ASP B 367 45.11 -8.57 9.05
N LEU B 368 44.27 -8.42 8.03
CA LEU B 368 42.92 -9.06 8.04
C LEU B 368 42.97 -10.28 7.13
N ALA B 369 42.18 -11.30 7.44
CA ALA B 369 42.23 -12.56 6.67
C ALA B 369 41.24 -12.52 5.51
N LYS B 370 41.57 -13.21 4.41
CA LYS B 370 40.62 -13.28 3.28
C LYS B 370 39.53 -14.28 3.64
N VAL B 371 38.34 -13.77 3.93
CA VAL B 371 37.19 -14.63 4.27
C VAL B 371 36.37 -14.80 2.99
N GLN B 372 35.42 -15.72 3.01
CA GLN B 372 34.60 -16.00 1.80
C GLN B 372 33.30 -15.20 1.88
N ARG B 373 32.95 -14.74 3.08
CA ARG B 373 31.70 -13.97 3.27
C ARG B 373 31.90 -12.96 4.41
N ALA B 374 31.23 -11.81 4.33
CA ALA B 374 31.29 -10.80 5.41
C ALA B 374 29.96 -10.05 5.51
N VAL B 375 29.74 -9.37 6.62
CA VAL B 375 28.47 -8.64 6.84
C VAL B 375 28.76 -7.27 7.46
N CYS B 376 28.06 -6.24 7.00
CA CYS B 376 28.16 -4.90 7.62
C CYS B 376 26.74 -4.57 8.08
N MET B 377 26.56 -4.27 9.36
CA MET B 377 25.21 -3.86 9.82
C MET B 377 25.20 -2.36 10.06
N LEU B 378 24.23 -1.68 9.47
CA LEU B 378 24.05 -0.24 9.71
C LEU B 378 22.77 -0.12 10.53
N SER B 379 22.89 0.26 11.81
CA SER B 379 21.72 0.32 12.72
C SER B 379 21.50 1.73 13.25
N ASN B 380 20.26 2.22 13.25
CA ASN B 380 19.96 3.53 13.88
C ASN B 380 19.45 3.21 15.28
N THR B 381 20.28 3.43 16.30
CA THR B 381 19.90 3.08 17.69
C THR B 381 19.94 4.35 18.53
N THR B 382 19.15 4.39 19.60
CA THR B 382 19.10 5.57 20.48
C THR B 382 20.32 5.51 21.40
N ALA B 383 21.24 4.60 21.13
CA ALA B 383 22.41 4.40 22.01
C ALA B 383 23.62 5.17 21.49
N ILE B 384 23.55 5.65 20.26
CA ILE B 384 24.69 6.41 19.67
C ILE B 384 24.87 7.69 20.49
N ALA B 385 23.91 7.98 21.36
CA ALA B 385 23.94 9.23 22.14
C ALA B 385 24.95 9.11 23.28
N GLU B 386 25.31 7.88 23.65
CA GLU B 386 26.35 7.71 24.70
C GLU B 386 27.62 8.37 24.21
N ALA B 387 27.79 8.50 22.90
CA ALA B 387 29.01 9.11 22.31
C ALA B 387 28.88 10.63 22.36
N TRP B 388 27.79 11.15 21.81
CA TRP B 388 27.55 12.60 21.89
C TRP B 388 27.65 13.02 23.35
N ALA B 389 27.18 12.17 24.26
CA ALA B 389 27.22 12.49 25.70
C ALA B 389 28.66 12.61 26.17
N ARG B 390 29.40 11.52 26.14
CA ARG B 390 30.81 11.52 26.58
C ARG B 390 31.51 12.77 26.05
N LEU B 391 31.44 13.02 24.74
CA LEU B 391 32.15 14.18 24.13
C LEU B 391 31.62 15.46 24.77
N ASP B 392 30.31 15.61 24.80
CA ASP B 392 29.70 16.84 25.35
C ASP B 392 30.27 17.10 26.73
N HIS B 393 30.52 16.06 27.52
CA HIS B 393 31.02 16.22 28.92
C HIS B 393 32.42 16.83 28.90
N LYS B 394 33.34 16.21 28.18
CA LYS B 394 34.70 16.78 28.06
C LYS B 394 34.59 18.28 27.76
N PHE B 395 33.76 18.64 26.77
CA PHE B 395 33.58 20.06 26.40
C PHE B 395 33.15 20.87 27.62
N ASP B 396 32.05 20.47 28.23
CA ASP B 396 31.49 21.22 29.39
C ASP B 396 32.55 21.35 30.50
N LEU B 397 33.49 20.42 30.58
CA LEU B 397 34.51 20.43 31.67
C LEU B 397 35.52 21.55 31.42
N MET B 398 35.81 21.85 30.16
CA MET B 398 36.84 22.88 29.82
C MET B 398 36.20 24.25 29.60
N TYR B 399 35.06 24.31 28.93
CA TYR B 399 34.44 25.64 28.62
C TYR B 399 34.14 26.38 29.92
N ALA B 400 33.81 25.64 30.97
CA ALA B 400 33.42 26.30 32.24
C ALA B 400 34.59 27.19 32.68
N LYS B 401 35.80 26.67 32.57
CA LYS B 401 37.00 27.47 32.92
C LYS B 401 37.47 28.18 31.66
N ARG B 402 36.68 28.08 30.58
CA ARG B 402 37.02 28.76 29.31
C ARG B 402 38.47 28.46 28.95
N ALA B 403 38.79 27.17 28.80
CA ALA B 403 40.19 26.77 28.53
C ALA B 403 40.46 26.64 27.04
N PHE B 404 41.48 27.35 26.53
CA PHE B 404 41.90 27.23 25.11
C PHE B 404 41.01 28.06 24.20
N VAL B 405 40.03 28.77 24.75
CA VAL B 405 39.06 29.52 23.90
C VAL B 405 39.74 30.77 23.33
N HIS B 406 40.83 31.20 23.96
CA HIS B 406 41.56 32.42 23.53
C HIS B 406 42.14 32.17 22.15
N TRP B 407 42.39 30.91 21.84
CA TRP B 407 42.97 30.55 20.53
C TRP B 407 41.87 30.68 19.49
N TYR B 408 40.65 30.34 19.87
CA TYR B 408 39.51 30.36 18.92
C TYR B 408 39.07 31.80 18.70
N VAL B 409 39.01 32.58 19.77
CA VAL B 409 38.55 34.00 19.67
C VAL B 409 39.63 34.83 18.97
N GLY B 410 40.89 34.52 19.25
CA GLY B 410 41.99 35.25 18.62
C GLY B 410 41.91 35.17 17.12
N GLU B 411 41.16 34.19 16.61
CA GLU B 411 41.05 34.00 15.14
C GLU B 411 39.67 34.46 14.69
N GLY B 412 38.90 35.13 15.55
CA GLY B 412 37.61 35.71 15.12
C GLY B 412 36.40 35.11 15.82
N MET B 413 36.48 33.84 16.22
CA MET B 413 35.31 33.16 16.79
C MET B 413 34.82 33.88 18.06
N GLU B 414 33.56 33.68 18.43
CA GLU B 414 32.98 34.33 19.63
C GLU B 414 32.45 33.25 20.57
N GLU B 415 32.38 33.55 21.86
CA GLU B 415 31.92 32.55 22.85
C GLU B 415 30.55 32.04 22.42
N GLY B 416 29.73 32.91 21.83
CA GLY B 416 28.37 32.51 21.45
C GLY B 416 28.36 31.22 20.67
N GLU B 417 29.04 31.19 19.53
CA GLU B 417 29.14 29.95 18.70
CA GLU B 417 29.12 29.96 18.71
C GLU B 417 29.49 28.68 19.50
N PHE B 418 30.16 28.91 20.62
CA PHE B 418 30.57 27.76 21.46
C PHE B 418 29.35 27.28 22.26
N SER B 419 28.46 28.19 22.61
CA SER B 419 27.23 27.84 23.36
C SER B 419 26.14 27.44 22.37
N GLU B 420 26.04 28.17 21.26
CA GLU B 420 25.07 27.83 20.21
C GLU B 420 25.25 26.36 19.88
N ALA B 421 26.48 25.87 19.97
CA ALA B 421 26.75 24.46 19.60
C ALA B 421 26.31 23.54 20.73
N ARG B 422 26.74 23.85 21.96
CA ARG B 422 26.41 22.95 23.08
C ARG B 422 24.89 22.75 23.14
N GLU B 423 24.13 23.74 22.67
CA GLU B 423 22.66 23.64 22.77
C GLU B 423 22.13 22.70 21.67
N ASP B 424 22.59 22.86 20.43
CA ASP B 424 22.16 21.92 19.37
C ASP B 424 22.49 20.51 19.82
N MET B 425 23.59 20.33 20.56
CA MET B 425 24.03 18.97 20.94
C MET B 425 23.15 18.46 22.08
N ALA B 426 22.75 19.35 22.98
CA ALA B 426 21.82 18.97 24.06
C ALA B 426 20.47 18.63 23.44
N ALA B 427 20.09 19.39 22.42
CA ALA B 427 18.82 19.11 21.72
C ALA B 427 18.89 17.71 21.10
N LEU B 428 19.95 17.42 20.37
CA LEU B 428 20.09 16.11 19.69
C LEU B 428 19.98 14.99 20.73
N GLU B 429 20.55 15.20 21.92
CA GLU B 429 20.52 14.16 22.97
C GLU B 429 19.07 13.97 23.41
N LYS B 430 18.33 15.07 23.47
CA LYS B 430 16.89 14.99 23.81
C LYS B 430 16.17 14.32 22.66
N ASP B 431 16.46 14.75 21.44
CA ASP B 431 15.78 14.21 20.25
C ASP B 431 15.93 12.68 20.26
N TYR B 432 17.12 12.18 20.59
CA TYR B 432 17.35 10.72 20.53
C TYR B 432 16.55 10.04 21.63
N GLU B 433 16.38 10.72 22.76
CA GLU B 433 15.56 10.16 23.87
C GLU B 433 14.11 10.10 23.43
N GLU B 434 13.61 11.19 22.86
CA GLU B 434 12.18 11.27 22.49
C GLU B 434 11.84 10.24 21.42
N VAL B 435 12.78 9.91 20.54
CA VAL B 435 12.46 8.99 19.41
C VAL B 435 12.24 7.58 19.95
N GLY B 436 12.64 7.35 21.20
CA GLY B 436 12.51 6.00 21.79
C GLY B 436 11.30 5.93 22.69
N VAL B 437 10.94 7.04 23.32
CA VAL B 437 9.71 7.07 24.15
C VAL B 437 8.59 6.38 23.37
N ASP B 438 7.84 5.53 24.06
CA ASP B 438 6.74 4.78 23.40
C ASP B 438 5.58 5.74 23.15
N SER B 439 4.53 5.28 22.47
CA SER B 439 3.39 6.16 22.12
C SER B 439 2.30 6.03 23.18
N VAL B 440 1.27 6.89 23.12
CA VAL B 440 0.21 6.90 24.17
C VAL B 440 -1.01 6.11 23.66
N MET C 1 58.32 23.17 3.80
CA MET C 1 59.11 23.54 4.97
C MET C 1 58.35 24.49 5.89
N ARG C 2 58.79 24.58 7.14
CA ARG C 2 58.20 25.54 8.08
C ARG C 2 59.32 26.09 8.95
N GLU C 3 59.79 27.29 8.59
CA GLU C 3 61.03 27.81 9.13
C GLU C 3 60.81 28.41 10.51
N ILE C 4 61.81 28.27 11.38
CA ILE C 4 61.90 29.01 12.63
C ILE C 4 63.09 29.94 12.52
N VAL C 5 62.98 31.15 13.06
CA VAL C 5 64.09 32.09 13.07
C VAL C 5 64.62 32.12 14.50
N HIS C 6 65.88 31.71 14.64
CA HIS C 6 66.54 31.65 15.94
C HIS C 6 67.30 32.94 16.19
N ILE C 7 67.14 33.47 17.41
CA ILE C 7 67.84 34.67 17.85
C ILE C 7 68.41 34.35 19.22
N GLN C 8 69.68 34.65 19.41
CA GLN C 8 70.32 34.56 20.71
C GLN C 8 70.90 35.92 21.01
N ALA C 9 70.54 36.44 22.18
CA ALA C 9 71.02 37.78 22.55
C ALA C 9 71.74 37.69 23.89
N GLY C 10 73.00 38.12 23.94
CA GLY C 10 73.71 38.17 25.22
C GLY C 10 74.65 37.00 25.43
N GLN C 11 75.43 37.05 26.51
CA GLN C 11 76.37 35.96 26.80
C GLN C 11 75.57 34.67 26.93
N CYS C 12 74.76 34.58 27.99
CA CYS C 12 74.01 33.32 28.20
C CYS C 12 73.30 33.00 26.90
N GLY C 13 72.67 34.00 26.29
CA GLY C 13 71.88 33.65 25.12
C GLY C 13 72.76 33.04 24.03
N ASN C 14 73.96 33.60 23.84
CA ASN C 14 74.88 33.14 22.82
C ASN C 14 75.62 31.87 23.26
N GLN C 15 75.84 31.71 24.56
CA GLN C 15 76.51 30.50 25.04
C GLN C 15 75.63 29.27 24.83
N ILE C 16 74.42 29.29 25.41
CA ILE C 16 73.50 28.19 25.18
C ILE C 16 73.02 28.17 23.74
N GLY C 17 72.92 29.33 23.11
CA GLY C 17 72.65 29.37 21.69
C GLY C 17 73.67 28.59 20.89
N ALA C 18 74.95 28.85 21.12
CA ALA C 18 76.00 28.11 20.41
C ALA C 18 75.95 26.62 20.72
N LYS C 19 75.81 26.24 22.00
CA LYS C 19 75.76 24.82 22.34
C LYS C 19 74.59 24.16 21.65
N PHE C 20 73.48 24.88 21.48
CA PHE C 20 72.31 24.33 20.84
C PHE C 20 72.61 23.93 19.40
N TRP C 21 73.19 24.84 18.63
CA TRP C 21 73.48 24.56 17.23
C TRP C 21 74.49 23.42 17.08
N GLU C 22 75.41 23.26 18.01
CA GLU C 22 76.31 22.10 17.96
C GLU C 22 75.54 20.79 18.10
N VAL C 23 74.73 20.67 19.14
CA VAL C 23 74.01 19.43 19.41
C VAL C 23 73.08 19.05 18.25
N ILE C 24 72.28 20.00 17.77
CA ILE C 24 71.31 19.63 16.74
C ILE C 24 71.97 19.49 15.38
N SER C 25 73.05 20.23 15.13
CA SER C 25 73.77 20.01 13.87
C SER C 25 74.33 18.61 13.83
N ASP C 26 74.89 18.15 14.94
CA ASP C 26 75.38 16.78 15.07
C ASP C 26 74.27 15.78 14.82
N GLU C 27 73.10 15.99 15.43
CA GLU C 27 71.98 15.07 15.28
C GLU C 27 71.51 14.96 13.83
N HIS C 28 71.58 16.06 13.08
CA HIS C 28 71.19 16.07 11.69
C HIS C 28 72.33 15.72 10.74
N GLY C 29 73.55 15.57 11.27
CA GLY C 29 74.70 15.19 10.46
C GLY C 29 75.28 16.32 9.64
N ILE C 30 75.28 17.53 10.20
CA ILE C 30 75.90 18.70 9.60
C ILE C 30 77.22 18.96 10.32
N ASP C 31 78.32 19.03 9.56
CA ASP C 31 79.64 19.28 10.14
C ASP C 31 79.83 20.79 10.29
N PRO C 32 80.95 21.22 10.89
CA PRO C 32 81.19 22.65 11.04
C PRO C 32 81.18 23.43 9.73
N THR C 33 81.42 22.77 8.60
CA THR C 33 81.51 23.44 7.31
C THR C 33 80.18 23.49 6.56
N GLY C 34 79.09 23.01 7.16
CA GLY C 34 77.78 23.03 6.53
C GLY C 34 77.47 21.84 5.65
N SER C 35 78.36 20.85 5.56
CA SER C 35 78.15 19.72 4.68
C SER C 35 77.44 18.60 5.43
N TYR C 36 76.44 18.00 4.79
CA TYR C 36 75.75 16.86 5.37
C TYR C 36 76.51 15.55 5.12
N HIS C 37 76.65 14.73 6.15
CA HIS C 37 77.39 13.48 6.09
C HIS C 37 76.78 12.45 7.05
N GLY C 38 75.47 12.23 6.94
CA GLY C 38 74.73 11.39 7.86
C GLY C 38 74.13 10.17 7.18
N ASP C 39 73.60 9.25 8.01
CA ASP C 39 73.25 7.91 7.55
C ASP C 39 71.76 7.68 7.32
N SER C 40 70.90 8.53 7.86
CA SER C 40 69.45 8.37 7.77
C SER C 40 68.77 9.55 7.09
N ASP C 41 67.80 9.26 6.21
CA ASP C 41 67.06 10.32 5.55
C ASP C 41 66.19 11.09 6.54
N LEU C 42 65.94 10.51 7.72
CA LEU C 42 65.18 11.22 8.74
C LEU C 42 65.88 12.48 9.22
N GLN C 43 67.20 12.58 9.06
CA GLN C 43 67.93 13.74 9.54
C GLN C 43 67.69 14.96 8.66
N LEU C 44 67.19 14.75 7.45
CA LEU C 44 67.04 15.81 6.46
C LEU C 44 65.59 16.10 6.12
N GLU C 45 64.65 15.29 6.61
CA GLU C 45 63.26 15.44 6.18
C GLU C 45 62.75 16.82 6.51
N ARG C 46 63.04 17.30 7.72
CA ARG C 46 62.64 18.63 8.18
C ARG C 46 63.82 19.53 8.53
N ILE C 47 64.94 19.42 7.79
CA ILE C 47 66.11 20.21 8.16
C ILE C 47 65.94 21.70 7.84
N ASN C 48 65.03 22.05 6.91
CA ASN C 48 64.72 23.44 6.59
C ASN C 48 64.15 24.22 7.77
N VAL C 49 63.67 23.53 8.81
CA VAL C 49 63.04 24.24 9.92
C VAL C 49 64.05 25.16 10.57
N TYR C 50 65.27 24.67 10.80
CA TYR C 50 66.30 25.47 11.44
C TYR C 50 67.44 25.88 10.52
N TYR C 51 67.57 25.26 9.35
CA TYR C 51 68.70 25.48 8.45
C TYR C 51 68.19 26.04 7.12
N ASN C 52 68.97 26.94 6.51
CA ASN C 52 68.76 27.32 5.12
C ASN C 52 69.61 26.43 4.22
N GLU C 53 69.01 25.96 3.15
CA GLU C 53 69.76 25.17 2.18
C GLU C 53 70.22 26.17 1.12
N ALA C 54 71.49 26.56 1.21
CA ALA C 54 72.19 27.37 0.23
C ALA C 54 72.78 26.49 -0.87
N THR C 55 73.31 27.14 -1.91
CA THR C 55 73.88 26.38 -3.00
C THR C 55 75.27 25.89 -2.60
N GLY C 56 75.66 24.75 -3.16
CA GLY C 56 76.81 24.02 -2.66
C GLY C 56 76.43 22.93 -1.69
N ASN C 57 75.15 22.64 -1.56
CA ASN C 57 74.59 21.68 -0.61
C ASN C 57 75.06 21.95 0.82
N LYS C 58 75.22 23.23 1.15
CA LYS C 58 75.65 23.64 2.47
C LYS C 58 74.46 24.11 3.29
N TYR C 59 74.39 23.68 4.55
CA TYR C 59 73.31 24.08 5.45
C TYR C 59 73.86 25.12 6.41
N VAL C 60 73.17 26.25 6.50
CA VAL C 60 73.56 27.35 7.38
C VAL C 60 72.46 27.58 8.41
N PRO C 61 72.79 27.63 9.70
CA PRO C 61 71.74 27.86 10.70
C PRO C 61 70.98 29.14 10.40
N ARG C 62 69.65 29.09 10.55
CA ARG C 62 68.82 30.29 10.43
C ARG C 62 68.84 31.02 11.78
N ALA C 63 69.99 31.60 12.09
CA ALA C 63 70.21 32.09 13.45
C ALA C 63 70.80 33.48 13.41
N ILE C 64 70.26 34.36 14.23
CA ILE C 64 70.76 35.72 14.38
C ILE C 64 71.41 35.81 15.76
N LEU C 65 72.60 36.38 15.82
CA LEU C 65 73.37 36.52 17.04
C LEU C 65 73.46 37.99 17.42
N VAL C 66 73.16 38.31 18.68
CA VAL C 66 73.01 39.70 19.11
C VAL C 66 73.66 39.86 20.47
N ASP C 67 74.36 40.98 20.65
CA ASP C 67 75.02 41.32 21.91
C ASP C 67 75.51 42.76 21.87
N LEU C 68 75.56 43.41 23.02
CA LEU C 68 75.97 44.84 23.05
C LEU C 68 77.45 44.92 23.44
N GLU C 69 78.13 43.78 23.53
CA GLU C 69 79.56 43.75 23.92
C GLU C 69 80.23 42.57 23.22
N PRO C 70 81.13 42.79 22.25
CA PRO C 70 81.73 41.70 21.50
C PRO C 70 82.56 40.76 22.37
N GLY C 71 83.38 39.93 21.74
CA GLY C 71 84.20 38.97 22.51
C GLY C 71 83.41 37.70 22.73
N THR C 72 82.36 37.78 23.54
CA THR C 72 81.51 36.58 23.66
C THR C 72 81.26 36.15 22.22
N MET C 73 80.78 37.08 21.41
CA MET C 73 80.54 36.78 19.99
C MET C 73 81.85 36.25 19.41
N ASP C 74 82.97 36.84 19.80
CA ASP C 74 84.21 36.39 19.19
C ASP C 74 84.50 34.94 19.54
N SER C 75 84.40 34.61 20.84
CA SER C 75 84.59 33.23 21.27
C SER C 75 83.65 32.28 20.53
N VAL C 76 82.43 32.74 20.22
CA VAL C 76 81.48 31.89 19.51
C VAL C 76 81.96 31.67 18.09
N ARG C 77 82.43 32.73 17.44
CA ARG C 77 82.91 32.59 16.07
C ARG C 77 84.13 31.68 16.02
N SER C 78 84.89 31.60 17.13
CA SER C 78 86.07 30.75 17.20
C SER C 78 85.73 29.33 17.64
N GLY C 79 84.70 29.17 18.45
CA GLY C 79 84.29 27.87 18.95
C GLY C 79 83.87 26.93 17.83
N PRO C 80 83.75 25.64 18.15
CA PRO C 80 83.32 24.66 17.14
C PRO C 80 82.03 25.11 16.45
N PHE C 81 82.02 25.05 15.12
CA PHE C 81 80.89 25.45 14.26
C PHE C 81 80.79 26.96 14.12
N GLY C 82 81.80 27.71 14.55
CA GLY C 82 81.74 29.17 14.43
C GLY C 82 81.63 29.64 12.99
N GLN C 83 82.20 28.87 12.08
CA GLN C 83 82.24 29.28 10.65
C GLN C 83 80.97 28.83 9.92
N ILE C 84 80.06 28.16 10.62
CA ILE C 84 78.86 27.67 9.97
C ILE C 84 77.82 28.79 9.85
N PHE C 85 77.87 29.77 10.74
CA PHE C 85 76.98 30.90 10.71
C PHE C 85 77.29 31.86 9.55
N ARG C 86 76.25 32.57 9.09
CA ARG C 86 76.37 33.67 8.13
C ARG C 86 76.99 34.93 8.72
N PRO C 87 78.10 35.43 8.18
CA PRO C 87 78.74 36.61 8.76
C PRO C 87 77.83 37.83 8.88
N ASP C 88 76.91 38.06 7.93
CA ASP C 88 76.01 39.21 8.06
C ASP C 88 75.09 39.11 9.27
N ASN C 89 74.87 37.93 9.84
CA ASN C 89 73.95 37.81 10.97
C ASN C 89 74.61 38.12 12.30
N PHE C 90 75.86 38.58 12.31
CA PHE C 90 76.48 39.04 13.55
C PHE C 90 76.19 40.52 13.71
N VAL C 91 75.51 40.87 14.80
CA VAL C 91 75.03 42.22 15.02
C VAL C 91 75.34 42.58 16.47
N PHE C 92 76.44 43.31 16.67
CA PHE C 92 76.92 43.57 18.02
C PHE C 92 77.25 45.05 18.16
N GLY C 93 77.21 45.50 19.41
CA GLY C 93 77.42 46.87 19.76
C GLY C 93 78.73 47.09 20.46
N GLN C 94 78.81 48.22 21.17
CA GLN C 94 80.07 48.57 21.82
C GLN C 94 79.83 48.95 23.28
N SER C 95 78.84 49.81 23.52
CA SER C 95 78.60 50.33 24.86
C SER C 95 78.34 49.26 25.91
N GLY C 96 78.00 48.04 25.52
CA GLY C 96 77.76 47.03 26.53
C GLY C 96 76.50 47.38 27.31
N ALA C 97 76.25 46.58 28.34
CA ALA C 97 75.03 46.75 29.14
C ALA C 97 75.28 46.89 30.64
N GLY C 98 76.38 46.36 31.16
CA GLY C 98 76.73 46.48 32.56
C GLY C 98 75.66 45.92 33.48
N ASN C 99 75.13 44.74 33.16
CA ASN C 99 74.08 44.09 33.95
C ASN C 99 72.93 45.03 34.27
N ASN C 100 72.61 45.95 33.36
CA ASN C 100 71.55 46.93 33.58
C ASN C 100 70.41 46.76 32.58
N TRP C 101 69.28 46.23 33.06
CA TRP C 101 68.12 46.00 32.20
C TRP C 101 67.71 47.28 31.47
N ALA C 102 67.68 48.40 32.18
CA ALA C 102 67.33 49.67 31.55
C ALA C 102 68.24 50.03 30.40
N LYS C 103 69.53 49.65 30.47
CA LYS C 103 70.43 49.97 29.37
C LYS C 103 70.17 49.10 28.16
N GLY C 104 69.78 47.84 28.38
CA GLY C 104 69.48 46.93 27.29
C GLY C 104 68.17 47.25 26.60
N HIS C 105 67.19 47.75 27.34
CA HIS C 105 65.82 47.89 26.88
C HIS C 105 65.51 49.30 26.40
N TYR C 106 66.02 50.34 27.07
CA TYR C 106 65.58 51.71 26.69
C TYR C 106 66.68 52.54 26.01
N THR C 107 67.97 52.32 26.32
CA THR C 107 68.99 53.21 25.77
C THR C 107 69.90 52.49 24.78
N GLU C 108 70.97 51.88 25.28
CA GLU C 108 71.93 51.19 24.43
C GLU C 108 71.25 50.15 23.54
N GLY C 109 70.35 49.35 24.11
CA GLY C 109 69.69 48.33 23.31
C GLY C 109 68.89 48.92 22.15
N ALA C 110 68.22 50.04 22.38
CA ALA C 110 67.35 50.64 21.37
C ALA C 110 68.15 51.19 20.20
N GLU C 111 69.34 51.71 20.46
CA GLU C 111 70.12 52.34 19.40
C GLU C 111 70.74 51.31 18.47
N LEU C 112 70.54 50.01 18.74
CA LEU C 112 71.04 48.94 17.91
C LEU C 112 69.93 48.05 17.38
N VAL C 113 68.71 48.16 17.90
CA VAL C 113 67.63 47.25 17.54
C VAL C 113 67.27 47.34 16.06
N ASP C 114 67.41 48.54 15.47
CA ASP C 114 67.10 48.68 14.04
C ASP C 114 68.03 47.83 13.18
N SER C 115 69.30 47.72 13.59
CA SER C 115 70.26 46.95 12.82
C SER C 115 69.88 45.48 12.83
N VAL C 116 69.42 45.00 13.97
CA VAL C 116 68.95 43.62 14.12
C VAL C 116 67.73 43.37 13.24
N LEU C 117 66.75 44.28 13.30
CA LEU C 117 65.52 44.09 12.52
C LEU C 117 65.74 43.86 11.04
N ASP C 118 66.77 44.47 10.45
CA ASP C 118 67.02 44.25 9.03
C ASP C 118 67.43 42.80 8.76
N VAL C 119 68.27 42.24 9.62
CA VAL C 119 68.65 40.84 9.46
C VAL C 119 67.42 39.95 9.64
N VAL C 120 66.62 40.20 10.67
CA VAL C 120 65.43 39.38 10.88
C VAL C 120 64.54 39.44 9.65
N ARG C 121 64.27 40.66 9.17
CA ARG C 121 63.43 40.83 8.00
C ARG C 121 63.95 40.03 6.81
N LYS C 122 65.25 40.19 6.50
CA LYS C 122 65.86 39.42 5.43
C LYS C 122 65.65 37.92 5.65
N GLU C 123 65.94 37.41 6.85
CA GLU C 123 65.78 35.99 7.09
C GLU C 123 64.32 35.57 6.94
N SER C 124 63.39 36.41 7.42
CA SER C 124 61.98 36.06 7.33
C SER C 124 61.50 36.05 5.88
N GLU C 125 61.86 37.07 5.09
CA GLU C 125 61.38 37.11 3.73
C GLU C 125 61.85 35.90 2.93
N SER C 126 63.01 35.34 3.30
CA SER C 126 63.49 34.16 2.61
C SER C 126 62.63 32.94 2.90
N CYS C 127 61.87 32.96 3.99
CA CYS C 127 61.15 31.78 4.45
C CYS C 127 59.91 31.51 3.61
N ASP C 128 59.78 30.25 3.16
CA ASP C 128 58.58 29.82 2.44
C ASP C 128 57.32 29.99 3.28
N CYS C 129 57.43 29.66 4.57
CA CYS C 129 56.30 29.75 5.50
C CYS C 129 56.75 29.85 6.95
N LEU C 130 57.06 31.08 7.34
CA LEU C 130 57.64 31.39 8.65
C LEU C 130 56.78 30.83 9.79
N GLN C 131 57.37 29.96 10.62
CA GLN C 131 56.68 29.50 11.82
C GLN C 131 56.57 30.60 12.87
N GLY C 132 57.68 31.25 13.15
CA GLY C 132 57.80 32.25 14.18
C GLY C 132 59.22 32.28 14.68
N PHE C 133 59.39 32.64 15.94
CA PHE C 133 60.69 33.03 16.43
C PHE C 133 61.00 32.31 17.73
N GLN C 134 62.30 32.23 17.98
CA GLN C 134 62.86 31.42 19.06
C GLN C 134 64.07 32.19 19.57
N LEU C 135 63.98 32.69 20.79
CA LEU C 135 65.01 33.54 21.36
C LEU C 135 65.64 32.84 22.56
N THR C 136 66.96 32.91 22.66
CA THR C 136 67.68 32.39 23.83
C THR C 136 68.31 33.56 24.58
N HIS C 137 68.11 33.58 25.89
CA HIS C 137 68.66 34.67 26.68
C HIS C 137 68.49 34.36 28.16
N SER C 138 69.27 35.06 28.96
CA SER C 138 69.13 35.11 30.41
C SER C 138 68.23 36.28 30.78
N LEU C 139 67.75 36.28 32.02
CA LEU C 139 66.95 37.40 32.53
C LEU C 139 67.70 38.25 33.54
N GLY C 140 68.90 37.86 33.95
CA GLY C 140 69.64 38.61 34.95
C GLY C 140 70.56 39.71 34.42
N GLY C 141 71.17 39.50 33.25
CA GLY C 141 72.07 40.49 32.68
C GLY C 141 71.37 41.70 32.08
N GLY C 142 71.99 42.34 31.09
CA GLY C 142 71.42 43.54 30.52
C GLY C 142 71.00 43.40 29.06
N THR C 143 71.87 42.82 28.23
CA THR C 143 71.53 42.68 26.82
C THR C 143 70.47 41.60 26.63
N GLY C 144 70.79 40.36 27.05
CA GLY C 144 69.84 39.26 26.89
C GLY C 144 68.47 39.58 27.44
N SER C 145 68.41 40.03 28.69
CA SER C 145 67.13 40.31 29.35
C SER C 145 66.48 41.58 28.84
N GLY C 146 67.23 42.68 28.78
CA GLY C 146 66.67 43.97 28.41
C GLY C 146 66.47 44.18 26.92
N MET C 147 67.54 44.02 26.14
CA MET C 147 67.42 44.17 24.70
C MET C 147 66.61 43.02 24.12
N GLY C 148 66.78 41.83 24.69
CA GLY C 148 66.04 40.67 24.27
C GLY C 148 64.55 40.91 24.22
N THR C 149 63.97 41.36 25.34
CA THR C 149 62.53 41.63 25.35
C THR C 149 62.15 42.78 24.43
N LEU C 150 62.97 43.84 24.39
CA LEU C 150 62.72 44.92 23.44
C LEU C 150 62.68 44.36 22.02
N LEU C 151 63.61 43.46 21.70
CA LEU C 151 63.68 42.83 20.39
C LEU C 151 62.41 42.04 20.13
N ILE C 152 61.94 41.29 21.14
CA ILE C 152 60.67 40.57 20.98
C ILE C 152 59.54 41.54 20.66
N SER C 153 59.40 42.60 21.47
CA SER C 153 58.32 43.55 21.24
CA SER C 153 58.33 43.55 21.24
C SER C 153 58.36 44.13 19.83
N LYS C 154 59.56 44.46 19.34
CA LYS C 154 59.65 45.01 17.98
C LYS C 154 59.27 43.96 16.94
N ILE C 155 59.70 42.71 17.15
CA ILE C 155 59.32 41.64 16.23
C ILE C 155 57.81 41.42 16.22
N ARG C 156 57.22 41.36 17.41
CA ARG C 156 55.77 41.15 17.54
C ARG C 156 54.96 42.15 16.71
N GLU C 157 55.45 43.38 16.54
CA GLU C 157 54.68 44.35 15.76
C GLU C 157 54.65 43.99 14.29
N GLU C 158 55.75 43.47 13.78
CA GLU C 158 55.81 43.14 12.37
C GLU C 158 55.31 41.74 12.07
N TYR C 159 55.23 40.88 13.08
CA TYR C 159 54.83 39.49 12.89
C TYR C 159 53.84 39.16 13.99
N PRO C 160 52.75 39.94 14.06
CA PRO C 160 51.79 39.78 15.18
C PRO C 160 51.12 38.44 15.23
N ASP C 161 51.08 37.68 14.14
CA ASP C 161 50.39 36.42 14.11
C ASP C 161 51.35 35.24 14.11
N ARG C 162 52.63 35.48 14.39
CA ARG C 162 53.60 34.41 14.44
C ARG C 162 53.86 34.01 15.89
N ILE C 163 54.43 32.83 16.06
CA ILE C 163 54.69 32.31 17.39
C ILE C 163 56.00 32.89 17.92
N MET C 164 55.99 33.28 19.18
CA MET C 164 57.15 33.87 19.83
C MET C 164 57.57 32.90 20.92
N ASN C 165 58.70 32.21 20.74
CA ASN C 165 59.15 31.19 21.68
C ASN C 165 60.46 31.64 22.28
N THR C 166 60.64 31.42 23.59
CA THR C 166 61.82 31.90 24.29
C THR C 166 62.33 30.86 25.27
N PHE C 167 63.64 30.60 25.22
CA PHE C 167 64.34 29.84 26.25
C PHE C 167 64.96 30.83 27.22
N SER C 168 64.44 30.87 28.44
CA SER C 168 64.78 31.92 29.40
C SER C 168 65.43 31.32 30.63
N VAL C 169 66.63 31.80 30.95
CA VAL C 169 67.47 31.31 32.05
C VAL C 169 67.20 32.17 33.27
N MET C 170 66.64 31.57 34.31
CA MET C 170 66.34 32.34 35.51
C MET C 170 67.56 32.47 36.42
N PRO C 171 67.73 33.62 37.06
CA PRO C 171 68.92 33.86 37.90
C PRO C 171 68.85 33.09 39.21
N SER C 172 70.01 32.55 39.61
CA SER C 172 70.16 31.95 40.94
C SER C 172 71.39 32.50 41.65
N PRO C 173 71.27 32.96 42.89
CA PRO C 173 72.46 33.33 43.67
C PRO C 173 73.46 32.21 43.80
N LYS C 174 73.03 30.97 43.67
CA LYS C 174 73.97 29.86 43.65
C LYS C 174 74.96 29.96 42.52
N VAL C 175 74.74 30.84 41.55
CA VAL C 175 75.55 30.85 40.34
C VAL C 175 75.96 32.25 39.89
N SER C 176 75.32 33.29 40.40
CA SER C 176 75.72 34.65 40.06
C SER C 176 75.47 35.61 41.21
N ASP C 177 76.43 36.51 41.47
CA ASP C 177 76.25 37.50 42.56
C ASP C 177 76.29 38.91 41.98
N THR C 178 75.49 39.18 40.93
CA THR C 178 75.43 40.55 40.36
C THR C 178 74.45 41.38 41.20
N VAL C 179 73.75 40.76 42.15
CA VAL C 179 72.88 41.51 43.11
C VAL C 179 71.70 42.17 42.39
N VAL C 180 71.93 42.80 41.25
CA VAL C 180 70.82 43.54 40.57
C VAL C 180 69.96 42.57 39.76
N GLU C 181 70.40 41.32 39.61
CA GLU C 181 69.68 40.33 38.76
C GLU C 181 68.17 40.39 39.03
N PRO C 182 67.68 40.17 40.28
CA PRO C 182 66.24 40.18 40.57
C PRO C 182 65.49 41.37 40.01
N TYR C 183 66.17 42.48 39.73
CA TYR C 183 65.52 43.59 39.07
C TYR C 183 65.32 43.26 37.60
N ASN C 184 66.39 42.81 36.94
CA ASN C 184 66.33 42.53 35.52
C ASN C 184 65.41 41.35 35.22
N ALA C 185 65.42 40.33 36.09
CA ALA C 185 64.51 39.21 35.92
C ALA C 185 63.06 39.63 36.03
N THR C 186 62.71 40.36 37.09
CA THR C 186 61.33 40.78 37.28
C THR C 186 60.86 41.67 36.13
N LEU C 187 61.69 42.64 35.73
CA LEU C 187 61.28 43.46 34.60
C LEU C 187 61.20 42.65 33.32
N SER C 188 61.98 41.56 33.24
CA SER C 188 61.93 40.67 32.08
C SER C 188 60.67 39.81 32.09
N VAL C 189 60.38 39.21 33.24
CA VAL C 189 59.21 38.35 33.35
C VAL C 189 57.93 39.13 33.07
N HIS C 190 57.87 40.39 33.51
CA HIS C 190 56.77 41.29 33.17
C HIS C 190 56.53 41.36 31.67
N GLN C 191 57.60 41.30 30.87
CA GLN C 191 57.50 41.44 29.41
C GLN C 191 57.12 40.11 28.78
N LEU C 192 57.70 39.02 29.25
CA LEU C 192 57.42 37.71 28.67
C LEU C 192 55.94 37.35 28.83
N VAL C 193 55.35 37.65 30.00
CA VAL C 193 53.93 37.41 30.20
C VAL C 193 53.07 38.02 29.10
N GLU C 194 53.41 39.21 28.62
CA GLU C 194 52.54 39.89 27.66
C GLU C 194 52.85 39.60 26.21
N ASN C 195 54.10 39.26 25.87
CA ASN C 195 54.58 39.37 24.50
C ASN C 195 55.16 38.07 23.96
N THR C 196 55.28 37.02 24.77
CA THR C 196 55.68 35.72 24.25
C THR C 196 54.51 34.74 24.33
N ASP C 197 54.51 33.78 23.39
CA ASP C 197 53.51 32.72 23.31
C ASP C 197 53.86 31.52 24.19
N GLU C 198 55.14 31.14 24.24
CA GLU C 198 55.56 30.02 25.08
C GLU C 198 57.00 30.22 25.51
N THR C 199 57.24 30.05 26.81
CA THR C 199 58.55 30.28 27.41
C THR C 199 58.99 29.07 28.23
N TYR C 200 60.15 28.52 27.90
CA TYR C 200 60.74 27.45 28.71
C TYR C 200 61.55 28.13 29.82
N CYS C 201 61.23 27.84 31.07
CA CYS C 201 61.97 28.39 32.21
C CYS C 201 63.15 27.50 32.56
N ILE C 202 64.33 27.89 32.12
CA ILE C 202 65.57 27.21 32.47
C ILE C 202 66.13 27.89 33.72
N ASP C 203 65.96 27.26 34.86
CA ASP C 203 66.26 27.83 36.16
C ASP C 203 67.66 27.41 36.59
N ASN C 204 68.57 28.38 36.70
CA ASN C 204 69.94 28.09 37.07
C ASN C 204 70.04 27.42 38.44
N GLU C 205 69.06 27.69 39.31
CA GLU C 205 69.03 26.98 40.59
C GLU C 205 68.94 25.47 40.37
N ALA C 206 68.09 25.03 39.42
CA ALA C 206 67.98 23.59 39.16
C ALA C 206 69.25 23.05 38.55
N LEU C 207 69.85 23.75 37.58
CA LEU C 207 71.06 23.22 36.96
C LEU C 207 72.16 23.08 38.00
N TYR C 208 72.33 24.08 38.87
CA TYR C 208 73.37 23.96 39.90
C TYR C 208 73.08 22.79 40.82
N ASP C 209 71.81 22.63 41.22
CA ASP C 209 71.48 21.59 42.18
C ASP C 209 71.66 20.20 41.56
N ILE C 210 71.42 20.09 40.26
CA ILE C 210 71.59 18.80 39.59
C ILE C 210 73.06 18.47 39.44
N CYS C 211 73.89 19.45 39.07
CA CYS C 211 75.33 19.22 38.98
C CYS C 211 75.93 18.90 40.34
N PHE C 212 75.44 19.54 41.39
CA PHE C 212 76.02 19.36 42.72
C PHE C 212 75.50 18.10 43.41
N ARG C 213 74.20 18.09 43.71
CA ARG C 213 73.64 16.94 44.45
C ARG C 213 73.66 15.71 43.54
N THR C 214 72.99 15.76 42.40
CA THR C 214 72.89 14.56 41.54
C THR C 214 74.23 14.28 40.85
N LEU C 215 74.64 15.12 39.89
CA LEU C 215 75.86 14.81 39.09
C LEU C 215 77.11 14.87 39.96
N LYS C 216 77.01 15.41 41.17
CA LYS C 216 78.17 15.42 42.10
C LYS C 216 79.35 16.11 41.42
N LEU C 217 79.26 17.42 41.24
CA LEU C 217 80.37 18.20 40.62
C LEU C 217 80.52 19.49 41.42
N THR C 218 80.92 19.38 42.68
CA THR C 218 81.10 20.58 43.56
C THR C 218 81.75 21.70 42.76
N THR C 219 81.33 22.95 42.99
CA THR C 219 81.87 24.11 42.24
C THR C 219 81.75 23.86 40.73
N PRO C 220 80.52 23.73 40.17
CA PRO C 220 80.38 23.44 38.73
C PRO C 220 80.46 24.69 37.88
N THR C 221 80.89 24.51 36.64
CA THR C 221 81.13 25.62 35.73
C THR C 221 79.96 25.78 34.77
N TYR C 222 79.94 26.94 34.10
CA TYR C 222 78.93 27.22 33.08
C TYR C 222 78.85 26.11 32.05
N GLY C 223 80.00 25.56 31.64
CA GLY C 223 80.00 24.44 30.73
C GLY C 223 79.18 23.27 31.25
N ASP C 224 79.19 23.05 32.57
CA ASP C 224 78.40 21.97 33.15
C ASP C 224 76.91 22.28 33.06
N LEU C 225 76.53 23.49 33.43
CA LEU C 225 75.13 23.89 33.37
C LEU C 225 74.63 23.75 31.94
N ASN C 226 75.38 24.29 30.98
CA ASN C 226 74.95 24.32 29.59
C ASN C 226 74.86 22.92 28.99
N HIS C 227 75.53 21.92 29.56
CA HIS C 227 75.27 20.55 29.13
C HIS C 227 73.85 20.13 29.45
N LEU C 228 73.29 20.63 30.54
CA LEU C 228 71.90 20.30 30.88
C LEU C 228 70.97 21.11 30.00
N VAL C 229 71.32 22.36 29.76
CA VAL C 229 70.50 23.21 28.92
C VAL C 229 70.48 22.66 27.50
N SER C 230 71.65 22.38 26.95
CA SER C 230 71.72 21.88 25.58
C SER C 230 70.94 20.58 25.45
N ALA C 231 71.18 19.63 26.36
CA ALA C 231 70.33 18.44 26.47
C ALA C 231 68.85 18.80 26.43
N THR C 232 68.44 19.70 27.33
CA THR C 232 67.04 20.09 27.45
C THR C 232 66.50 20.70 26.15
N MET C 233 67.21 21.70 25.63
CA MET C 233 66.73 22.35 24.41
C MET C 233 66.60 21.34 23.29
N SER C 234 67.59 20.47 23.14
CA SER C 234 67.48 19.41 22.13
C SER C 234 66.24 18.57 22.37
N GLY C 235 65.96 18.25 23.63
CA GLY C 235 64.79 17.45 23.96
C GLY C 235 63.48 18.09 23.53
N VAL C 236 63.25 19.34 23.93
CA VAL C 236 61.93 19.95 23.72
C VAL C 236 61.71 20.37 22.28
N THR C 237 62.73 20.28 21.43
CA THR C 237 62.62 20.62 20.01
C THR C 237 62.67 19.38 19.13
N THR C 238 62.68 18.19 19.72
CA THR C 238 62.75 16.95 18.93
CA THR C 238 62.75 16.95 18.93
C THR C 238 61.58 16.85 17.97
N CYS C 239 60.36 17.04 18.48
CA CYS C 239 59.19 16.89 17.62
CA CYS C 239 59.17 16.92 17.65
C CYS C 239 59.12 17.97 16.54
N LEU C 240 59.84 19.08 16.71
CA LEU C 240 59.89 20.11 15.67
C LEU C 240 60.87 19.78 14.56
N ARG C 241 61.81 18.85 14.81
CA ARG C 241 62.95 18.64 13.94
C ARG C 241 62.88 17.33 13.18
N PHE C 242 62.03 16.40 13.60
CA PHE C 242 61.85 15.12 12.95
C PHE C 242 60.40 14.90 12.56
N PRO C 243 60.15 14.05 11.57
CA PRO C 243 58.76 13.69 11.20
C PRO C 243 57.97 13.11 12.36
N GLY C 244 56.73 13.55 12.48
CA GLY C 244 55.90 13.17 13.62
C GLY C 244 54.54 13.81 13.54
N GLN C 245 53.62 13.31 14.38
CA GLN C 245 52.21 13.68 14.28
C GLN C 245 51.77 14.62 15.39
N LEU C 246 52.57 14.75 16.44
CA LEU C 246 52.17 15.43 17.68
C LEU C 246 53.12 16.59 17.97
N ASN C 247 52.55 17.78 18.13
CA ASN C 247 53.32 19.00 18.40
C ASN C 247 54.43 19.23 17.38
N ALA C 248 54.11 19.01 16.10
CA ALA C 248 55.12 19.09 15.05
C ALA C 248 55.48 20.52 14.68
N ASP C 249 54.83 21.51 15.30
CA ASP C 249 55.13 22.91 15.02
C ASP C 249 54.76 23.75 16.23
N LEU C 250 55.26 24.99 16.24
CA LEU C 250 55.22 25.83 17.43
C LEU C 250 53.79 26.15 17.82
N ARG C 251 52.92 26.37 16.84
CA ARG C 251 51.53 26.70 17.14
C ARG C 251 50.76 25.51 17.67
N LYS C 252 50.98 24.32 17.12
CA LYS C 252 50.30 23.16 17.67
C LYS C 252 50.74 22.90 19.11
N LEU C 253 52.02 23.13 19.40
CA LEU C 253 52.49 23.03 20.78
C LEU C 253 51.73 24.01 21.65
N ALA C 254 51.60 25.25 21.19
CA ALA C 254 50.97 26.29 22.00
C ALA C 254 49.51 25.94 22.25
N VAL C 255 48.82 25.39 21.25
CA VAL C 255 47.43 25.00 21.41
C VAL C 255 47.27 23.85 22.42
N ASN C 256 48.21 22.88 22.42
CA ASN C 256 48.18 21.81 23.41
C ASN C 256 48.65 22.26 24.80
N MET C 257 49.56 23.24 24.87
CA MET C 257 50.21 23.57 26.14
C MET C 257 49.68 24.82 26.82
N VAL C 258 49.07 25.75 26.10
CA VAL C 258 48.72 27.01 26.73
C VAL C 258 47.21 27.17 26.82
N PRO C 259 46.61 26.78 27.95
CA PRO C 259 45.15 26.85 28.11
C PRO C 259 44.67 28.28 28.36
N PHE C 260 45.50 29.08 29.03
CA PHE C 260 45.20 30.49 29.20
C PHE C 260 46.39 31.37 28.84
N PRO C 261 46.14 32.49 28.15
CA PRO C 261 47.24 33.25 27.54
C PRO C 261 48.44 33.51 28.42
N ARG C 262 48.23 33.92 29.67
CA ARG C 262 49.35 34.30 30.53
C ARG C 262 50.09 33.11 31.12
N LEU C 263 49.43 31.95 31.21
CA LEU C 263 50.02 30.78 31.84
C LEU C 263 50.80 29.97 30.78
N HIS C 264 51.87 30.57 30.28
CA HIS C 264 52.62 30.00 29.16
C HIS C 264 54.09 29.79 29.52
N PHE C 265 54.37 29.52 30.80
CA PHE C 265 55.71 29.27 31.28
C PHE C 265 55.87 27.78 31.61
N PHE C 266 56.72 27.09 30.87
CA PHE C 266 56.79 25.64 30.90
C PHE C 266 57.91 25.16 31.81
N MET C 267 57.65 24.04 32.50
CA MET C 267 58.67 23.39 33.33
C MET C 267 59.36 22.28 32.53
N PRO C 268 60.61 22.47 32.10
CA PRO C 268 61.32 21.41 31.39
C PRO C 268 61.85 20.32 32.31
N GLY C 269 61.97 19.12 31.76
CA GLY C 269 62.52 18.00 32.51
C GLY C 269 63.25 17.05 31.60
N PHE C 270 64.28 16.38 32.14
CA PHE C 270 65.09 15.48 31.36
C PHE C 270 65.49 14.27 32.19
N ALA C 271 65.53 13.11 31.52
CA ALA C 271 66.03 11.86 32.05
C ALA C 271 66.62 11.03 30.91
N PRO C 272 67.70 10.31 31.17
CA PRO C 272 68.42 10.30 32.44
C PRO C 272 69.42 11.44 32.50
N LEU C 273 69.81 11.83 33.72
CA LEU C 273 70.80 12.88 33.93
C LEU C 273 72.20 12.29 33.94
N THR C 274 73.06 12.81 33.05
CA THR C 274 74.44 12.36 32.96
C THR C 274 75.40 13.54 32.78
N ARG C 282 75.49 3.13 32.81
CA ARG C 282 74.39 2.22 33.12
C ARG C 282 73.10 2.68 32.44
N ALA C 283 72.36 1.74 31.88
CA ALA C 283 71.15 2.03 31.12
C ALA C 283 69.90 1.56 31.86
N LEU C 284 68.78 2.17 31.54
CA LEU C 284 67.56 2.03 32.31
C LEU C 284 66.39 1.80 31.36
N THR C 285 65.27 1.37 31.94
CA THR C 285 64.17 0.83 31.17
C THR C 285 63.12 1.92 30.97
N VAL C 286 62.01 1.56 30.36
CA VAL C 286 60.97 2.53 30.02
C VAL C 286 60.21 2.90 31.28
N PRO C 287 59.87 1.94 32.15
CA PRO C 287 59.29 2.31 33.45
C PRO C 287 60.15 3.27 34.24
N GLU C 288 61.46 3.07 34.24
CA GLU C 288 62.33 3.97 35.00
C GLU C 288 62.32 5.35 34.38
N LEU C 289 62.47 5.42 33.06
CA LEU C 289 62.40 6.68 32.35
C LEU C 289 61.15 7.47 32.71
N THR C 290 60.01 6.79 32.81
CA THR C 290 58.74 7.49 33.03
C THR C 290 58.66 8.05 34.45
N GLN C 291 59.05 7.23 35.43
CA GLN C 291 59.02 7.65 36.83
C GLN C 291 59.88 8.88 37.08
N GLN C 292 61.10 8.88 36.51
CA GLN C 292 62.07 9.95 36.78
C GLN C 292 61.63 11.30 36.23
N MET C 293 61.10 11.31 35.00
CA MET C 293 60.75 12.56 34.35
C MET C 293 59.63 13.30 35.08
N PHE C 294 58.86 12.61 35.91
CA PHE C 294 57.81 13.25 36.70
C PHE C 294 58.26 13.56 38.12
N ASP C 295 59.53 13.25 38.45
CA ASP C 295 60.14 13.46 39.78
C ASP C 295 60.76 14.85 39.89
N SER C 296 60.42 15.55 40.98
CA SER C 296 60.87 16.94 41.16
C SER C 296 62.36 17.12 40.96
N LYS C 297 63.16 16.07 41.17
CA LYS C 297 64.62 16.20 41.04
C LYS C 297 65.13 16.17 39.60
N ASN C 298 64.29 15.83 38.63
CA ASN C 298 64.70 15.88 37.22
C ASN C 298 64.20 17.13 36.50
N MET C 299 63.61 18.08 37.25
CA MET C 299 63.07 19.31 36.69
C MET C 299 64.16 20.38 36.55
N MET C 300 64.19 21.04 35.38
CA MET C 300 65.13 22.12 35.09
C MET C 300 64.69 23.46 35.64
N ALA C 301 63.70 23.40 36.52
CA ALA C 301 63.20 24.60 37.22
C ALA C 301 63.08 24.22 38.70
N ALA C 302 63.51 25.10 39.59
CA ALA C 302 63.52 24.80 41.04
C ALA C 302 62.10 24.66 41.57
N CYS C 303 61.33 23.71 41.05
CA CYS C 303 59.92 23.62 41.49
C CYS C 303 59.54 22.16 41.74
N ASP C 304 58.82 21.91 42.82
CA ASP C 304 58.32 20.57 43.12
C ASP C 304 56.94 20.41 42.50
N PRO C 305 56.78 19.50 41.53
CA PRO C 305 55.47 19.35 40.90
C PRO C 305 54.43 18.73 41.84
N ARG C 306 54.84 18.04 42.90
CA ARG C 306 53.89 17.61 43.95
C ARG C 306 53.31 18.77 44.74
N HIS C 307 53.75 19.99 44.49
CA HIS C 307 53.29 21.17 45.21
C HIS C 307 52.28 21.95 44.39
N GLY C 308 51.94 21.44 43.22
CA GLY C 308 50.96 22.04 42.35
C GLY C 308 50.28 20.96 41.55
N ARG C 309 49.58 21.35 40.49
CA ARG C 309 48.90 20.44 39.60
C ARG C 309 49.28 20.73 38.17
N TYR C 310 49.29 19.69 37.34
CA TYR C 310 49.62 19.86 35.94
C TYR C 310 48.37 20.34 35.19
N LEU C 311 48.50 21.42 34.45
CA LEU C 311 47.47 21.80 33.48
C LEU C 311 47.61 20.98 32.22
N THR C 312 48.85 20.78 31.77
CA THR C 312 49.11 20.06 30.53
C THR C 312 50.53 19.55 30.61
N VAL C 313 50.80 18.48 29.89
CA VAL C 313 52.11 17.85 29.86
C VAL C 313 52.31 17.28 28.46
N ALA C 314 53.47 17.52 27.88
CA ALA C 314 53.95 16.76 26.73
C ALA C 314 55.12 15.90 27.16
N ALA C 315 55.10 14.62 26.78
CA ALA C 315 56.23 13.75 27.02
C ALA C 315 56.80 13.33 25.67
N ILE C 316 58.13 13.23 25.60
CA ILE C 316 58.84 12.86 24.38
C ILE C 316 59.87 11.80 24.70
N PHE C 317 59.68 10.59 24.17
CA PHE C 317 60.62 9.51 24.34
C PHE C 317 61.45 9.36 23.06
N ARG C 318 62.77 9.25 23.22
CA ARG C 318 63.71 9.13 22.11
C ARG C 318 64.50 7.84 22.25
N GLY C 319 64.62 7.09 21.14
CA GLY C 319 65.32 5.82 21.11
C GLY C 319 64.45 4.69 20.62
N ARG C 320 65.09 3.52 20.51
CA ARG C 320 64.39 2.28 20.16
C ARG C 320 63.79 1.67 21.41
N MET C 321 62.47 1.48 21.39
CA MET C 321 61.76 0.92 22.54
C MET C 321 60.34 0.50 22.13
N SER C 322 59.68 -0.21 23.05
CA SER C 322 58.33 -0.73 22.84
C SER C 322 57.30 0.38 23.04
N MET C 323 56.58 0.70 21.97
CA MET C 323 55.56 1.73 22.06
C MET C 323 54.44 1.31 23.01
N LYS C 324 54.07 0.03 22.96
CA LYS C 324 53.15 -0.53 23.94
C LYS C 324 53.62 -0.25 25.35
N GLU C 325 54.89 -0.55 25.64
CA GLU C 325 55.41 -0.30 26.97
C GLU C 325 55.29 1.18 27.34
N VAL C 326 55.58 2.07 26.40
CA VAL C 326 55.46 3.50 26.69
C VAL C 326 54.02 3.87 27.02
N ASP C 327 53.06 3.48 26.18
CA ASP C 327 51.66 3.81 26.45
C ASP C 327 51.22 3.36 27.84
N GLU C 328 51.47 2.10 28.18
CA GLU C 328 51.10 1.58 29.50
C GLU C 328 51.74 2.36 30.63
N GLN C 329 53.06 2.53 30.59
CA GLN C 329 53.75 3.24 31.67
C GLN C 329 53.23 4.67 31.82
N MET C 330 52.89 5.31 30.72
CA MET C 330 52.33 6.65 30.81
C MET C 330 50.99 6.64 31.54
N LEU C 331 50.10 5.70 31.18
CA LEU C 331 48.82 5.60 31.87
C LEU C 331 49.00 5.35 33.37
N ASN C 332 49.90 4.44 33.74
CA ASN C 332 50.15 4.16 35.15
C ASN C 332 50.48 5.45 35.91
N VAL C 333 51.36 6.27 35.35
CA VAL C 333 51.87 7.43 36.08
C VAL C 333 50.79 8.50 36.21
N GLN C 334 49.93 8.63 35.19
CA GLN C 334 48.80 9.55 35.32
C GLN C 334 47.83 9.08 36.39
N ASN C 335 47.52 7.77 36.40
CA ASN C 335 46.60 7.20 37.36
C ASN C 335 47.15 7.25 38.77
N LYS C 336 48.39 6.76 38.95
CA LYS C 336 49.01 6.75 40.25
C LYS C 336 49.13 8.15 40.83
N ASN C 337 49.15 9.17 39.97
CA ASN C 337 49.39 10.56 40.37
C ASN C 337 48.21 11.44 39.95
N SER C 338 47.04 10.82 39.80
CA SER C 338 45.82 11.48 39.35
C SER C 338 45.54 12.78 40.11
N SER C 339 45.88 12.83 41.40
CA SER C 339 45.56 14.01 42.19
C SER C 339 46.28 15.25 41.67
N TYR C 340 47.43 15.06 41.01
CA TYR C 340 48.27 16.16 40.55
C TYR C 340 47.96 16.60 39.11
N PHE C 341 46.84 16.16 38.52
CA PHE C 341 46.37 16.63 37.23
C PHE C 341 44.97 17.23 37.36
N VAL C 342 44.76 18.41 36.77
CA VAL C 342 43.44 19.04 36.82
C VAL C 342 42.46 18.17 36.05
N GLU C 343 41.33 17.85 36.69
CA GLU C 343 40.33 16.98 36.06
C GLU C 343 39.54 17.69 34.96
N TRP C 344 39.49 19.02 34.96
CA TRP C 344 38.73 19.80 33.98
C TRP C 344 39.48 20.02 32.65
N ILE C 345 40.60 19.34 32.43
CA ILE C 345 41.18 19.18 31.09
C ILE C 345 41.38 17.69 30.77
N PRO C 346 40.37 17.03 30.20
CA PRO C 346 40.51 15.61 29.89
C PRO C 346 41.69 15.35 28.96
N ASN C 347 42.35 14.21 29.17
CA ASN C 347 43.41 13.73 28.31
C ASN C 347 44.48 14.80 28.02
N ASN C 348 45.02 15.38 29.08
CA ASN C 348 45.90 16.55 28.94
C ASN C 348 47.39 16.19 28.87
N VAL C 349 47.77 14.92 28.89
CA VAL C 349 49.16 14.49 28.75
C VAL C 349 49.35 13.84 27.38
N LYS C 350 50.04 14.51 26.46
CA LYS C 350 50.34 13.94 25.14
C LYS C 350 51.77 13.38 25.12
N THR C 351 51.99 12.40 24.23
CA THR C 351 53.25 11.66 24.24
C THR C 351 53.78 11.39 22.83
N ALA C 352 54.97 11.91 22.54
CA ALA C 352 55.64 11.70 21.27
C ALA C 352 56.80 10.73 21.46
N VAL C 353 57.09 9.95 20.42
CA VAL C 353 58.18 8.97 20.44
C VAL C 353 58.98 9.08 19.15
N CYS C 354 60.15 9.71 19.22
CA CYS C 354 61.02 9.82 18.06
C CYS C 354 62.09 8.74 18.20
N ASP C 355 62.20 7.88 17.18
CA ASP C 355 63.05 6.69 17.28
C ASP C 355 64.52 6.98 17.14
N ILE C 356 64.91 8.23 16.87
CA ILE C 356 66.32 8.58 16.75
C ILE C 356 66.77 9.12 18.10
N PRO C 357 67.60 8.39 18.84
CA PRO C 357 68.07 8.88 20.14
C PRO C 357 69.10 9.98 19.94
N PRO C 358 69.32 10.82 20.95
CA PRO C 358 70.43 11.79 20.85
C PRO C 358 71.78 11.08 20.93
N ARG C 359 72.82 11.83 20.57
CA ARG C 359 74.18 11.30 20.58
C ARG C 359 74.57 10.83 21.97
N GLY C 360 74.97 9.57 22.08
CA GLY C 360 75.50 8.99 23.30
C GLY C 360 74.49 8.12 24.04
N LEU C 361 73.24 8.55 24.17
CA LEU C 361 72.27 7.79 24.96
C LEU C 361 71.59 6.75 24.08
N LYS C 362 71.00 5.74 24.72
CA LYS C 362 70.21 4.76 23.98
C LYS C 362 68.73 5.10 24.00
N MET C 363 68.26 5.78 25.05
CA MET C 363 66.91 6.36 25.06
C MET C 363 66.86 7.40 26.16
N SER C 364 66.00 8.40 25.96
CA SER C 364 65.92 9.53 26.87
C SER C 364 64.47 10.02 26.89
N ALA C 365 64.07 10.61 28.01
CA ALA C 365 62.77 11.26 28.12
C ALA C 365 62.96 12.75 28.34
N THR C 366 62.04 13.50 27.77
CA THR C 366 61.99 14.96 27.92
C THR C 366 60.59 15.36 28.34
N PHE C 367 60.52 16.19 29.39
CA PHE C 367 59.27 16.54 30.03
C PHE C 367 59.03 18.02 29.78
N ILE C 368 57.81 18.36 29.36
CA ILE C 368 57.37 19.74 29.25
C ILE C 368 56.06 19.88 30.01
N GLY C 369 56.10 20.55 31.16
CA GLY C 369 54.95 20.67 32.03
C GLY C 369 54.46 22.09 32.15
N ASN C 370 53.14 22.25 32.06
CA ASN C 370 52.49 23.48 32.46
C ASN C 370 51.87 23.17 33.83
N SER C 371 52.66 23.36 34.88
CA SER C 371 52.24 23.08 36.25
C SER C 371 52.08 24.37 37.05
N THR C 372 51.03 24.41 37.87
CA THR C 372 50.80 25.54 38.77
C THR C 372 51.89 25.67 39.82
N ALA C 373 52.72 24.63 40.02
CA ALA C 373 53.81 24.72 40.97
C ALA C 373 54.94 25.63 40.52
N ILE C 374 54.93 26.08 39.26
CA ILE C 374 55.98 26.99 38.81
CA ILE C 374 55.96 26.99 38.79
C ILE C 374 55.90 28.33 39.53
N GLN C 375 54.77 28.63 40.16
CA GLN C 375 54.68 29.83 40.97
C GLN C 375 55.76 29.87 42.04
N GLU C 376 56.37 28.71 42.37
CA GLU C 376 57.47 28.72 43.33
C GLU C 376 58.66 29.44 42.75
N LEU C 377 58.87 29.31 41.43
CA LEU C 377 60.01 29.97 40.80
C LEU C 377 59.78 31.48 40.81
N PHE C 378 58.57 31.90 40.43
CA PHE C 378 58.24 33.32 40.45
C PHE C 378 58.20 33.88 41.87
N LYS C 379 57.73 33.08 42.83
CA LYS C 379 57.66 33.58 44.21
C LYS C 379 59.06 33.82 44.75
N ARG C 380 59.99 32.95 44.41
CA ARG C 380 61.37 33.11 44.88
C ARG C 380 62.02 34.36 44.29
N ILE C 381 61.83 34.59 42.99
CA ILE C 381 62.29 35.84 42.39
C ILE C 381 61.58 37.04 43.03
N SER C 382 60.27 36.95 43.18
CA SER C 382 59.53 38.07 43.76
C SER C 382 60.04 38.40 45.16
N GLU C 383 60.18 37.37 46.00
CA GLU C 383 60.72 37.60 47.35
C GLU C 383 62.00 38.41 47.31
N GLN C 384 62.92 38.05 46.41
CA GLN C 384 64.19 38.76 46.33
C GLN C 384 64.00 40.18 45.89
N PHE C 385 63.27 40.36 44.79
CA PHE C 385 62.99 41.68 44.24
C PHE C 385 62.49 42.61 45.33
N THR C 386 61.53 42.14 46.15
CA THR C 386 60.98 42.99 47.18
C THR C 386 62.01 43.25 48.27
N ALA C 387 62.94 42.32 48.48
CA ALA C 387 63.97 42.45 49.50
C ALA C 387 65.02 43.48 49.13
N MET C 388 64.88 44.14 47.98
CA MET C 388 65.81 45.14 47.51
C MET C 388 65.04 46.40 47.19
N PHE C 389 63.96 46.26 46.41
CA PHE C 389 63.14 47.42 46.08
C PHE C 389 62.51 48.01 47.32
N ARG C 390 62.39 47.23 48.40
CA ARG C 390 61.83 47.77 49.62
C ARG C 390 62.76 48.80 50.26
N ARG C 391 64.05 48.72 49.98
CA ARG C 391 65.02 49.70 50.42
C ARG C 391 65.34 50.73 49.35
N LYS C 392 64.74 50.57 48.17
CA LYS C 392 65.03 51.49 47.04
C LYS C 392 66.49 51.30 46.66
N ALA C 393 67.08 50.18 47.08
CA ALA C 393 68.50 49.92 46.79
C ALA C 393 68.75 49.98 45.28
N PHE C 394 69.97 50.33 44.88
CA PHE C 394 70.39 50.35 43.44
C PHE C 394 69.33 50.90 42.48
N LEU C 395 68.30 51.58 42.98
CA LEU C 395 67.33 52.18 42.04
C LEU C 395 68.07 53.18 41.16
N HIS C 396 69.35 53.42 41.44
CA HIS C 396 70.07 54.46 40.72
C HIS C 396 70.42 53.99 39.29
N TRP C 397 70.94 52.76 39.15
CA TRP C 397 71.32 52.29 37.81
C TRP C 397 70.18 52.46 36.82
N TYR C 398 68.93 52.33 37.27
CA TYR C 398 67.79 52.26 36.38
C TYR C 398 67.13 53.63 36.21
N THR C 399 66.82 54.31 37.31
CA THR C 399 66.40 55.71 37.23
C THR C 399 67.46 56.55 36.53
N GLY C 400 68.73 56.19 36.71
CA GLY C 400 69.80 56.86 36.02
C GLY C 400 69.57 56.97 34.53
N GLU C 401 69.14 55.88 33.91
CA GLU C 401 68.85 55.88 32.49
C GLU C 401 67.46 56.43 32.17
N GLY C 402 66.77 56.98 33.17
CA GLY C 402 65.56 57.76 32.98
C GLY C 402 64.30 56.99 33.28
N MET C 403 64.42 55.75 33.74
CA MET C 403 63.27 54.94 34.07
C MET C 403 62.57 55.53 35.31
N ASP C 404 61.27 55.28 35.42
CA ASP C 404 60.49 55.88 36.48
C ASP C 404 60.35 54.94 37.67
N GLU C 405 59.78 55.49 38.74
CA GLU C 405 59.47 54.72 39.94
C GLU C 405 58.49 53.59 39.65
N MET C 406 57.37 53.92 39.00
CA MET C 406 56.27 53.00 38.76
C MET C 406 56.76 51.69 38.15
N GLU C 407 57.31 51.76 36.94
CA GLU C 407 57.73 50.54 36.20
C GLU C 407 58.10 49.43 37.19
N PHE C 408 59.02 49.71 38.09
CA PHE C 408 59.48 48.66 39.00
C PHE C 408 58.32 48.09 39.80
N THR C 409 57.38 48.94 40.22
CA THR C 409 56.22 48.49 40.96
C THR C 409 55.26 47.71 40.06
N GLU C 410 55.04 48.17 38.82
CA GLU C 410 54.09 47.46 37.97
C GLU C 410 54.56 46.04 37.73
N ALA C 411 55.86 45.86 37.48
CA ALA C 411 56.37 44.50 37.33
C ALA C 411 56.13 43.69 38.60
N GLU C 412 56.16 44.36 39.76
CA GLU C 412 55.96 43.65 41.02
C GLU C 412 54.55 43.08 41.12
N SER C 413 53.53 43.93 40.95
CA SER C 413 52.16 43.46 41.06
C SER C 413 51.77 42.57 39.88
N ASN C 414 52.27 42.86 38.68
CA ASN C 414 51.95 42.04 37.52
C ASN C 414 52.37 40.59 37.73
N MET C 415 53.57 40.38 38.25
CA MET C 415 54.00 39.02 38.51
C MET C 415 53.31 38.43 39.73
N ASN C 416 52.92 39.27 40.69
CA ASN C 416 52.04 38.78 41.74
C ASN C 416 50.80 38.14 41.13
N ASP C 417 50.16 38.88 40.21
CA ASP C 417 48.97 38.38 39.53
C ASP C 417 49.25 37.03 38.89
N LEU C 418 50.38 36.91 38.19
CA LEU C 418 50.68 35.65 37.54
C LEU C 418 50.69 34.54 38.57
N VAL C 419 51.34 34.77 39.71
CA VAL C 419 51.35 33.76 40.76
C VAL C 419 49.93 33.50 41.25
N SER C 420 49.13 34.56 41.36
CA SER C 420 47.71 34.39 41.73
C SER C 420 46.95 33.53 40.74
N GLU C 421 47.19 33.70 39.43
CA GLU C 421 46.44 32.92 38.45
C GLU C 421 46.80 31.45 38.51
N TYR C 422 48.10 31.15 38.56
CA TYR C 422 48.52 29.77 38.71
C TYR C 422 47.86 29.15 39.93
N GLN C 423 47.82 29.88 41.03
CA GLN C 423 47.16 29.38 42.24
C GLN C 423 45.65 29.22 42.01
N GLN C 424 45.03 30.20 41.38
CA GLN C 424 43.58 30.20 41.24
C GLN C 424 43.11 28.97 40.45
N TYR C 425 43.86 28.57 39.41
CA TYR C 425 43.50 27.40 38.65
C TYR C 425 43.95 26.09 39.30
N GLN C 426 44.97 26.13 40.17
CA GLN C 426 45.33 24.95 40.95
C GLN C 426 44.23 24.56 41.94
N ASP C 427 43.58 25.54 42.55
CA ASP C 427 42.56 25.27 43.55
C ASP C 427 41.21 24.94 42.93
N ALA C 428 41.03 25.28 41.66
CA ALA C 428 39.72 25.11 41.02
C ALA C 428 39.35 23.65 40.87
N THR C 429 38.05 23.39 40.82
CA THR C 429 37.52 22.04 40.77
C THR C 429 36.59 21.89 39.57
N ALA C 430 36.34 20.64 39.19
CA ALA C 430 35.48 20.36 38.05
C ALA C 430 34.00 20.45 38.38
N ASP C 431 33.64 20.39 39.65
CA ASP C 431 32.25 20.46 40.06
C ASP C 431 32.06 21.47 41.18
N MET D 1 -70.42 -26.49 -25.81
CA MET D 1 -71.85 -26.57 -25.48
C MET D 1 -72.69 -25.89 -26.55
N GLU D 2 -72.55 -24.59 -26.71
CA GLU D 2 -73.27 -23.83 -27.72
C GLU D 2 -72.25 -23.26 -28.69
N VAL D 3 -72.44 -23.51 -29.99
CA VAL D 3 -71.55 -23.02 -31.02
C VAL D 3 -72.13 -21.77 -31.67
N ILE D 4 -71.28 -20.78 -31.90
CA ILE D 4 -71.73 -19.48 -32.37
C ILE D 4 -70.76 -18.97 -33.43
N GLU D 5 -71.31 -18.20 -34.37
CA GLU D 5 -70.53 -17.40 -35.31
C GLU D 5 -69.52 -18.23 -36.11
N LEU D 6 -69.93 -19.43 -36.53
CA LEU D 6 -69.09 -20.32 -37.32
C LEU D 6 -68.71 -19.73 -38.67
N ASN D 7 -67.42 -19.39 -38.81
CA ASN D 7 -66.81 -18.88 -40.04
C ASN D 7 -65.92 -19.93 -40.70
N LYS D 8 -66.18 -20.23 -41.98
CA LYS D 8 -65.36 -21.17 -42.74
C LYS D 8 -64.59 -20.46 -43.84
N CYS D 9 -63.45 -21.05 -44.21
CA CYS D 9 -62.69 -20.65 -45.37
C CYS D 9 -61.85 -21.85 -45.82
N THR D 10 -61.10 -21.66 -46.91
CA THR D 10 -60.24 -22.73 -47.39
C THR D 10 -59.07 -22.97 -46.43
N SER D 11 -58.73 -21.98 -45.61
CA SER D 11 -57.65 -22.07 -44.63
C SER D 11 -58.09 -22.78 -43.36
N GLY D 12 -59.33 -22.58 -42.91
CA GLY D 12 -59.78 -23.25 -41.70
C GLY D 12 -61.12 -22.73 -41.24
N GLN D 13 -61.36 -22.83 -39.93
CA GLN D 13 -62.60 -22.33 -39.37
C GLN D 13 -62.31 -21.68 -38.03
N SER D 14 -63.21 -20.76 -37.68
CA SER D 14 -63.27 -20.13 -36.38
C SER D 14 -64.72 -20.18 -35.92
N PHE D 15 -64.88 -20.16 -34.61
CA PHE D 15 -66.21 -20.07 -34.01
C PHE D 15 -66.01 -19.79 -32.54
N GLU D 16 -67.10 -19.43 -31.88
CA GLU D 16 -67.08 -19.17 -30.45
C GLU D 16 -68.05 -20.11 -29.75
N VAL D 17 -67.60 -20.74 -28.67
CA VAL D 17 -68.43 -21.68 -27.92
C VAL D 17 -68.58 -21.13 -26.51
N ILE D 18 -69.82 -20.78 -26.16
CA ILE D 18 -70.12 -20.14 -24.88
C ILE D 18 -70.77 -21.19 -23.97
N LEU D 19 -70.17 -21.38 -22.80
CA LEU D 19 -70.59 -22.37 -21.82
C LEU D 19 -71.52 -21.82 -20.74
N LYS D 20 -71.52 -20.51 -20.54
CA LYS D 20 -72.35 -19.96 -19.43
C LYS D 20 -72.38 -18.43 -19.56
N PRO D 21 -73.57 -17.81 -19.52
CA PRO D 21 -73.67 -16.37 -19.67
C PRO D 21 -72.96 -15.65 -18.52
N PRO D 22 -72.70 -14.33 -18.65
CA PRO D 22 -72.09 -13.56 -17.57
C PRO D 22 -73.00 -13.54 -16.33
N SER D 23 -72.62 -12.76 -15.30
CA SER D 23 -73.45 -12.65 -14.08
C SER D 23 -73.38 -11.22 -13.54
N ASP D 24 -51.93 11.15 -23.51
CA ASP D 24 -50.84 10.98 -24.48
C ASP D 24 -49.97 12.17 -24.83
N PRO D 25 -48.71 12.08 -24.46
CA PRO D 25 -47.83 13.25 -24.51
C PRO D 25 -47.29 13.42 -25.93
N SER D 26 -46.99 14.66 -26.25
CA SER D 26 -46.52 15.08 -27.56
C SER D 26 -45.01 14.97 -27.69
N LEU D 27 -44.55 15.05 -28.95
CA LEU D 27 -43.13 15.00 -29.24
C LEU D 27 -42.41 16.07 -28.43
N GLU D 28 -43.11 17.13 -28.08
CA GLU D 28 -42.51 18.20 -27.30
C GLU D 28 -42.21 17.71 -25.89
N GLU D 29 -43.15 17.03 -25.25
CA GLU D 29 -42.93 16.57 -23.88
C GLU D 29 -41.85 15.49 -23.84
N ILE D 30 -41.70 14.70 -24.91
CA ILE D 30 -40.65 13.69 -24.94
C ILE D 30 -39.28 14.35 -25.07
N GLN D 31 -39.16 15.36 -25.93
CA GLN D 31 -37.91 16.12 -26.00
C GLN D 31 -37.54 16.72 -24.66
N LYS D 32 -38.52 17.28 -23.94
CA LYS D 32 -38.22 17.99 -22.70
C LYS D 32 -37.62 17.04 -21.66
N LYS D 33 -38.02 15.77 -21.68
CA LYS D 33 -37.50 14.79 -20.73
C LYS D 33 -36.15 14.25 -21.18
N LEU D 34 -35.99 13.98 -22.48
CA LEU D 34 -34.70 13.49 -22.97
C LEU D 34 -33.62 14.55 -22.77
N GLU D 35 -33.90 15.76 -23.22
CA GLU D 35 -32.97 16.85 -23.02
C GLU D 35 -32.64 17.03 -21.54
N ALA D 36 -33.65 16.84 -20.68
CA ALA D 36 -33.47 17.09 -19.25
C ALA D 36 -32.51 16.08 -18.65
N ALA D 37 -32.67 14.80 -18.98
CA ALA D 37 -31.69 13.82 -18.52
C ALA D 37 -30.29 14.21 -18.99
N GLU D 38 -30.18 14.71 -20.22
CA GLU D 38 -28.88 15.11 -20.75
C GLU D 38 -28.39 16.38 -20.07
N GLU D 39 -29.32 17.24 -19.63
CA GLU D 39 -28.91 18.41 -18.88
C GLU D 39 -28.21 18.00 -17.60
N ARG D 40 -28.77 17.02 -16.88
CA ARG D 40 -28.16 16.55 -15.64
C ARG D 40 -26.87 15.79 -15.93
N ARG D 41 -26.85 15.04 -17.02
CA ARG D 41 -25.65 14.25 -17.36
C ARG D 41 -24.49 15.23 -17.62
N LYS D 42 -24.75 16.35 -18.29
CA LYS D 42 -23.62 17.25 -18.58
C LYS D 42 -23.14 17.94 -17.31
N TYR D 43 -24.07 18.34 -16.45
CA TYR D 43 -23.70 18.87 -15.14
C TYR D 43 -22.84 17.89 -14.38
N GLN D 44 -23.17 16.59 -14.46
CA GLN D 44 -22.38 15.61 -13.72
C GLN D 44 -20.94 15.59 -14.24
N GLU D 45 -20.78 15.56 -15.57
CA GLU D 45 -19.44 15.63 -16.15
C GLU D 45 -18.75 16.93 -15.77
N ALA D 46 -19.47 18.04 -15.85
CA ALA D 46 -18.89 19.33 -15.49
C ALA D 46 -18.32 19.28 -14.08
N GLU D 47 -19.12 18.80 -13.12
CA GLU D 47 -18.67 18.68 -11.74
C GLU D 47 -17.35 17.92 -11.66
N LEU D 48 -17.22 16.86 -12.47
CA LEU D 48 -16.00 16.03 -12.40
C LEU D 48 -14.81 16.78 -12.93
N LEU D 49 -14.91 17.27 -14.16
CA LEU D 49 -13.83 18.05 -14.73
C LEU D 49 -13.38 19.18 -13.80
N LYS D 50 -14.32 19.80 -13.08
CA LYS D 50 -13.94 20.88 -12.19
C LYS D 50 -13.09 20.36 -11.03
N HIS D 51 -13.54 19.28 -10.38
CA HIS D 51 -12.75 18.67 -9.31
C HIS D 51 -11.40 18.21 -9.85
N LEU D 52 -11.36 17.64 -11.06
CA LEU D 52 -10.08 17.24 -11.62
C LEU D 52 -9.21 18.44 -11.96
N ALA D 53 -9.83 19.59 -12.22
CA ALA D 53 -9.08 20.82 -12.45
C ALA D 53 -8.43 21.34 -11.17
N GLU D 54 -9.10 21.18 -10.02
CA GLU D 54 -8.50 21.62 -8.76
C GLU D 54 -7.31 20.74 -8.43
N LYS D 55 -7.33 19.52 -8.90
CA LYS D 55 -6.21 18.60 -8.72
C LYS D 55 -5.00 19.15 -9.44
N ARG D 56 -5.20 19.65 -10.67
CA ARG D 56 -4.12 20.25 -11.43
C ARG D 56 -3.51 21.44 -10.69
N GLU D 57 -4.34 22.28 -10.06
CA GLU D 57 -3.80 23.41 -9.30
C GLU D 57 -2.95 22.93 -8.14
N HIS D 58 -3.44 21.94 -7.38
CA HIS D 58 -2.70 21.48 -6.22
C HIS D 58 -1.37 20.87 -6.62
N GLU D 59 -1.35 20.14 -7.74
CA GLU D 59 -0.11 19.55 -8.23
C GLU D 59 0.90 20.65 -8.54
N ARG D 60 0.42 21.76 -9.09
CA ARG D 60 1.25 22.90 -9.40
C ARG D 60 1.87 23.45 -8.11
N GLU D 61 1.05 23.57 -7.05
CA GLU D 61 1.55 24.15 -5.80
C GLU D 61 2.64 23.29 -5.19
N VAL D 62 2.43 21.97 -5.17
CA VAL D 62 3.39 21.08 -4.52
C VAL D 62 4.77 21.26 -5.12
N ILE D 63 4.86 21.25 -6.46
CA ILE D 63 6.18 21.37 -7.04
C ILE D 63 6.71 22.79 -6.89
N GLN D 64 5.81 23.78 -6.81
CA GLN D 64 6.29 25.13 -6.51
C GLN D 64 6.76 25.24 -5.07
N LYS D 65 6.10 24.52 -4.15
CA LYS D 65 6.49 24.58 -2.75
C LYS D 65 7.85 23.95 -2.56
N ALA D 66 8.12 22.86 -3.29
CA ALA D 66 9.38 22.16 -3.15
C ALA D 66 10.50 23.03 -3.69
N ILE D 67 10.26 23.66 -4.84
CA ILE D 67 11.23 24.63 -5.38
C ILE D 67 11.43 25.74 -4.37
N GLU D 68 10.34 26.22 -3.79
CA GLU D 68 10.42 27.31 -2.82
C GLU D 68 11.29 26.92 -1.63
N GLU D 69 11.10 25.71 -1.11
CA GLU D 69 11.86 25.28 0.07
C GLU D 69 13.34 25.09 -0.23
N ASN D 70 13.65 24.58 -1.42
CA ASN D 70 15.06 24.36 -1.78
C ASN D 70 15.78 25.66 -2.03
N ASN D 71 15.09 26.64 -2.60
CA ASN D 71 15.69 27.95 -2.77
C ASN D 71 15.89 28.64 -1.43
N ASN D 72 14.98 28.45 -0.48
CA ASN D 72 15.16 29.08 0.83
C ASN D 72 16.33 28.45 1.58
N PHE D 73 16.49 27.12 1.49
CA PHE D 73 17.64 26.49 2.12
C PHE D 73 18.93 27.07 1.57
N ILE D 74 19.06 27.09 0.25
CA ILE D 74 20.22 27.68 -0.40
C ILE D 74 20.39 29.14 0.00
N LYS D 75 19.29 29.91 -0.03
CA LYS D 75 19.42 31.32 0.29
C LYS D 75 19.81 31.54 1.73
N MET D 76 19.23 30.76 2.66
CA MET D 76 19.60 31.01 4.06
C MET D 76 21.04 30.58 4.31
N ALA D 77 21.45 29.45 3.74
CA ALA D 77 22.82 29.00 3.94
C ALA D 77 23.79 30.03 3.39
N LYS D 78 23.47 30.62 2.23
CA LYS D 78 24.37 31.61 1.69
C LYS D 78 24.44 32.81 2.63
N GLU D 79 23.29 33.26 3.15
CA GLU D 79 23.35 34.46 4.03
C GLU D 79 24.04 34.11 5.34
N LYS D 80 23.61 33.02 6.00
CA LYS D 80 24.20 32.66 7.28
C LYS D 80 25.71 32.56 7.13
N LEU D 81 26.17 32.03 5.98
CA LEU D 81 27.60 31.80 5.75
C LEU D 81 28.35 33.10 5.52
N ALA D 82 27.74 34.03 4.77
CA ALA D 82 28.39 35.29 4.48
C ALA D 82 28.44 36.23 5.69
N GLN D 83 27.44 36.19 6.57
CA GLN D 83 27.53 36.97 7.80
C GLN D 83 28.62 36.44 8.72
N LYS D 84 28.81 35.11 8.75
CA LYS D 84 29.84 34.56 9.62
C LYS D 84 31.23 35.00 9.16
N MET D 85 31.53 34.83 7.87
CA MET D 85 32.87 35.19 7.41
C MET D 85 33.11 36.68 7.64
N GLU D 86 32.08 37.51 7.44
CA GLU D 86 32.25 38.94 7.58
C GLU D 86 32.55 39.32 9.03
N SER D 87 31.73 38.83 9.96
CA SER D 87 31.91 39.22 11.36
C SER D 87 33.17 38.60 11.95
N ASN D 88 33.50 37.38 11.52
CA ASN D 88 34.76 36.75 11.93
C ASN D 88 35.97 37.56 11.51
N LYS D 89 35.89 38.17 10.32
CA LYS D 89 36.98 39.03 9.84
C LYS D 89 37.10 40.29 10.69
N GLU D 90 35.96 40.89 11.05
CA GLU D 90 35.99 42.06 11.92
C GLU D 90 36.56 41.69 13.29
N ASN D 91 36.08 40.58 13.87
CA ASN D 91 36.57 40.15 15.17
C ASN D 91 38.08 39.92 15.12
N ARG D 92 38.55 39.24 14.09
CA ARG D 92 39.95 38.88 14.08
C ARG D 92 40.81 40.13 13.97
N GLU D 93 40.42 41.03 13.06
CA GLU D 93 41.21 42.24 12.86
C GLU D 93 41.16 43.13 14.09
N ALA D 94 40.03 43.15 14.79
CA ALA D 94 39.93 43.93 16.02
C ALA D 94 40.86 43.41 17.09
N HIS D 95 40.85 42.09 17.33
CA HIS D 95 41.77 41.54 18.34
C HIS D 95 43.22 41.77 17.93
N LEU D 96 43.50 41.73 16.63
CA LEU D 96 44.83 42.04 16.10
C LEU D 96 45.17 43.51 16.25
N ALA D 97 44.20 44.39 16.00
CA ALA D 97 44.45 45.83 16.12
C ALA D 97 44.74 46.19 17.56
N ALA D 98 43.97 45.62 18.48
CA ALA D 98 44.16 45.89 19.91
C ALA D 98 45.56 45.50 20.36
N MET D 99 46.04 44.32 19.92
CA MET D 99 47.40 43.90 20.25
C MET D 99 48.42 44.93 19.77
N LEU D 100 48.31 45.34 18.51
CA LEU D 100 49.25 46.32 17.96
C LEU D 100 49.17 47.62 18.74
N GLU D 101 47.96 48.02 19.15
CA GLU D 101 47.80 49.27 19.89
C GLU D 101 48.65 49.24 21.15
N ARG D 102 48.61 48.14 21.89
CA ARG D 102 49.40 48.00 23.11
C ARG D 102 50.89 48.19 22.83
N LEU D 103 51.41 47.44 21.85
CA LEU D 103 52.83 47.52 21.54
C LEU D 103 53.23 48.94 21.17
N GLN D 104 52.36 49.66 20.47
CA GLN D 104 52.63 51.06 20.14
C GLN D 104 52.76 51.87 21.44
N GLU D 105 51.80 51.70 22.35
CA GLU D 105 51.81 52.45 23.60
C GLU D 105 53.12 52.25 24.35
N LYS D 106 53.77 51.11 24.16
CA LYS D 106 55.05 50.87 24.80
C LYS D 106 56.17 51.61 24.07
N ASP D 107 56.00 51.80 22.76
CA ASP D 107 56.94 52.59 21.99
C ASP D 107 56.91 54.06 22.40
N LYS D 108 55.74 54.62 22.66
CA LYS D 108 55.68 56.00 23.11
C LYS D 108 56.42 56.14 24.44
N HIS D 109 56.15 55.21 25.35
CA HIS D 109 56.78 55.24 26.68
C HIS D 109 58.30 55.20 26.57
N ALA D 110 58.84 54.34 25.70
CA ALA D 110 60.29 54.25 25.61
C ALA D 110 60.88 55.54 25.09
N GLU D 111 60.17 56.23 24.19
CA GLU D 111 60.64 57.54 23.74
C GLU D 111 60.70 58.52 24.92
N GLU D 112 59.61 58.59 25.69
CA GLU D 112 59.54 59.41 26.88
C GLU D 112 60.65 59.06 27.87
N VAL D 113 60.89 57.77 28.08
CA VAL D 113 61.96 57.34 28.97
C VAL D 113 63.29 57.93 28.54
N ARG D 114 63.59 57.88 27.23
CA ARG D 114 64.86 58.41 26.75
C ARG D 114 64.92 59.93 26.89
N LYS D 115 63.89 60.65 26.43
CA LYS D 115 63.75 62.06 26.77
C LYS D 115 64.08 62.35 28.23
N ASN D 116 63.44 61.62 29.14
CA ASN D 116 63.69 61.80 30.57
C ASN D 116 65.19 61.74 30.88
N LYS D 117 65.91 60.78 30.30
CA LYS D 117 67.34 60.66 30.57
C LYS D 117 68.10 61.89 30.10
N GLU D 118 67.76 62.42 28.92
CA GLU D 118 68.42 63.61 28.41
C GLU D 118 68.21 64.82 29.33
N LEU D 119 67.27 64.72 30.26
CA LEU D 119 67.02 65.78 31.23
C LEU D 119 67.93 65.53 32.43
N LYS D 120 69.23 65.72 32.17
CA LYS D 120 70.25 65.65 33.20
C LYS D 120 71.22 66.84 33.10
N MET E 1 -26.51 -31.40 2.40
CA MET E 1 -27.00 -30.40 3.35
C MET E 1 -28.21 -29.60 2.88
N TYR E 2 -29.33 -29.84 3.57
CA TYR E 2 -30.56 -29.12 3.32
C TYR E 2 -30.67 -27.85 4.15
N THR E 3 -31.34 -26.84 3.57
CA THR E 3 -31.55 -25.54 4.20
C THR E 3 -33.04 -25.33 4.41
N PHE E 4 -33.40 -24.62 5.47
CA PHE E 4 -34.81 -24.28 5.63
C PHE E 4 -34.91 -22.92 6.30
N VAL E 5 -36.08 -22.29 6.17
CA VAL E 5 -36.38 -21.03 6.80
C VAL E 5 -37.65 -21.16 7.61
N VAL E 6 -37.80 -20.26 8.58
CA VAL E 6 -38.98 -20.19 9.43
C VAL E 6 -39.58 -18.79 9.30
N ARG E 7 -40.86 -18.74 8.95
CA ARG E 7 -41.54 -17.48 8.71
C ARG E 7 -42.79 -17.34 9.54
N ASP E 8 -43.08 -18.33 10.39
CA ASP E 8 -44.13 -18.26 11.42
C ASP E 8 -43.50 -18.69 12.73
N GLU E 9 -43.05 -17.72 13.53
CA GLU E 9 -42.45 -18.02 14.82
C GLU E 9 -43.50 -18.41 15.84
N ASN E 10 -44.76 -18.11 15.57
CA ASN E 10 -45.85 -18.37 16.49
C ASN E 10 -46.31 -19.82 16.46
N SER E 11 -46.04 -20.55 15.38
CA SER E 11 -46.53 -21.93 15.30
C SER E 11 -45.80 -22.83 16.27
N SER E 12 -46.57 -23.55 17.09
CA SER E 12 -46.01 -24.46 18.08
C SER E 12 -45.66 -25.80 17.49
N VAL E 13 -46.45 -26.26 16.52
CA VAL E 13 -46.19 -27.54 15.85
C VAL E 13 -44.86 -27.49 15.12
N TYR E 14 -44.67 -26.47 14.30
CA TYR E 14 -43.49 -26.35 13.47
C TYR E 14 -42.30 -25.72 14.20
N ALA E 15 -42.50 -25.26 15.44
CA ALA E 15 -41.35 -25.01 16.29
C ALA E 15 -40.60 -26.32 16.55
N GLU E 16 -41.32 -27.34 17.02
CA GLU E 16 -40.70 -28.62 17.29
C GLU E 16 -40.13 -29.24 16.02
N VAL E 17 -40.85 -29.11 14.91
CA VAL E 17 -40.39 -29.68 13.64
C VAL E 17 -39.07 -29.05 13.19
N SER E 18 -38.94 -27.73 13.30
CA SER E 18 -37.66 -27.11 12.98
C SER E 18 -36.58 -27.56 13.94
N ARG E 19 -36.93 -27.66 15.23
CA ARG E 19 -36.01 -28.18 16.23
C ARG E 19 -35.51 -29.56 15.81
N LEU E 20 -36.44 -30.42 15.37
CA LEU E 20 -36.07 -31.78 14.99
C LEU E 20 -35.16 -31.79 13.77
N LEU E 21 -35.41 -30.88 12.82
CA LEU E 21 -34.53 -30.82 11.65
C LEU E 21 -33.13 -30.41 12.08
N LEU E 22 -33.03 -29.34 12.88
CA LEU E 22 -31.73 -28.88 13.31
C LEU E 22 -31.07 -29.94 14.17
N ALA E 23 -31.89 -30.72 14.88
CA ALA E 23 -31.40 -31.76 15.78
C ALA E 23 -30.89 -32.96 15.03
N THR E 24 -31.11 -33.03 13.71
CA THR E 24 -30.66 -34.14 12.91
C THR E 24 -29.20 -33.95 12.50
N GLY E 25 -28.77 -32.69 12.37
CA GLY E 25 -27.43 -32.37 11.95
C GLY E 25 -27.25 -32.33 10.45
N GLN E 26 -28.35 -32.37 9.70
CA GLN E 26 -28.33 -32.32 8.25
C GLN E 26 -29.22 -31.20 7.73
N TRP E 27 -29.68 -30.32 8.61
CA TRP E 27 -30.46 -29.16 8.26
C TRP E 27 -29.81 -27.94 8.89
N LYS E 28 -29.93 -26.80 8.22
CA LYS E 28 -29.59 -25.53 8.83
C LYS E 28 -30.61 -24.47 8.47
N ARG E 29 -30.92 -23.63 9.45
CA ARG E 29 -31.90 -22.57 9.28
C ARG E 29 -31.21 -21.33 8.74
N LEU E 30 -31.89 -20.67 7.81
CA LEU E 30 -31.36 -19.47 7.16
C LEU E 30 -32.14 -18.28 7.69
N ARG E 31 -31.76 -17.09 7.23
CA ARG E 31 -32.52 -15.89 7.57
C ARG E 31 -33.87 -15.91 6.87
N LYS E 32 -34.83 -15.21 7.49
CA LYS E 32 -36.23 -15.33 7.06
C LYS E 32 -36.37 -15.01 5.58
N ASP E 33 -35.62 -14.03 5.07
CA ASP E 33 -35.69 -13.63 3.66
C ASP E 33 -34.44 -14.06 2.88
N ASN E 34 -33.83 -15.18 3.27
CA ASN E 34 -32.86 -15.86 2.43
C ASN E 34 -33.56 -16.74 1.39
N PRO E 35 -33.37 -16.47 0.09
CA PRO E 35 -34.15 -17.19 -0.92
C PRO E 35 -33.70 -18.62 -1.18
N ARG E 36 -32.45 -18.96 -0.89
CA ARG E 36 -31.91 -20.28 -1.24
C ARG E 36 -32.26 -21.36 -0.20
N PHE E 37 -33.55 -21.56 -0.01
CA PHE E 37 -34.02 -22.56 0.95
C PHE E 37 -34.61 -23.76 0.21
N ASN E 38 -34.52 -24.93 0.84
CA ASN E 38 -35.27 -26.07 0.34
C ASN E 38 -36.67 -26.11 0.91
N LEU E 39 -36.81 -25.82 2.19
CA LEU E 39 -38.09 -25.96 2.89
C LEU E 39 -38.46 -24.60 3.48
N MET E 40 -39.70 -24.19 3.23
CA MET E 40 -40.27 -23.00 3.86
C MET E 40 -41.38 -23.40 4.80
N LEU E 41 -41.20 -23.12 6.09
CA LEU E 41 -42.29 -23.21 7.05
C LEU E 41 -42.93 -21.83 7.06
N GLY E 42 -43.99 -21.68 6.25
CA GLY E 42 -44.48 -20.38 5.89
C GLY E 42 -45.49 -19.79 6.86
N GLU E 43 -45.66 -18.48 6.77
CA GLU E 43 -46.64 -17.76 7.55
C GLU E 43 -48.06 -18.27 7.26
N ARG E 44 -48.96 -18.06 8.23
CA ARG E 44 -50.32 -18.58 8.13
C ARG E 44 -51.15 -17.80 7.12
N ASN E 45 -50.83 -16.52 6.91
CA ASN E 45 -51.64 -15.68 6.05
C ASN E 45 -50.78 -14.99 5.00
N ARG E 46 -51.31 -14.97 3.77
CA ARG E 46 -50.70 -14.27 2.63
C ARG E 46 -49.30 -14.81 2.35
N LEU E 47 -49.14 -16.12 2.51
CA LEU E 47 -47.90 -16.81 2.18
C LEU E 47 -47.57 -16.54 0.72
N PRO E 48 -46.34 -16.15 0.39
CA PRO E 48 -46.01 -15.83 -1.03
C PRO E 48 -45.76 -17.04 -1.93
N PHE E 49 -46.80 -17.85 -2.16
CA PHE E 49 -46.66 -18.98 -3.07
C PHE E 49 -46.14 -18.58 -4.44
N GLY E 50 -46.44 -17.37 -4.91
CA GLY E 50 -46.00 -16.97 -6.22
C GLY E 50 -44.49 -16.96 -6.38
N ARG E 51 -43.75 -16.96 -5.27
CA ARG E 51 -42.29 -16.88 -5.31
C ARG E 51 -41.60 -18.21 -5.04
N LEU E 52 -42.34 -19.28 -4.80
CA LEU E 52 -41.74 -20.59 -4.58
C LEU E 52 -41.47 -21.30 -5.89
N GLY E 53 -40.37 -22.06 -5.92
CA GLY E 53 -40.10 -22.91 -7.06
C GLY E 53 -39.50 -22.17 -8.23
N HIS E 54 -38.94 -20.98 -7.99
CA HIS E 54 -38.27 -20.23 -9.04
C HIS E 54 -36.78 -20.02 -8.77
N GLU E 55 -36.16 -20.90 -7.99
CA GLU E 55 -34.72 -20.85 -7.69
C GLU E 55 -34.01 -22.00 -8.41
N PRO E 56 -33.37 -21.74 -9.55
CA PRO E 56 -32.65 -22.82 -10.24
C PRO E 56 -31.75 -23.61 -9.31
N GLY E 57 -31.86 -24.93 -9.40
CA GLY E 57 -31.05 -25.83 -8.59
C GLY E 57 -31.56 -26.10 -7.20
N LEU E 58 -32.74 -25.60 -6.84
CA LEU E 58 -33.34 -25.87 -5.54
C LEU E 58 -34.70 -26.51 -5.72
N VAL E 59 -34.85 -27.72 -5.18
CA VAL E 59 -36.17 -28.31 -5.00
C VAL E 59 -36.76 -27.70 -3.74
N GLN E 60 -37.91 -27.05 -3.88
CA GLN E 60 -38.51 -26.29 -2.79
C GLN E 60 -39.82 -26.91 -2.40
N LEU E 61 -40.06 -26.95 -1.08
CA LEU E 61 -41.21 -27.62 -0.49
C LEU E 61 -41.76 -26.72 0.59
N VAL E 62 -43.09 -26.61 0.67
CA VAL E 62 -43.74 -25.70 1.65
C VAL E 62 -44.70 -26.48 2.55
N ASN E 63 -44.92 -25.98 3.77
CA ASN E 63 -45.76 -26.68 4.76
C ASN E 63 -47.21 -26.28 4.59
N TYR E 64 -47.60 -25.91 3.38
CA TYR E 64 -48.99 -25.41 3.20
C TYR E 64 -49.48 -25.65 1.77
N TYR E 65 -50.74 -26.08 1.65
CA TYR E 65 -51.36 -26.28 0.35
C TYR E 65 -52.13 -25.03 -0.04
N ARG E 66 -51.64 -24.33 -1.07
CA ARG E 66 -52.36 -23.23 -1.65
C ARG E 66 -53.75 -23.67 -2.07
N GLY E 67 -54.75 -22.89 -1.68
CA GLY E 67 -56.13 -23.24 -1.98
C GLY E 67 -56.83 -24.02 -0.90
N ALA E 68 -56.12 -24.46 0.13
CA ALA E 68 -56.75 -25.25 1.19
C ALA E 68 -57.62 -24.39 2.10
N ASP E 69 -57.51 -23.06 2.04
CA ASP E 69 -58.42 -22.22 2.81
C ASP E 69 -59.88 -22.52 2.49
N LYS E 70 -60.16 -22.95 1.25
CA LYS E 70 -61.54 -23.23 0.85
C LYS E 70 -62.16 -24.34 1.67
N LEU E 71 -61.34 -25.10 2.40
CA LEU E 71 -61.78 -26.17 3.27
C LEU E 71 -61.71 -25.77 4.74
N CYS E 72 -60.97 -24.70 5.04
CA CYS E 72 -60.64 -24.27 6.39
C CYS E 72 -61.29 -22.94 6.74
N ARG E 73 -62.21 -22.46 5.91
CA ARG E 73 -63.09 -21.36 6.27
C ARG E 73 -64.52 -21.87 6.35
N LYS E 74 -65.23 -21.38 7.36
CA LYS E 74 -66.59 -21.85 7.58
C LYS E 74 -67.47 -21.50 6.40
N ALA E 75 -67.45 -20.23 6.00
CA ALA E 75 -68.20 -19.78 4.83
C ALA E 75 -67.81 -20.59 3.60
N SER E 76 -66.50 -20.74 3.38
CA SER E 76 -66.00 -21.47 2.23
C SER E 76 -66.35 -22.95 2.28
N LEU E 77 -66.32 -23.54 3.48
CA LEU E 77 -66.62 -24.96 3.60
C LEU E 77 -68.09 -25.27 3.33
N VAL E 78 -69.00 -24.54 3.97
CA VAL E 78 -70.43 -24.68 3.65
C VAL E 78 -70.69 -24.50 2.15
N LYS E 79 -70.25 -23.36 1.61
CA LYS E 79 -70.35 -23.12 0.17
C LYS E 79 -69.76 -24.26 -0.64
N LEU E 80 -68.56 -24.70 -0.28
CA LEU E 80 -67.91 -25.82 -0.99
C LEU E 80 -68.72 -27.11 -0.92
N ILE E 81 -69.39 -27.37 0.19
CA ILE E 81 -70.14 -28.61 0.34
C ILE E 81 -71.47 -28.57 -0.39
N LYS E 82 -72.10 -27.39 -0.44
CA LYS E 82 -73.39 -27.22 -1.08
C LYS E 82 -73.31 -27.20 -2.61
N THR E 83 -72.22 -26.69 -3.17
CA THR E 83 -72.07 -26.53 -4.61
C THR E 83 -71.09 -27.53 -5.23
N SER E 84 -70.50 -28.41 -4.44
CA SER E 84 -69.58 -29.40 -4.96
C SER E 84 -70.30 -30.72 -5.14
N PRO E 85 -70.40 -31.24 -6.36
CA PRO E 85 -71.21 -32.46 -6.58
C PRO E 85 -70.68 -33.70 -5.88
N GLU E 86 -69.38 -33.78 -5.62
CA GLU E 86 -68.86 -34.90 -4.86
C GLU E 86 -69.46 -34.96 -3.47
N LEU E 87 -69.88 -33.81 -2.93
CA LEU E 87 -70.40 -33.76 -1.57
C LEU E 87 -71.90 -33.51 -1.56
N SER E 88 -72.31 -32.26 -1.75
CA SER E 88 -73.70 -31.90 -2.01
C SER E 88 -74.52 -32.06 -0.73
N GLU E 89 -75.85 -32.13 -0.87
CA GLU E 89 -76.69 -32.41 0.32
C GLU E 89 -76.40 -33.85 0.71
N SER E 90 -75.59 -34.53 -0.10
CA SER E 90 -75.23 -35.93 0.21
C SER E 90 -74.29 -35.96 1.42
N CYS E 91 -73.92 -34.78 1.93
CA CYS E 91 -73.10 -34.74 3.16
C CYS E 91 -73.98 -35.17 4.32
N THR E 92 -74.09 -36.48 4.54
CA THR E 92 -74.94 -37.00 5.60
C THR E 92 -74.40 -36.52 6.94
N TRP E 93 -73.15 -36.09 6.91
CA TRP E 93 -72.29 -35.86 8.06
C TRP E 93 -71.88 -34.41 8.26
N PHE E 94 -72.59 -33.46 7.67
CA PHE E 94 -72.26 -32.06 7.92
C PHE E 94 -73.57 -31.39 8.29
N PRO E 95 -73.62 -30.61 9.37
CA PRO E 95 -74.91 -30.03 9.79
C PRO E 95 -75.40 -28.99 8.80
N GLU E 96 -76.71 -28.99 8.56
CA GLU E 96 -77.31 -27.97 7.71
C GLU E 96 -76.79 -26.60 8.07
N SER E 97 -76.27 -25.88 7.08
CA SER E 97 -75.59 -24.64 7.33
C SER E 97 -75.95 -23.66 6.23
N TYR E 98 -76.04 -22.39 6.60
CA TYR E 98 -76.41 -21.32 5.69
C TYR E 98 -75.50 -20.13 5.93
N VAL E 99 -75.02 -19.50 4.87
CA VAL E 99 -74.15 -18.34 4.97
C VAL E 99 -75.00 -17.08 5.02
N ILE E 100 -74.70 -16.20 5.95
CA ILE E 100 -75.48 -14.98 6.16
C ILE E 100 -74.54 -13.82 6.39
N TYR E 101 -74.73 -12.72 5.66
CA TYR E 101 -73.94 -11.49 5.78
C TYR E 101 -74.61 -10.48 6.71
N PRO E 102 -73.83 -9.79 7.54
CA PRO E 102 -74.36 -8.68 8.34
C PRO E 102 -74.80 -7.51 7.48
N THR E 103 -76.10 -7.22 7.51
CA THR E 103 -76.68 -6.15 6.69
C THR E 103 -76.23 -4.79 7.19
N THR E 104 -74.86 -13.17 -2.97
CA THR E 104 -74.02 -14.36 -3.03
C THR E 104 -74.22 -15.23 -1.82
N ASP E 105 -75.17 -14.88 -0.96
CA ASP E 105 -75.42 -15.70 0.23
C ASP E 105 -76.89 -16.11 0.28
N GLU E 106 -77.33 -16.48 1.48
CA GLU E 106 -78.62 -17.14 1.62
C GLU E 106 -79.33 -16.74 2.91
N ARG E 107 -79.16 -15.49 3.38
CA ARG E 107 -79.89 -15.06 4.57
C ARG E 107 -81.38 -15.32 4.42
N GLU E 108 -81.89 -15.29 3.18
CA GLU E 108 -83.32 -15.46 2.94
C GLU E 108 -83.71 -16.93 3.08
N VAL E 109 -83.09 -17.81 2.28
CA VAL E 109 -83.52 -19.22 2.29
C VAL E 109 -83.23 -19.86 3.63
N PHE E 110 -82.53 -19.16 4.53
CA PHE E 110 -82.38 -19.68 5.88
C PHE E 110 -83.71 -19.61 6.60
N LEU E 111 -84.36 -18.44 6.55
CA LEU E 111 -85.66 -18.29 7.22
C LEU E 111 -86.74 -19.05 6.49
N ALA E 112 -86.56 -19.29 5.19
CA ALA E 112 -87.59 -20.00 4.44
C ALA E 112 -87.71 -21.41 4.99
N ALA E 113 -86.55 -22.02 5.27
CA ALA E 113 -86.42 -23.35 5.84
C ALA E 113 -86.41 -23.32 7.35
N TYR E 114 -86.48 -22.12 7.95
CA TYR E 114 -86.55 -22.04 9.41
C TYR E 114 -87.90 -22.56 9.87
N ASN E 115 -88.97 -21.87 9.50
CA ASN E 115 -90.33 -22.22 9.92
C ASN E 115 -90.77 -23.50 9.20
N ARG E 116 -90.43 -24.66 9.74
CA ARG E 116 -90.83 -25.91 9.11
C ARG E 116 -91.51 -26.85 10.12
N GLY E 117 -88.03 -28.61 16.48
CA GLY E 117 -86.65 -28.59 16.95
C GLY E 117 -85.77 -27.59 16.23
N ASN E 118 -85.99 -26.31 16.50
CA ASN E 118 -85.34 -25.19 15.82
C ASN E 118 -84.34 -24.58 16.79
N VAL E 119 -83.13 -25.11 16.80
CA VAL E 119 -82.03 -24.55 17.58
C VAL E 119 -80.79 -24.50 16.71
N TRP E 120 -80.17 -23.32 16.63
CA TRP E 120 -79.06 -23.10 15.71
C TRP E 120 -77.91 -22.43 16.48
N ILE E 121 -76.72 -22.48 15.89
CA ILE E 121 -75.54 -21.84 16.43
C ILE E 121 -75.01 -20.80 15.43
N ALA E 122 -74.23 -19.84 15.95
CA ALA E 122 -73.68 -18.76 15.13
C ALA E 122 -72.16 -18.85 15.01
N GLY E 123 -65.83 -16.17 19.35
CA GLY E 123 -67.13 -15.80 19.95
C GLY E 123 -68.29 -16.51 19.27
N ILE E 124 -69.38 -16.77 20.00
CA ILE E 124 -70.52 -17.54 19.43
C ILE E 124 -71.82 -17.04 20.05
N LEU E 125 -72.95 -17.63 19.65
CA LEU E 125 -74.27 -17.20 20.16
C LEU E 125 -75.32 -18.22 19.68
N ILE E 126 -75.52 -19.29 20.44
CA ILE E 126 -76.57 -20.28 20.08
C ILE E 126 -77.93 -19.63 20.34
N SER E 127 -79.01 -20.19 19.77
CA SER E 127 -80.33 -19.68 20.07
C SER E 127 -81.38 -20.51 19.35
N SER E 128 -82.64 -20.20 19.61
CA SER E 128 -83.75 -20.81 18.92
C SER E 128 -84.62 -19.77 18.23
N GLU E 129 -84.61 -18.53 18.72
CA GLU E 129 -85.30 -17.40 18.10
C GLU E 129 -84.40 -16.70 17.09
N ALA E 130 -84.73 -16.86 15.80
CA ALA E 130 -83.89 -16.29 14.76
C ALA E 130 -83.74 -14.79 14.97
N SER E 131 -84.87 -14.09 15.15
CA SER E 131 -84.89 -12.63 15.15
C SER E 131 -83.72 -12.05 15.94
N GLU E 132 -83.32 -12.70 17.03
CA GLU E 132 -82.24 -12.13 17.83
C GLU E 132 -80.90 -12.35 17.16
N LEU E 133 -80.59 -13.61 16.81
CA LEU E 133 -79.30 -13.91 16.21
C LEU E 133 -79.11 -13.16 14.90
N LEU E 134 -80.18 -13.01 14.11
CA LEU E 134 -80.00 -12.25 12.87
C LEU E 134 -79.60 -10.82 13.14
N ASP E 135 -79.71 -10.38 14.39
CA ASP E 135 -79.23 -9.07 14.81
C ASP E 135 -77.84 -9.17 15.40
N PHE E 136 -77.56 -10.29 16.07
CA PHE E 136 -76.23 -10.55 16.60
C PHE E 136 -75.19 -10.46 15.48
N ILE E 137 -75.48 -11.11 14.34
CA ILE E 137 -74.57 -11.00 13.20
C ILE E 137 -74.63 -9.59 12.64
N ASP E 138 -75.84 -9.05 12.52
CA ASP E 138 -76.01 -7.69 12.02
C ASP E 138 -75.10 -6.74 12.77
N GLU E 139 -74.97 -6.91 14.09
CA GLU E 139 -74.08 -6.05 14.87
C GLU E 139 -72.65 -6.18 14.38
N GLN E 140 -72.13 -7.40 14.31
CA GLN E 140 -70.76 -7.60 13.85
C GLN E 140 -70.67 -7.43 12.34
N GLY E 141 -69.45 -7.25 11.87
CA GLY E 141 -69.12 -6.90 10.50
C GLY E 141 -68.58 -8.04 9.68
N GLN E 142 -68.56 -9.26 10.21
CA GLN E 142 -68.05 -10.41 9.49
C GLN E 142 -69.17 -11.33 9.02
N VAL E 143 -68.94 -11.97 7.88
CA VAL E 143 -69.85 -12.96 7.33
C VAL E 143 -69.94 -14.17 8.26
N HIS E 144 -71.08 -14.33 8.92
CA HIS E 144 -71.33 -15.44 9.83
C HIS E 144 -72.19 -16.53 9.20
N VAL E 145 -71.98 -17.76 9.65
CA VAL E 145 -72.74 -18.91 9.20
C VAL E 145 -73.46 -19.51 10.39
N ILE E 146 -74.62 -20.10 10.12
CA ILE E 146 -75.44 -20.70 11.17
C ILE E 146 -75.78 -22.12 10.75
N GLN E 147 -75.69 -23.05 11.70
CA GLN E 147 -75.97 -24.45 11.42
C GLN E 147 -76.74 -25.04 12.59
N LYS E 148 -77.38 -26.18 12.33
CA LYS E 148 -78.10 -26.85 13.40
C LYS E 148 -77.13 -27.26 14.49
N TYR E 149 -77.34 -26.75 15.69
CA TYR E 149 -76.62 -27.23 16.85
C TYR E 149 -77.00 -28.69 17.07
N LEU E 150 -76.04 -29.54 17.45
CA LEU E 150 -76.41 -30.94 17.60
C LEU E 150 -77.22 -31.05 18.89
N GLU E 151 -78.53 -31.15 18.71
CA GLU E 151 -79.46 -31.17 19.84
C GLU E 151 -79.18 -32.32 20.80
N LYS E 152 -78.96 -33.54 20.30
CA LYS E 152 -78.87 -34.69 21.20
C LYS E 152 -77.49 -35.31 21.04
N PRO E 153 -76.47 -34.69 21.64
CA PRO E 153 -75.11 -35.23 21.59
C PRO E 153 -74.93 -36.46 22.46
N LEU E 154 -73.92 -37.26 22.11
CA LEU E 154 -73.50 -38.37 22.96
C LEU E 154 -72.81 -37.84 24.21
N LEU E 155 -73.32 -38.17 25.39
CA LEU E 155 -72.85 -37.59 26.65
C LEU E 155 -72.08 -38.62 27.48
N LEU E 156 -70.84 -38.27 27.82
CA LEU E 156 -70.02 -39.15 28.65
C LEU E 156 -70.57 -39.20 30.07
N GLU E 157 -70.44 -40.34 30.71
CA GLU E 157 -70.74 -40.50 32.12
C GLU E 157 -69.56 -41.11 32.86
N PRO E 158 -69.37 -40.74 34.14
CA PRO E 158 -70.20 -39.84 34.95
C PRO E 158 -69.96 -38.37 34.62
N GLY E 159 -71.02 -37.55 34.57
CA GLY E 159 -70.86 -36.13 34.37
C GLY E 159 -71.90 -35.49 33.48
N HIS E 160 -72.54 -36.28 32.62
CA HIS E 160 -73.49 -35.77 31.65
C HIS E 160 -72.87 -34.66 30.81
N ARG E 161 -71.73 -34.98 30.19
CA ARG E 161 -70.90 -33.98 29.55
C ARG E 161 -70.63 -34.32 28.10
N LYS E 162 -70.65 -33.30 27.25
CA LYS E 162 -70.49 -33.44 25.81
C LYS E 162 -69.04 -33.14 25.42
N PHE E 163 -68.67 -33.54 24.21
CA PHE E 163 -67.27 -33.45 23.79
C PHE E 163 -67.21 -33.32 22.28
N ASP E 164 -66.00 -33.09 21.78
CA ASP E 164 -65.69 -33.19 20.37
C ASP E 164 -64.40 -33.97 20.20
N ILE E 165 -64.25 -34.59 19.03
CA ILE E 165 -63.04 -35.35 18.68
C ILE E 165 -62.21 -34.52 17.72
N ARG E 166 -60.92 -34.36 18.02
CA ARG E 166 -59.96 -33.73 17.13
C ARG E 166 -59.04 -34.79 16.51
N SER E 167 -59.03 -34.84 15.19
CA SER E 167 -58.11 -35.70 14.42
C SER E 167 -57.13 -34.86 13.64
N TRP E 168 -55.88 -35.32 13.57
CA TRP E 168 -54.82 -34.65 12.84
C TRP E 168 -54.53 -35.39 11.53
N VAL E 169 -54.57 -34.69 10.40
CA VAL E 169 -54.36 -35.31 9.11
C VAL E 169 -53.22 -34.60 8.39
N LEU E 170 -52.33 -35.38 7.81
CA LEU E 170 -51.17 -34.87 7.07
C LEU E 170 -51.30 -35.30 5.61
N VAL E 171 -51.25 -34.34 4.70
CA VAL E 171 -51.24 -34.59 3.27
C VAL E 171 -49.88 -34.18 2.73
N ASP E 172 -49.20 -35.09 2.05
CA ASP E 172 -47.83 -34.87 1.62
C ASP E 172 -47.81 -34.40 0.16
N HIS E 173 -46.61 -34.22 -0.38
CA HIS E 173 -46.48 -33.68 -1.73
C HIS E 173 -47.08 -34.61 -2.78
N LEU E 174 -47.25 -35.89 -2.47
CA LEU E 174 -47.86 -36.84 -3.38
C LEU E 174 -49.36 -36.90 -3.22
N TYR E 175 -49.92 -36.12 -2.30
CA TYR E 175 -51.33 -36.15 -1.94
C TYR E 175 -51.74 -37.51 -1.38
N ASN E 176 -50.82 -38.15 -0.68
CA ASN E 176 -51.18 -39.23 0.21
C ASN E 176 -51.83 -38.63 1.45
N ILE E 177 -52.90 -39.27 1.93
CA ILE E 177 -53.65 -38.76 3.07
C ILE E 177 -53.34 -39.66 4.26
N TYR E 178 -52.70 -39.09 5.28
CA TYR E 178 -52.20 -39.84 6.41
C TYR E 178 -52.98 -39.37 7.63
N LEU E 179 -53.72 -40.28 8.27
CA LEU E 179 -54.44 -39.98 9.51
C LEU E 179 -53.60 -40.34 10.73
N TYR E 180 -53.31 -39.35 11.57
CA TYR E 180 -52.63 -39.62 12.83
C TYR E 180 -53.49 -40.51 13.72
N ARG E 181 -52.91 -41.65 14.13
CA ARG E 181 -53.63 -42.67 14.94
C ARG E 181 -54.23 -42.08 16.21
N GLU E 182 -53.56 -41.11 16.81
CA GLU E 182 -54.03 -40.52 18.07
C GLU E 182 -54.89 -39.29 17.86
N GLY E 183 -56.11 -39.32 18.40
CA GLY E 183 -56.93 -38.14 18.51
C GLY E 183 -57.15 -37.77 19.97
N VAL E 184 -57.99 -36.76 20.18
CA VAL E 184 -58.33 -36.31 21.53
C VAL E 184 -59.79 -35.89 21.57
N LEU E 185 -60.46 -36.20 22.68
CA LEU E 185 -61.77 -35.64 22.95
C LEU E 185 -61.60 -34.39 23.82
N ARG E 186 -62.01 -33.25 23.29
CA ARG E 186 -62.07 -32.04 24.12
C ARG E 186 -63.44 -32.01 24.77
N THR E 187 -63.43 -32.38 26.05
CA THR E 187 -64.70 -32.60 26.77
C THR E 187 -65.14 -31.46 27.67
N SER E 188 -66.44 -31.25 27.74
CA SER E 188 -67.02 -30.30 28.67
C SER E 188 -66.89 -30.83 30.10
N SER E 189 -66.52 -29.93 31.01
CA SER E 189 -66.28 -30.28 32.41
C SER E 189 -67.55 -30.25 33.23
N GLU E 190 -68.56 -29.52 32.80
CA GLU E 190 -69.79 -29.40 33.55
C GLU E 190 -70.95 -30.01 32.76
N PRO E 191 -71.93 -30.58 33.45
CA PRO E 191 -72.95 -31.39 32.78
C PRO E 191 -73.66 -30.59 31.70
N TYR E 192 -74.42 -31.30 30.87
CA TYR E 192 -75.01 -30.75 29.67
C TYR E 192 -76.45 -30.39 29.99
N ASN E 193 -76.77 -29.11 29.82
CA ASN E 193 -78.06 -28.55 30.19
C ASN E 193 -78.93 -28.38 28.95
N SER E 194 -79.86 -29.32 28.77
CA SER E 194 -80.70 -29.28 27.55
C SER E 194 -81.46 -27.95 27.51
N ALA E 195 -82.60 -27.88 28.21
CA ALA E 195 -83.34 -26.61 28.29
C ALA E 195 -82.37 -25.50 28.68
N ASN E 196 -82.43 -24.35 28.01
CA ASN E 196 -81.49 -23.23 28.28
C ASN E 196 -80.12 -23.61 27.70
N PHE E 197 -79.65 -22.82 26.74
CA PHE E 197 -78.37 -23.16 26.05
C PHE E 197 -77.51 -21.91 25.91
N GLN E 198 -78.15 -20.74 25.83
CA GLN E 198 -77.40 -19.47 25.71
C GLN E 198 -76.33 -19.41 26.82
N ASP E 199 -76.67 -19.92 28.01
CA ASP E 199 -75.70 -19.96 29.13
C ASP E 199 -74.32 -20.30 28.57
N LYS E 200 -74.25 -21.25 27.63
CA LYS E 200 -72.96 -21.66 27.01
C LYS E 200 -72.14 -22.49 28.01
N THR E 201 -70.83 -22.58 27.79
CA THR E 201 -69.92 -23.34 28.69
C THR E 201 -70.19 -24.85 28.56
N CYS E 202 -71.42 -25.28 28.83
CA CYS E 202 -71.79 -26.72 28.74
C CYS E 202 -72.20 -27.04 27.30
N HIS E 203 -72.60 -26.02 26.55
CA HIS E 203 -72.97 -26.25 25.13
C HIS E 203 -71.74 -26.02 24.25
N LEU E 204 -70.60 -25.70 24.88
CA LEU E 204 -69.34 -25.50 24.12
C LEU E 204 -68.31 -26.54 24.60
N THR E 205 -67.30 -26.81 23.78
CA THR E 205 -66.24 -27.75 24.15
C THR E 205 -64.80 -27.21 24.04
N ASN E 206 -64.57 -26.12 23.30
CA ASN E 206 -63.22 -25.61 23.01
C ASN E 206 -62.37 -25.36 24.26
N HIS E 207 -61.05 -25.52 24.11
CA HIS E 207 -60.16 -25.55 25.27
C HIS E 207 -60.18 -24.21 26.00
N CYS E 208 -59.74 -23.15 25.32
CA CYS E 208 -59.61 -21.86 25.98
C CYS E 208 -60.90 -21.45 26.67
N ILE E 209 -62.05 -21.81 26.10
CA ILE E 209 -63.31 -21.39 26.70
C ILE E 209 -63.66 -22.32 27.85
N GLN E 210 -62.75 -23.21 28.23
CA GLN E 210 -62.99 -24.10 29.36
C GLN E 210 -61.87 -24.10 30.39
N LYS E 211 -60.71 -23.53 30.09
CA LYS E 211 -59.66 -23.27 31.06
C LYS E 211 -59.83 -21.98 31.85
N GLU E 212 -60.75 -21.09 31.47
CA GLU E 212 -61.02 -19.88 32.24
C GLU E 212 -62.34 -19.87 33.02
N TYR E 213 -63.25 -20.79 32.73
CA TYR E 213 -64.65 -20.78 33.23
C TYR E 213 -65.02 -22.05 34.02
N SER E 214 -64.34 -22.27 35.15
CA SER E 214 -64.66 -23.45 35.98
C SER E 214 -64.17 -23.16 37.43
N ARG E 215 -61.54 -31.74 35.85
CA ARG E 215 -62.16 -32.57 36.88
C ARG E 215 -62.00 -34.05 36.54
N TYR E 216 -62.89 -34.58 35.70
CA TYR E 216 -62.81 -36.03 35.41
C TYR E 216 -61.76 -36.25 34.32
N GLU E 217 -61.49 -35.21 33.52
CA GLU E 217 -60.55 -35.37 32.38
C GLU E 217 -59.33 -34.47 32.55
N GLU E 218 -58.14 -35.05 32.60
CA GLU E 218 -56.90 -34.23 32.67
C GLU E 218 -56.95 -33.21 31.53
N GLY E 219 -56.94 -31.92 31.87
CA GLY E 219 -57.04 -30.91 30.83
C GLY E 219 -58.29 -31.05 30.00
N ASN E 220 -59.31 -31.75 30.50
CA ASN E 220 -60.51 -32.04 29.72
C ASN E 220 -60.14 -32.73 28.41
N GLU E 221 -59.05 -33.50 28.42
CA GLU E 221 -58.62 -34.26 27.25
C GLU E 221 -58.59 -35.74 27.55
N MET E 222 -59.43 -36.52 26.85
CA MET E 222 -59.48 -37.96 26.98
C MET E 222 -59.00 -38.56 25.67
N PHE E 223 -58.06 -39.49 25.75
CA PHE E 223 -57.45 -40.04 24.55
C PHE E 223 -58.17 -41.29 24.07
N PHE E 224 -57.68 -41.87 22.98
CA PHE E 224 -58.40 -42.97 22.33
C PHE E 224 -58.40 -44.22 23.20
N GLU E 225 -57.34 -44.43 23.96
CA GLU E 225 -57.36 -45.58 24.91
C GLU E 225 -58.61 -45.45 25.78
N GLU E 226 -58.72 -44.36 26.55
CA GLU E 226 -59.87 -44.21 27.43
C GLU E 226 -61.18 -44.34 26.67
N PHE E 227 -61.38 -43.50 25.66
CA PHE E 227 -62.66 -43.43 24.98
C PHE E 227 -63.04 -44.75 24.34
N ASN E 228 -62.07 -45.52 23.84
CA ASN E 228 -62.40 -46.83 23.29
C ASN E 228 -62.90 -47.77 24.38
N GLN E 229 -62.26 -47.75 25.55
CA GLN E 229 -62.72 -48.58 26.66
C GLN E 229 -64.14 -48.21 27.08
N TYR E 230 -64.40 -46.92 27.25
CA TYR E 230 -65.75 -46.46 27.64
C TYR E 230 -66.78 -47.16 26.75
N LEU E 231 -66.61 -47.05 25.44
CA LEU E 231 -67.60 -47.63 24.49
C LEU E 231 -67.65 -49.14 24.66
N MET E 232 -66.49 -49.79 24.76
CA MET E 232 -66.44 -51.26 24.86
C MET E 232 -67.07 -51.71 26.19
N ASP E 233 -67.65 -50.78 26.95
CA ASP E 233 -68.24 -51.11 28.27
C ASP E 233 -69.62 -50.48 28.40
N ALA E 234 -69.85 -49.29 27.82
CA ALA E 234 -71.12 -48.62 27.95
C ALA E 234 -71.99 -48.70 26.71
N LEU E 235 -71.41 -48.97 25.54
CA LEU E 235 -72.18 -49.14 24.32
CA LEU E 235 -72.17 -49.14 24.31
C LEU E 235 -72.01 -50.51 23.68
N ASN E 236 -71.02 -51.31 24.10
CA ASN E 236 -70.79 -52.65 23.57
C ASN E 236 -70.15 -52.63 22.19
N THR E 237 -69.41 -51.57 21.86
CA THR E 237 -68.77 -51.43 20.55
CA THR E 237 -68.77 -51.43 20.56
C THR E 237 -67.36 -50.88 20.75
N THR E 238 -66.65 -50.71 19.64
CA THR E 238 -65.31 -50.14 19.66
C THR E 238 -65.29 -48.80 18.92
N LEU E 239 -64.23 -48.04 19.19
CA LEU E 239 -63.98 -46.78 18.47
C LEU E 239 -63.79 -47.02 16.98
N GLU E 240 -62.96 -48.01 16.62
CA GLU E 240 -62.73 -48.33 15.21
C GLU E 240 -64.03 -48.46 14.42
N ASN E 241 -64.95 -49.33 14.87
CA ASN E 241 -66.13 -49.59 14.06
C ASN E 241 -67.13 -48.43 14.07
N SER E 242 -67.36 -47.84 15.24
CA SER E 242 -68.43 -46.81 15.35
C SER E 242 -68.00 -45.41 14.88
N ILE E 243 -66.76 -45.01 15.14
CA ILE E 243 -66.37 -43.61 14.84
C ILE E 243 -65.25 -43.57 13.80
N LEU E 244 -64.12 -44.22 14.07
CA LEU E 244 -62.97 -44.12 13.13
CA LEU E 244 -62.97 -44.11 13.13
C LEU E 244 -63.38 -44.21 11.64
N LEU E 245 -64.10 -45.29 11.37
CA LEU E 245 -64.59 -45.45 9.98
C LEU E 245 -65.23 -44.14 9.54
N GLN E 246 -66.35 -43.76 10.17
CA GLN E 246 -67.01 -42.54 9.73
C GLN E 246 -66.03 -41.38 9.63
N ILE E 247 -65.11 -41.26 10.58
CA ILE E 247 -64.10 -40.19 10.50
C ILE E 247 -63.20 -40.39 9.29
N LYS E 248 -62.69 -41.61 9.09
CA LYS E 248 -61.85 -41.86 7.91
C LYS E 248 -62.58 -41.55 6.61
N HIS E 249 -63.89 -41.82 6.56
CA HIS E 249 -64.64 -41.54 5.34
C HIS E 249 -64.69 -40.05 5.04
N ILE E 250 -64.98 -39.24 6.07
CA ILE E 250 -65.13 -37.79 5.88
C ILE E 250 -63.82 -37.15 5.43
N ILE E 251 -62.70 -37.51 6.09
CA ILE E 251 -61.41 -36.98 5.64
C ILE E 251 -61.19 -37.28 4.16
N ARG E 252 -61.46 -38.52 3.74
CA ARG E 252 -61.27 -38.86 2.33
C ARG E 252 -62.10 -37.94 1.45
N SER E 253 -63.38 -37.78 1.80
CA SER E 253 -64.29 -37.04 0.93
C SER E 253 -63.83 -35.60 0.80
N CYS E 254 -63.53 -34.96 1.93
CA CYS E 254 -63.18 -33.55 1.93
C CYS E 254 -61.92 -33.34 1.12
N LEU E 255 -60.86 -34.10 1.43
CA LEU E 255 -59.56 -33.86 0.80
C LEU E 255 -59.47 -34.39 -0.62
N MET E 256 -60.30 -35.37 -0.99
CA MET E 256 -60.35 -35.79 -2.39
C MET E 256 -61.18 -34.84 -3.23
N CYS E 257 -62.14 -34.16 -2.61
CA CYS E 257 -62.97 -33.22 -3.34
C CYS E 257 -62.11 -32.11 -3.93
N ILE E 258 -61.15 -31.60 -3.16
CA ILE E 258 -60.33 -30.48 -3.61
C ILE E 258 -59.02 -30.92 -4.25
N GLU E 259 -58.69 -32.21 -4.23
CA GLU E 259 -57.42 -32.66 -4.82
C GLU E 259 -57.13 -32.02 -6.17
N PRO E 260 -58.05 -32.02 -7.13
CA PRO E 260 -57.76 -31.36 -8.42
C PRO E 260 -57.39 -29.90 -8.28
N ALA E 261 -57.93 -29.21 -7.26
CA ALA E 261 -57.76 -27.77 -7.15
C ALA E 261 -56.47 -27.36 -6.45
N ILE E 262 -55.88 -28.21 -5.61
CA ILE E 262 -54.73 -27.80 -4.81
C ILE E 262 -53.53 -28.72 -4.99
N SER E 263 -53.71 -29.90 -5.60
CA SER E 263 -52.60 -30.81 -5.84
C SER E 263 -51.41 -30.09 -6.48
N THR E 264 -50.21 -30.39 -5.98
CA THR E 264 -48.97 -29.88 -6.51
C THR E 264 -48.22 -30.93 -7.35
N LYS E 265 -48.90 -31.99 -7.79
CA LYS E 265 -48.26 -33.06 -8.54
C LYS E 265 -47.36 -32.54 -9.65
N HIS E 266 -47.93 -31.75 -10.56
CA HIS E 266 -47.16 -31.22 -11.69
C HIS E 266 -46.81 -29.75 -11.51
N LEU E 267 -46.51 -29.33 -10.30
CA LEU E 267 -46.25 -27.93 -10.00
C LEU E 267 -44.76 -27.73 -9.78
N HIS E 268 -44.32 -26.48 -9.91
CA HIS E 268 -42.90 -26.17 -9.81
C HIS E 268 -42.43 -26.03 -8.37
N TYR E 269 -43.35 -26.17 -7.41
CA TYR E 269 -43.00 -26.32 -6.01
C TYR E 269 -43.93 -27.38 -5.44
N GLN E 270 -43.50 -27.97 -4.32
CA GLN E 270 -44.35 -28.99 -3.65
C GLN E 270 -44.91 -28.48 -2.30
N SER E 271 -46.10 -28.99 -2.00
CA SER E 271 -46.76 -28.50 -0.76
C SER E 271 -47.18 -29.67 0.12
N PHE E 272 -46.95 -29.57 1.42
CA PHE E 272 -47.47 -30.60 2.35
C PHE E 272 -48.30 -29.82 3.37
N GLN E 273 -49.24 -30.46 4.06
CA GLN E 273 -49.96 -29.66 5.09
C GLN E 273 -50.56 -30.56 6.16
N LEU E 274 -50.50 -30.09 7.40
CA LEU E 274 -51.12 -30.80 8.51
C LEU E 274 -52.45 -30.12 8.76
N PHE E 275 -53.55 -30.88 8.69
CA PHE E 275 -54.88 -30.35 8.96
C PHE E 275 -55.44 -30.91 10.27
N GLY E 276 -56.27 -30.10 10.94
CA GLY E 276 -57.05 -30.61 12.04
C GLY E 276 -58.56 -30.67 11.82
N PHE E 277 -59.09 -31.87 11.63
CA PHE E 277 -60.53 -32.07 11.56
C PHE E 277 -61.11 -32.24 12.97
N ASP E 278 -62.28 -31.64 13.20
CA ASP E 278 -63.01 -31.74 14.45
C ASP E 278 -64.39 -32.35 14.20
N PHE E 279 -64.74 -33.39 14.96
CA PHE E 279 -66.02 -34.06 14.76
C PHE E 279 -66.83 -34.10 16.06
N MET E 280 -68.12 -34.33 15.87
CA MET E 280 -69.11 -34.55 16.92
C MET E 280 -69.80 -35.89 16.74
N VAL E 281 -69.96 -36.63 17.84
CA VAL E 281 -70.73 -37.88 17.84
C VAL E 281 -72.04 -37.64 18.56
N ASP E 282 -73.14 -38.05 17.92
CA ASP E 282 -74.48 -37.84 18.45
C ASP E 282 -75.02 -39.10 19.13
N GLU E 283 -76.28 -39.01 19.56
CA GLU E 283 -76.90 -40.11 20.32
C GLU E 283 -76.81 -41.43 19.59
N GLU E 284 -76.94 -41.40 18.26
CA GLU E 284 -77.00 -42.61 17.47
C GLU E 284 -75.63 -43.07 17.03
N LEU E 285 -74.58 -42.64 17.75
CA LEU E 285 -73.19 -42.90 17.39
C LEU E 285 -72.95 -42.57 15.92
N LYS E 286 -73.45 -41.41 15.49
CA LYS E 286 -73.18 -40.90 14.16
C LYS E 286 -72.20 -39.75 14.27
N VAL E 287 -71.26 -39.66 13.34
CA VAL E 287 -70.18 -38.69 13.43
C VAL E 287 -70.46 -37.52 12.49
N TRP E 288 -70.17 -36.30 12.97
CA TRP E 288 -70.44 -35.08 12.24
C TRP E 288 -69.18 -34.25 12.10
N LEU E 289 -68.98 -33.67 10.92
CA LEU E 289 -67.90 -32.72 10.69
C LEU E 289 -68.35 -31.35 11.15
N ILE E 290 -67.57 -30.70 12.01
CA ILE E 290 -67.88 -29.34 12.46
C ILE E 290 -67.09 -28.30 11.68
N GLU E 291 -65.77 -28.38 11.78
CA GLU E 291 -64.88 -27.46 11.06
C GLU E 291 -63.57 -28.16 10.73
N VAL E 292 -62.86 -27.60 9.74
CA VAL E 292 -61.52 -28.05 9.35
C VAL E 292 -60.55 -26.90 9.56
N ASN E 293 -59.59 -27.10 10.48
CA ASN E 293 -58.57 -26.11 10.79
C ASN E 293 -57.27 -26.39 10.02
N GLY E 294 -56.74 -25.36 9.37
CA GLY E 294 -55.54 -25.38 8.56
C GLY E 294 -54.25 -25.15 9.31
N ALA E 295 -54.34 -24.69 10.55
CA ALA E 295 -53.17 -24.43 11.40
C ALA E 295 -53.39 -25.03 12.78
N PRO E 296 -53.61 -26.34 12.84
CA PRO E 296 -53.99 -26.98 14.11
C PRO E 296 -52.85 -26.97 15.12
N ALA E 297 -53.22 -26.86 16.39
CA ALA E 297 -52.29 -27.17 17.47
C ALA E 297 -52.35 -28.66 17.81
N CYS E 298 -51.35 -29.11 18.55
CA CYS E 298 -51.27 -30.50 18.97
C CYS E 298 -51.39 -30.63 20.49
N ALA E 299 -51.84 -31.81 20.92
CA ALA E 299 -51.87 -32.15 22.35
C ALA E 299 -50.46 -32.23 22.92
N GLN E 300 -50.31 -31.82 24.19
CA GLN E 300 -48.98 -31.66 24.78
C GLN E 300 -48.21 -32.97 24.78
N LYS E 301 -48.84 -34.05 25.24
CA LYS E 301 -48.19 -35.34 25.30
C LYS E 301 -47.72 -35.81 23.93
N LEU E 302 -48.31 -35.30 22.84
CA LEU E 302 -48.14 -35.91 21.54
C LEU E 302 -47.18 -35.16 20.62
N TYR E 303 -46.92 -33.87 20.88
CA TYR E 303 -46.03 -33.10 20.02
C TYR E 303 -44.83 -33.90 19.55
N ALA E 304 -44.12 -34.53 20.48
CA ALA E 304 -42.92 -35.27 20.12
C ALA E 304 -43.20 -36.29 19.03
N GLU E 305 -44.26 -37.08 19.20
CA GLU E 305 -44.48 -38.15 18.20
C GLU E 305 -44.98 -37.52 16.92
N LEU E 306 -45.99 -36.65 17.02
CA LEU E 306 -46.59 -36.11 15.80
C LEU E 306 -45.56 -35.32 15.00
N CYS E 307 -44.84 -34.42 15.67
CA CYS E 307 -43.85 -33.62 14.96
C CYS E 307 -42.74 -34.49 14.37
N GLN E 308 -42.41 -35.60 15.03
CA GLN E 308 -41.43 -36.52 14.47
C GLN E 308 -41.96 -37.13 13.19
N GLY E 309 -43.25 -37.47 13.18
CA GLY E 309 -43.87 -38.07 12.02
C GLY E 309 -43.99 -37.13 10.85
N ILE E 310 -44.19 -35.84 11.11
CA ILE E 310 -44.24 -34.85 10.05
C ILE E 310 -42.91 -34.82 9.29
N VAL E 311 -41.80 -34.82 10.03
CA VAL E 311 -40.50 -34.79 9.37
C VAL E 311 -40.22 -36.08 8.60
N ASP E 312 -40.61 -37.22 9.17
CA ASP E 312 -40.34 -38.51 8.54
C ASP E 312 -41.08 -38.69 7.21
N VAL E 313 -42.33 -38.23 7.13
CA VAL E 313 -43.14 -38.47 5.95
CA VAL E 313 -43.14 -38.47 5.95
C VAL E 313 -43.08 -37.29 5.00
N ALA E 314 -43.52 -36.12 5.48
CA ALA E 314 -43.65 -34.95 4.62
C ALA E 314 -42.29 -34.39 4.20
N ILE E 315 -41.32 -34.38 5.10
CA ILE E 315 -40.05 -33.70 4.87
C ILE E 315 -38.97 -34.66 4.39
N SER E 316 -38.74 -35.76 5.11
CA SER E 316 -37.61 -36.61 4.73
C SER E 316 -37.90 -37.42 3.47
N SER E 317 -39.17 -37.57 3.09
CA SER E 317 -39.47 -38.20 1.82
C SER E 317 -39.03 -37.32 0.66
N VAL E 318 -39.02 -36.00 0.84
CA VAL E 318 -38.53 -35.10 -0.20
C VAL E 318 -37.03 -34.87 -0.09
N PHE E 319 -36.47 -34.87 1.12
CA PHE E 319 -35.06 -34.58 1.33
C PHE E 319 -34.51 -35.70 2.19
N PRO E 320 -34.15 -36.81 1.56
CA PRO E 320 -33.71 -37.99 2.33
C PRO E 320 -32.40 -37.75 3.07
N LEU E 321 -32.23 -38.47 4.16
CA LEU E 321 -31.09 -38.32 5.04
C LEU E 321 -30.14 -39.48 4.78
N ALA E 322 -29.02 -39.52 5.50
CA ALA E 322 -28.05 -40.58 5.31
C ALA E 322 -28.61 -41.92 5.77
N THR E 323 -45.37 -50.25 13.06
CA THR E 323 -44.47 -49.16 13.43
C THR E 323 -45.09 -47.79 13.13
N SER E 324 -45.32 -47.47 11.86
CA SER E 324 -45.62 -46.09 11.50
C SER E 324 -46.78 -45.57 12.34
N ILE E 325 -46.77 -44.25 12.57
CA ILE E 325 -47.78 -43.59 13.39
C ILE E 325 -48.97 -43.10 12.58
N PHE E 326 -48.96 -43.23 11.26
CA PHE E 326 -50.09 -42.78 10.47
C PHE E 326 -50.82 -43.98 9.89
N ILE E 327 -52.10 -43.77 9.59
CA ILE E 327 -52.87 -44.74 8.83
C ILE E 327 -53.09 -44.13 7.45
N LYS E 328 -52.47 -44.71 6.43
CA LYS E 328 -52.66 -44.19 5.09
C LYS E 328 -54.10 -44.43 4.63
N LEU E 329 -54.79 -43.35 4.28
CA LEU E 329 -56.15 -43.41 3.76
C LEU E 329 -56.02 -43.40 2.25
N HIS E 330 -56.39 -44.51 1.63
CA HIS E 330 -56.10 -44.81 0.25
C HIS E 330 -57.13 -44.16 -0.66
N HIS E 331 -56.73 -43.88 -1.89
CA HIS E 331 -57.66 -43.24 -2.82
C HIS E 331 -57.12 -43.34 -4.23
N MET F 1 -14.16 -1.98 -32.83
CA MET F 1 -13.49 -3.13 -32.23
C MET F 1 -13.46 -3.15 -30.70
N ARG F 2 -13.88 -2.03 -30.10
CA ARG F 2 -13.91 -1.89 -28.65
C ARG F 2 -12.51 -2.14 -28.08
N GLU F 3 -11.63 -1.21 -28.42
CA GLU F 3 -10.21 -1.33 -28.07
C GLU F 3 -9.98 -1.00 -26.60
N ILE F 4 -8.95 -1.63 -26.02
CA ILE F 4 -8.42 -1.26 -24.71
C ILE F 4 -6.99 -0.74 -24.88
N VAL F 5 -6.66 0.35 -24.18
CA VAL F 5 -5.29 0.84 -24.13
C VAL F 5 -4.66 0.37 -22.83
N HIS F 6 -3.54 -0.34 -22.93
CA HIS F 6 -2.86 -0.90 -21.78
C HIS F 6 -1.63 -0.08 -21.41
N ILE F 7 -1.55 0.35 -20.16
CA ILE F 7 -0.41 1.11 -19.64
C ILE F 7 0.24 0.34 -18.50
N GLN F 8 1.57 0.24 -18.54
CA GLN F 8 2.33 -0.36 -17.44
C GLN F 8 3.40 0.61 -16.99
N ALA F 9 3.51 0.81 -15.67
CA ALA F 9 4.32 1.89 -15.10
C ALA F 9 5.18 1.32 -14.00
N GLY F 10 6.45 1.70 -13.98
CA GLY F 10 7.34 1.27 -12.92
C GLY F 10 7.85 -0.16 -13.11
N GLN F 11 8.61 -0.60 -12.11
CA GLN F 11 9.24 -1.91 -12.19
C GLN F 11 8.20 -3.03 -12.15
N CYS F 12 7.40 -3.09 -11.07
CA CYS F 12 6.39 -4.13 -10.96
C CYS F 12 5.40 -4.04 -12.12
N GLY F 13 4.93 -2.83 -12.41
CA GLY F 13 3.97 -2.68 -13.48
C GLY F 13 4.47 -3.28 -14.78
N ASN F 14 5.74 -3.00 -15.10
CA ASN F 14 6.30 -3.49 -16.35
C ASN F 14 6.61 -4.98 -16.29
N GLN F 15 6.98 -5.49 -15.12
CA GLN F 15 7.29 -6.91 -15.06
C GLN F 15 6.03 -7.74 -15.15
N ILE F 16 4.97 -7.33 -14.45
CA ILE F 16 3.75 -8.13 -14.54
C ILE F 16 3.05 -7.77 -15.84
N GLY F 17 3.20 -6.52 -16.30
CA GLY F 17 2.68 -6.14 -17.60
C GLY F 17 3.26 -6.99 -18.71
N ALA F 18 4.58 -7.15 -18.73
CA ALA F 18 5.25 -7.86 -19.81
C ALA F 18 4.83 -9.33 -19.84
N LYS F 19 4.78 -9.96 -18.67
CA LYS F 19 4.35 -11.36 -18.59
C LYS F 19 2.90 -11.53 -19.03
N PHE F 20 2.05 -10.54 -18.73
CA PHE F 20 0.68 -10.56 -19.22
C PHE F 20 0.66 -10.61 -20.75
N TRP F 21 1.41 -9.72 -21.38
CA TRP F 21 1.44 -9.67 -22.84
C TRP F 21 2.04 -10.92 -23.45
N GLU F 22 2.97 -11.56 -22.75
CA GLU F 22 3.53 -12.81 -23.21
C GLU F 22 2.51 -13.94 -23.11
N VAL F 23 1.80 -14.02 -21.99
CA VAL F 23 0.78 -15.05 -21.80
C VAL F 23 -0.36 -14.94 -22.81
N ILE F 24 -0.90 -13.74 -23.01
CA ILE F 24 -2.05 -13.69 -23.90
C ILE F 24 -1.61 -13.73 -25.37
N SER F 25 -0.39 -13.29 -25.66
CA SER F 25 0.12 -13.45 -27.02
C SER F 25 0.16 -14.91 -27.42
N ASP F 26 0.67 -15.75 -26.52
CA ASP F 26 0.68 -17.18 -26.77
C ASP F 26 -0.74 -17.71 -26.98
N GLU F 27 -1.68 -17.29 -26.11
CA GLU F 27 -3.06 -17.76 -26.23
C GLU F 27 -3.70 -17.35 -27.55
N HIS F 28 -3.37 -16.17 -28.05
CA HIS F 28 -3.94 -15.66 -29.29
C HIS F 28 -3.15 -16.04 -30.53
N GLY F 29 -2.15 -16.91 -30.39
CA GLY F 29 -1.36 -17.38 -31.51
C GLY F 29 -0.46 -16.36 -32.15
N ILE F 30 -0.05 -15.34 -31.41
CA ILE F 30 0.94 -14.39 -31.88
C ILE F 30 2.28 -14.81 -31.32
N ASP F 31 3.32 -14.58 -32.09
CA ASP F 31 4.66 -15.00 -31.74
C ASP F 31 5.55 -13.80 -31.45
N PRO F 32 6.76 -14.04 -30.95
CA PRO F 32 7.65 -12.93 -30.55
C PRO F 32 7.83 -11.87 -31.61
N THR F 33 7.59 -12.22 -32.88
CA THR F 33 7.79 -11.27 -33.97
C THR F 33 6.50 -10.58 -34.39
N GLY F 34 5.36 -10.96 -33.80
CA GLY F 34 4.10 -10.32 -34.11
C GLY F 34 3.34 -10.93 -35.26
N SER F 35 3.58 -12.20 -35.55
CA SER F 35 2.93 -12.93 -36.62
C SER F 35 1.87 -13.86 -36.06
N TYR F 36 0.74 -13.96 -36.75
CA TYR F 36 -0.28 -14.90 -36.30
C TYR F 36 0.13 -16.30 -36.74
N HIS F 37 0.00 -17.26 -35.83
CA HIS F 37 0.31 -18.64 -36.15
C HIS F 37 -0.63 -19.60 -35.42
N GLY F 38 -1.94 -19.30 -35.44
CA GLY F 38 -2.79 -20.19 -34.67
C GLY F 38 -3.64 -21.14 -35.50
N ASP F 39 -4.12 -22.19 -34.84
CA ASP F 39 -5.02 -23.18 -35.44
C ASP F 39 -6.51 -22.79 -35.45
N SER F 40 -6.94 -21.81 -34.67
CA SER F 40 -8.36 -21.47 -34.56
C SER F 40 -8.61 -20.04 -35.01
N ASP F 41 -9.75 -19.82 -35.69
CA ASP F 41 -10.21 -18.45 -35.90
C ASP F 41 -10.89 -17.85 -34.67
N LEU F 42 -11.15 -18.64 -33.63
CA LEU F 42 -11.69 -18.10 -32.39
C LEU F 42 -10.70 -17.13 -31.76
N GLN F 43 -9.42 -17.32 -32.04
CA GLN F 43 -8.38 -16.47 -31.46
C GLN F 43 -8.34 -15.09 -32.08
N LEU F 44 -8.78 -14.92 -33.32
CA LEU F 44 -8.63 -13.65 -34.01
C LEU F 44 -9.90 -12.81 -33.99
N GLU F 45 -10.99 -13.32 -33.40
CA GLU F 45 -12.28 -12.66 -33.54
C GLU F 45 -12.31 -11.35 -32.78
N ARG F 46 -11.75 -11.36 -31.57
CA ARG F 46 -11.63 -10.15 -30.76
C ARG F 46 -10.18 -9.74 -30.53
N ILE F 47 -9.29 -10.15 -31.42
CA ILE F 47 -7.87 -9.89 -31.25
C ILE F 47 -7.62 -8.40 -31.10
N ASN F 48 -8.54 -7.57 -31.61
CA ASN F 48 -8.36 -6.13 -31.63
C ASN F 48 -8.67 -5.45 -30.31
N VAL F 49 -9.22 -6.18 -29.34
CA VAL F 49 -9.39 -5.62 -28.00
C VAL F 49 -8.05 -5.21 -27.40
N TYR F 50 -7.02 -6.02 -27.63
CA TYR F 50 -5.71 -5.71 -27.07
C TYR F 50 -4.63 -5.40 -28.09
N TYR F 51 -4.77 -5.86 -29.33
CA TYR F 51 -3.74 -5.72 -30.35
C TYR F 51 -4.18 -4.80 -31.49
N ASN F 52 -3.25 -3.96 -31.95
CA ASN F 52 -3.38 -3.16 -33.17
C ASN F 52 -2.86 -3.94 -34.38
N GLU F 53 -3.44 -3.66 -35.56
CA GLU F 53 -3.01 -4.31 -36.79
C GLU F 53 -2.38 -3.27 -37.72
N ALA F 54 -1.19 -3.62 -38.23
CA ALA F 54 -0.35 -2.94 -39.19
C ALA F 54 -0.35 -3.68 -40.54
N THR F 55 0.50 -3.22 -41.45
CA THR F 55 0.77 -3.98 -42.66
C THR F 55 1.77 -5.08 -42.37
N GLY F 56 1.70 -6.17 -43.14
CA GLY F 56 2.40 -7.36 -42.72
C GLY F 56 1.55 -8.31 -41.92
N ASN F 57 0.26 -8.02 -41.81
CA ASN F 57 -0.68 -8.73 -40.95
C ASN F 57 0.00 -9.04 -39.62
N LYS F 58 0.70 -8.03 -39.09
CA LYS F 58 1.31 -8.10 -37.77
C LYS F 58 0.37 -7.49 -36.73
N TYR F 59 0.53 -7.98 -35.51
CA TYR F 59 -0.23 -7.53 -34.35
C TYR F 59 0.70 -6.86 -33.36
N VAL F 60 0.38 -5.63 -32.99
CA VAL F 60 1.21 -4.86 -32.06
C VAL F 60 0.39 -4.62 -30.80
N PRO F 61 0.85 -5.07 -29.64
CA PRO F 61 0.13 -4.78 -28.40
C PRO F 61 -0.16 -3.29 -28.24
N ARG F 62 -1.41 -2.99 -27.88
CA ARG F 62 -1.81 -1.61 -27.60
C ARG F 62 -1.34 -1.27 -26.19
N ALA F 63 -0.01 -1.18 -26.04
CA ALA F 63 0.59 -1.11 -24.72
C ALA F 63 1.63 -0.01 -24.63
N ILE F 64 1.57 0.77 -23.55
CA ILE F 64 2.51 1.86 -23.28
C ILE F 64 3.35 1.49 -22.06
N LEU F 65 4.67 1.56 -22.20
CA LEU F 65 5.58 1.19 -21.11
C LEU F 65 6.20 2.46 -20.55
N VAL F 66 5.95 2.71 -19.27
CA VAL F 66 6.30 3.96 -18.61
C VAL F 66 7.16 3.63 -17.40
N ASP F 67 8.26 4.34 -17.26
CA ASP F 67 9.07 4.24 -16.06
C ASP F 67 9.92 5.49 -15.93
N LEU F 68 10.33 5.79 -14.70
CA LEU F 68 11.21 6.93 -14.45
C LEU F 68 12.70 6.59 -14.44
N GLU F 69 13.04 5.30 -14.53
CA GLU F 69 14.47 4.87 -14.58
C GLU F 69 14.70 4.11 -15.89
N PRO F 70 15.94 4.10 -16.45
CA PRO F 70 16.17 3.48 -17.75
C PRO F 70 16.21 1.95 -17.74
N GLY F 71 16.43 1.35 -16.57
CA GLY F 71 16.40 -0.12 -16.50
C GLY F 71 15.00 -0.63 -16.74
N THR F 72 14.70 -1.87 -16.36
CA THR F 72 13.32 -2.41 -16.51
C THR F 72 12.93 -2.38 -17.98
N MET F 73 12.84 -1.21 -18.58
CA MET F 73 12.59 -1.14 -20.04
C MET F 73 13.61 -2.02 -20.74
N ASP F 74 14.88 -1.64 -20.66
CA ASP F 74 15.93 -2.51 -21.23
C ASP F 74 15.54 -3.96 -20.95
N SER F 75 15.32 -4.29 -19.68
CA SER F 75 14.88 -5.66 -19.32
C SER F 75 13.69 -6.05 -20.19
N VAL F 76 12.63 -5.24 -20.19
CA VAL F 76 11.49 -5.69 -21.00
C VAL F 76 11.89 -5.85 -22.46
N ARG F 77 12.67 -4.91 -22.99
CA ARG F 77 13.03 -4.91 -24.40
C ARG F 77 13.74 -6.19 -24.80
N SER F 78 14.60 -6.70 -23.92
CA SER F 78 15.37 -7.92 -24.18
C SER F 78 14.59 -9.19 -23.84
N GLY F 79 13.47 -9.08 -23.14
CA GLY F 79 12.62 -10.21 -22.83
C GLY F 79 12.13 -10.93 -24.07
N PRO F 80 11.65 -12.16 -23.88
CA PRO F 80 11.25 -13.00 -25.03
C PRO F 80 10.37 -12.28 -26.03
N PHE F 81 9.36 -11.55 -25.55
CA PHE F 81 8.47 -10.82 -26.43
C PHE F 81 8.79 -9.32 -26.41
N GLY F 82 10.08 -8.99 -26.21
CA GLY F 82 10.46 -7.60 -26.11
C GLY F 82 10.22 -6.87 -27.41
N GLN F 83 10.33 -7.58 -28.52
CA GLN F 83 10.31 -6.97 -29.84
C GLN F 83 8.90 -6.68 -30.34
N ILE F 84 7.87 -7.20 -29.67
CA ILE F 84 6.53 -6.95 -30.19
C ILE F 84 6.08 -5.54 -29.86
N PHE F 85 6.59 -4.95 -28.78
CA PHE F 85 6.06 -3.65 -28.39
C PHE F 85 6.54 -2.61 -29.39
N ARG F 86 5.66 -1.66 -29.68
CA ARG F 86 5.99 -0.48 -30.47
C ARG F 86 7.08 0.38 -29.83
N PRO F 87 8.24 0.52 -30.49
CA PRO F 87 9.32 1.35 -29.94
C PRO F 87 8.90 2.76 -29.54
N ASP F 88 8.08 3.41 -30.36
CA ASP F 88 7.64 4.75 -29.99
C ASP F 88 6.81 4.77 -28.72
N ASN F 89 6.46 3.62 -28.19
CA ASN F 89 5.65 3.51 -26.99
C ASN F 89 6.45 3.27 -25.72
N PHE F 90 7.77 3.24 -25.78
CA PHE F 90 8.61 3.22 -24.58
C PHE F 90 8.84 4.65 -24.11
N VAL F 91 8.34 4.99 -22.93
CA VAL F 91 8.50 6.33 -22.40
C VAL F 91 9.12 6.23 -21.00
N PHE F 92 10.38 6.64 -20.88
CA PHE F 92 11.09 6.48 -19.62
C PHE F 92 12.01 7.67 -19.36
N GLY F 93 12.32 7.88 -18.08
CA GLY F 93 13.24 8.90 -17.64
C GLY F 93 14.56 8.31 -17.14
N GLN F 94 15.31 9.14 -16.43
CA GLN F 94 16.61 8.75 -15.88
C GLN F 94 16.71 8.94 -14.38
N SER F 95 15.92 9.83 -13.79
CA SER F 95 16.03 10.11 -12.36
C SER F 95 15.63 8.91 -11.51
N GLY F 96 14.56 8.21 -11.88
CA GLY F 96 13.93 7.29 -10.93
C GLY F 96 13.13 8.03 -9.86
N ALA F 97 12.42 7.28 -9.02
CA ALA F 97 11.50 7.86 -8.06
C ALA F 97 11.86 7.52 -6.62
N GLY F 98 12.93 6.74 -6.41
CA GLY F 98 13.36 6.36 -5.07
C GLY F 98 12.29 5.83 -4.15
N ASN F 99 11.42 4.96 -4.65
CA ASN F 99 10.33 4.42 -3.83
C ASN F 99 9.58 5.50 -3.08
N ASN F 100 9.36 6.64 -3.72
CA ASN F 100 8.82 7.81 -3.05
C ASN F 100 7.63 8.31 -3.85
N TRP F 101 6.44 8.07 -3.30
CA TRP F 101 5.21 8.47 -3.96
C TRP F 101 5.24 9.93 -4.37
N ALA F 102 5.73 10.80 -3.48
CA ALA F 102 5.79 12.22 -3.79
C ALA F 102 6.60 12.50 -5.06
N LYS F 103 7.75 11.84 -5.21
CA LYS F 103 8.54 12.01 -6.44
C LYS F 103 7.81 11.52 -7.67
N GLY F 104 7.18 10.34 -7.60
CA GLY F 104 6.40 9.85 -8.72
C GLY F 104 5.25 10.76 -9.12
N HIS F 105 4.54 11.31 -8.12
CA HIS F 105 3.29 12.00 -8.37
C HIS F 105 3.44 13.51 -8.60
N TYR F 106 4.42 14.14 -7.98
CA TYR F 106 4.48 15.61 -8.02
C TYR F 106 5.72 16.19 -8.66
N THR F 107 6.89 15.57 -8.51
CA THR F 107 8.10 16.22 -8.98
C THR F 107 8.72 15.51 -10.18
N GLU F 108 9.47 14.43 -9.95
CA GLU F 108 10.08 13.70 -11.06
C GLU F 108 9.02 13.23 -12.07
N GLY F 109 7.92 12.66 -11.57
CA GLY F 109 6.84 12.22 -12.45
C GLY F 109 6.27 13.30 -13.35
N ALA F 110 6.14 14.53 -12.84
CA ALA F 110 5.51 15.60 -13.61
C ALA F 110 6.30 15.96 -14.87
N GLU F 111 7.63 15.89 -14.81
CA GLU F 111 8.46 16.19 -15.97
C GLU F 111 8.21 15.23 -17.13
N LEU F 112 7.88 13.97 -16.85
CA LEU F 112 7.72 12.97 -17.88
C LEU F 112 6.26 12.77 -18.30
N VAL F 113 5.31 13.26 -17.52
CA VAL F 113 3.93 12.83 -17.67
C VAL F 113 3.35 13.29 -19.01
N ASP F 114 3.70 14.49 -19.45
CA ASP F 114 3.15 15.01 -20.70
C ASP F 114 3.52 14.16 -21.91
N SER F 115 4.77 13.70 -22.00
CA SER F 115 5.14 12.85 -23.13
C SER F 115 4.44 11.49 -23.09
N VAL F 116 4.11 11.01 -21.90
CA VAL F 116 3.29 9.80 -21.78
C VAL F 116 1.90 10.05 -22.36
N LEU F 117 1.27 11.16 -21.96
CA LEU F 117 -0.08 11.41 -22.46
C LEU F 117 -0.13 11.55 -23.98
N ASP F 118 0.92 12.04 -24.61
CA ASP F 118 0.89 12.09 -26.09
C ASP F 118 0.76 10.66 -26.62
N VAL F 119 1.56 9.72 -26.10
CA VAL F 119 1.49 8.37 -26.64
C VAL F 119 0.15 7.73 -26.29
N VAL F 120 -0.39 8.04 -25.10
CA VAL F 120 -1.72 7.57 -24.79
C VAL F 120 -2.71 8.15 -25.79
N ARG F 121 -2.67 9.47 -25.95
CA ARG F 121 -3.54 10.17 -26.90
C ARG F 121 -3.33 9.63 -28.31
N LYS F 122 -2.07 9.43 -28.70
CA LYS F 122 -1.77 8.82 -29.99
C LYS F 122 -2.49 7.49 -30.15
N GLU F 123 -2.39 6.63 -29.13
CA GLU F 123 -3.02 5.32 -29.21
C GLU F 123 -4.54 5.41 -29.22
N SER F 124 -5.10 6.41 -28.55
CA SER F 124 -6.54 6.52 -28.40
C SER F 124 -7.17 7.05 -29.69
N GLU F 125 -6.55 8.04 -30.32
CA GLU F 125 -7.12 8.52 -31.56
C GLU F 125 -7.12 7.44 -32.63
N SER F 126 -6.36 6.36 -32.44
CA SER F 126 -6.38 5.28 -33.40
C SER F 126 -7.55 4.31 -33.22
N CYS F 127 -8.18 4.31 -32.05
CA CYS F 127 -9.19 3.30 -31.75
C CYS F 127 -10.55 3.67 -32.35
N ASP F 128 -11.22 2.67 -32.92
CA ASP F 128 -12.56 2.87 -33.46
C ASP F 128 -13.57 3.14 -32.34
N CYS F 129 -13.54 2.36 -31.29
CA CYS F 129 -14.49 2.50 -30.19
C CYS F 129 -13.77 2.11 -28.92
N LEU F 130 -13.10 3.09 -28.32
CA LEU F 130 -12.24 2.87 -27.17
C LEU F 130 -13.07 2.53 -25.93
N GLN F 131 -12.77 1.39 -25.31
CA GLN F 131 -13.46 1.05 -24.07
C GLN F 131 -12.95 1.91 -22.92
N GLY F 132 -11.64 2.06 -22.86
CA GLY F 132 -10.99 2.72 -21.75
C GLY F 132 -9.62 2.10 -21.57
N PHE F 133 -9.09 2.24 -20.37
CA PHE F 133 -7.69 1.98 -20.13
C PHE F 133 -7.56 0.97 -19.00
N GLN F 134 -6.45 0.24 -19.02
CA GLN F 134 -6.05 -0.58 -17.90
C GLN F 134 -4.59 -0.31 -17.62
N LEU F 135 -4.26 -0.23 -16.33
CA LEU F 135 -2.92 0.10 -15.90
C LEU F 135 -2.45 -0.99 -14.94
N THR F 136 -1.21 -1.42 -15.11
CA THR F 136 -0.56 -2.29 -14.14
C THR F 136 0.49 -1.49 -13.39
N HIS F 137 0.56 -1.70 -12.08
CA HIS F 137 1.49 -1.01 -11.20
C HIS F 137 1.42 -1.64 -9.82
N SER F 138 2.46 -1.42 -9.03
CA SER F 138 2.40 -1.67 -7.60
C SER F 138 2.02 -0.36 -6.89
N LEU F 139 1.60 -0.49 -5.64
CA LEU F 139 1.26 0.65 -4.81
C LEU F 139 2.32 0.97 -3.76
N GLY F 140 3.30 0.11 -3.56
CA GLY F 140 4.29 0.33 -2.54
C GLY F 140 5.48 1.20 -2.92
N GLY F 141 5.74 1.35 -4.21
CA GLY F 141 6.88 2.10 -4.70
C GLY F 141 6.58 3.56 -4.99
N GLY F 142 7.20 4.10 -6.05
CA GLY F 142 7.03 5.53 -6.33
C GLY F 142 6.51 5.83 -7.72
N THR F 143 7.12 5.26 -8.75
CA THR F 143 6.63 5.43 -10.14
C THR F 143 5.25 4.78 -10.27
N GLY F 144 5.15 3.46 -10.21
CA GLY F 144 3.85 2.84 -10.43
C GLY F 144 2.82 3.42 -9.49
N SER F 145 3.20 3.65 -8.25
CA SER F 145 2.32 4.16 -7.21
C SER F 145 2.00 5.63 -7.45
N GLY F 146 3.02 6.49 -7.35
CA GLY F 146 2.82 7.92 -7.43
C GLY F 146 2.54 8.43 -8.83
N MET F 147 3.44 8.14 -9.77
CA MET F 147 3.20 8.53 -11.16
C MET F 147 2.03 7.74 -11.76
N GLY F 148 1.88 6.47 -11.38
CA GLY F 148 0.77 5.70 -11.91
C GLY F 148 -0.56 6.37 -11.66
N THR F 149 -0.76 6.87 -10.44
CA THR F 149 -2.05 7.46 -10.10
C THR F 149 -2.20 8.84 -10.72
N LEU F 150 -1.08 9.51 -10.96
CA LEU F 150 -1.12 10.77 -11.69
C LEU F 150 -1.63 10.54 -13.12
N LEU F 151 -1.05 9.57 -13.82
CA LEU F 151 -1.51 9.18 -15.15
C LEU F 151 -3.01 8.88 -15.18
N ILE F 152 -3.51 8.12 -14.20
CA ILE F 152 -4.94 7.83 -14.15
C ILE F 152 -5.73 9.13 -14.08
N SER F 153 -5.34 10.01 -13.17
CA SER F 153 -6.05 11.26 -12.99
C SER F 153 -6.03 12.10 -14.27
N LYS F 154 -4.85 12.27 -14.86
CA LYS F 154 -4.77 13.10 -16.06
C LYS F 154 -5.52 12.47 -17.23
N ILE F 155 -5.44 11.14 -17.37
CA ILE F 155 -6.11 10.43 -18.46
C ILE F 155 -7.62 10.54 -18.32
N ARG F 156 -8.13 10.38 -17.10
CA ARG F 156 -9.55 10.55 -16.82
C ARG F 156 -10.05 11.92 -17.24
N GLU F 157 -9.22 12.94 -17.03
CA GLU F 157 -9.58 14.29 -17.43
C GLU F 157 -9.81 14.39 -18.94
N GLU F 158 -8.93 13.79 -19.73
CA GLU F 158 -9.12 13.77 -21.18
C GLU F 158 -10.24 12.82 -21.64
N TYR F 159 -10.56 11.78 -20.86
CA TYR F 159 -11.58 10.79 -21.25
C TYR F 159 -12.49 10.46 -20.07
N PRO F 160 -13.25 11.43 -19.58
CA PRO F 160 -13.98 11.22 -18.32
C PRO F 160 -15.07 10.15 -18.40
N ASP F 161 -15.52 9.78 -19.61
CA ASP F 161 -16.61 8.82 -19.79
C ASP F 161 -16.13 7.45 -20.26
N ARG F 162 -14.85 7.12 -20.06
CA ARG F 162 -14.30 5.80 -20.37
C ARG F 162 -13.99 5.05 -19.10
N ILE F 163 -13.97 3.72 -19.21
CA ILE F 163 -13.66 2.89 -18.06
C ILE F 163 -12.17 2.96 -17.76
N MET F 164 -11.86 3.10 -16.48
CA MET F 164 -10.50 3.06 -16.00
C MET F 164 -10.34 1.83 -15.12
N ASN F 165 -9.43 0.94 -15.49
CA ASN F 165 -9.28 -0.32 -14.78
C ASN F 165 -7.81 -0.48 -14.41
N THR F 166 -7.53 -0.98 -13.21
CA THR F 166 -6.15 -1.16 -12.79
CA THR F 166 -6.15 -1.15 -12.77
C THR F 166 -5.94 -2.54 -12.17
N PHE F 167 -4.74 -3.05 -12.35
CA PHE F 167 -4.22 -4.21 -11.64
C PHE F 167 -3.21 -3.64 -10.65
N SER F 168 -3.57 -3.66 -9.37
CA SER F 168 -2.87 -2.92 -8.34
C SER F 168 -2.29 -3.90 -7.31
N VAL F 169 -0.97 -4.03 -7.30
CA VAL F 169 -0.26 -4.95 -6.41
C VAL F 169 -0.09 -4.32 -5.03
N MET F 170 -0.71 -4.95 -4.00
CA MET F 170 -0.61 -4.36 -2.66
C MET F 170 0.66 -4.83 -1.97
N PRO F 171 1.33 -3.94 -1.26
CA PRO F 171 2.59 -4.27 -0.58
C PRO F 171 2.40 -5.20 0.62
N SER F 172 3.43 -6.02 0.88
CA SER F 172 3.42 -6.87 2.08
C SER F 172 4.83 -6.95 2.66
N PRO F 173 4.99 -6.76 3.98
CA PRO F 173 6.34 -6.83 4.58
C PRO F 173 6.92 -8.21 4.58
N LYS F 174 6.21 -9.17 4.04
CA LYS F 174 6.70 -10.51 3.85
C LYS F 174 7.54 -10.62 2.60
N VAL F 175 7.42 -9.65 1.71
CA VAL F 175 8.03 -9.75 0.39
C VAL F 175 9.06 -8.65 0.17
N SER F 176 8.90 -7.51 0.83
CA SER F 176 9.82 -6.38 0.67
C SER F 176 10.06 -5.80 2.04
N ASP F 177 11.07 -4.93 2.14
CA ASP F 177 11.45 -4.41 3.45
C ASP F 177 11.72 -2.91 3.43
N THR F 178 11.16 -2.20 2.46
CA THR F 178 11.23 -0.74 2.39
C THR F 178 10.18 -0.12 3.30
N VAL F 179 10.62 0.62 4.31
CA VAL F 179 9.74 1.04 5.39
C VAL F 179 8.61 1.99 4.92
N VAL F 180 8.81 2.78 3.87
CA VAL F 180 7.75 3.70 3.45
C VAL F 180 6.65 3.11 2.59
N GLU F 181 6.69 1.82 2.26
CA GLU F 181 5.67 1.27 1.37
C GLU F 181 4.25 1.55 1.87
N PRO F 182 3.94 1.47 3.17
CA PRO F 182 2.56 1.77 3.61
C PRO F 182 2.15 3.21 3.37
N TYR F 183 3.09 4.15 3.38
CA TYR F 183 2.78 5.53 2.99
C TYR F 183 2.34 5.59 1.54
N ASN F 184 3.15 5.00 0.64
CA ASN F 184 2.82 5.02 -0.78
C ASN F 184 1.51 4.32 -1.06
N ALA F 185 1.26 3.23 -0.36
CA ALA F 185 0.05 2.44 -0.59
C ALA F 185 -1.20 3.23 -0.18
N THR F 186 -1.19 3.83 1.01
CA THR F 186 -2.34 4.60 1.46
C THR F 186 -2.62 5.77 0.53
N LEU F 187 -1.57 6.50 0.14
CA LEU F 187 -1.74 7.57 -0.83
C LEU F 187 -2.31 7.05 -2.13
N SER F 188 -1.94 5.83 -2.52
CA SER F 188 -2.43 5.32 -3.78
C SER F 188 -3.88 4.83 -3.68
N VAL F 189 -4.27 4.26 -2.55
CA VAL F 189 -5.63 3.75 -2.45
C VAL F 189 -6.62 4.90 -2.50
N HIS F 190 -6.27 6.00 -1.81
CA HIS F 190 -7.07 7.22 -1.89
C HIS F 190 -7.32 7.64 -3.33
N GLN F 191 -6.26 7.63 -4.15
CA GLN F 191 -6.42 7.94 -5.57
C GLN F 191 -7.34 6.94 -6.25
N LEU F 192 -7.07 5.65 -6.05
CA LEU F 192 -7.83 4.61 -6.75
C LEU F 192 -9.31 4.66 -6.36
N VAL F 193 -9.60 4.95 -5.08
CA VAL F 193 -10.99 5.12 -4.65
C VAL F 193 -11.67 6.22 -5.46
N GLU F 194 -10.95 7.29 -5.76
CA GLU F 194 -11.58 8.40 -6.45
C GLU F 194 -11.61 8.27 -7.97
N ASN F 195 -10.60 7.65 -8.57
CA ASN F 195 -10.39 7.81 -10.01
C ASN F 195 -10.44 6.56 -10.88
N THR F 196 -10.72 5.38 -10.33
CA THR F 196 -10.81 4.19 -11.18
C THR F 196 -12.24 3.64 -11.11
N ASP F 197 -12.65 2.95 -12.17
CA ASP F 197 -13.91 2.24 -12.18
C ASP F 197 -13.84 0.83 -11.59
N GLU F 198 -12.77 0.09 -11.88
CA GLU F 198 -12.59 -1.24 -11.29
C GLU F 198 -11.12 -1.43 -10.98
N THR F 199 -10.84 -1.97 -9.79
CA THR F 199 -9.49 -2.34 -9.41
C THR F 199 -9.41 -3.78 -8.90
N TYR F 200 -8.59 -4.60 -9.55
CA TYR F 200 -8.26 -5.92 -9.04
C TYR F 200 -7.13 -5.78 -8.01
N CYS F 201 -7.40 -6.15 -6.76
CA CYS F 201 -6.40 -6.10 -5.69
C CYS F 201 -5.55 -7.37 -5.70
N ILE F 202 -4.34 -7.24 -6.18
CA ILE F 202 -3.35 -8.31 -6.21
C ILE F 202 -2.38 -8.09 -5.06
N ASP F 203 -2.49 -8.94 -4.05
CA ASP F 203 -1.85 -8.74 -2.77
C ASP F 203 -0.59 -9.59 -2.65
N ASN F 204 0.57 -8.94 -2.53
CA ASN F 204 1.80 -9.72 -2.45
C ASN F 204 1.82 -10.62 -1.22
N GLU F 205 1.02 -10.30 -0.20
CA GLU F 205 0.96 -11.16 0.98
C GLU F 205 0.38 -12.53 0.61
N ALA F 206 -0.70 -12.54 -0.17
CA ALA F 206 -1.29 -13.80 -0.60
C ALA F 206 -0.40 -14.49 -1.63
N LEU F 207 0.20 -13.74 -2.55
CA LEU F 207 1.12 -14.37 -3.48
C LEU F 207 2.25 -15.06 -2.72
N TYR F 208 2.75 -14.43 -1.64
CA TYR F 208 3.79 -15.09 -0.84
C TYR F 208 3.27 -16.36 -0.20
N ASP F 209 2.09 -16.30 0.42
CA ASP F 209 1.56 -17.48 1.08
C ASP F 209 1.36 -18.64 0.09
N ILE F 210 0.70 -18.38 -1.03
CA ILE F 210 0.53 -19.42 -2.05
C ILE F 210 1.87 -20.05 -2.41
N CYS F 211 2.91 -19.24 -2.56
CA CYS F 211 4.17 -19.77 -3.05
C CYS F 211 4.86 -20.58 -1.98
N PHE F 212 4.76 -20.11 -0.75
CA PHE F 212 5.54 -20.66 0.34
C PHE F 212 4.80 -21.78 1.06
N ARG F 213 3.51 -21.58 1.35
CA ARG F 213 2.76 -22.61 2.05
C ARG F 213 2.16 -23.62 1.08
N THR F 214 1.41 -23.14 0.09
CA THR F 214 0.72 -24.05 -0.80
C THR F 214 1.63 -24.67 -1.86
N LEU F 215 2.50 -23.88 -2.48
CA LEU F 215 3.31 -24.52 -3.53
C LEU F 215 4.65 -24.99 -3.02
N LYS F 216 4.97 -24.69 -1.76
CA LYS F 216 6.14 -25.24 -1.11
C LYS F 216 7.44 -24.71 -1.72
N LEU F 217 7.41 -23.48 -2.24
CA LEU F 217 8.59 -22.83 -2.79
C LEU F 217 9.31 -22.09 -1.69
N THR F 218 10.41 -22.67 -1.21
CA THR F 218 11.06 -22.17 -0.01
C THR F 218 11.95 -20.98 -0.30
N THR F 219 12.32 -20.76 -1.56
CA THR F 219 13.03 -19.55 -1.99
C THR F 219 12.25 -18.84 -3.09
N PRO F 220 11.08 -18.30 -2.78
CA PRO F 220 10.24 -17.73 -3.84
C PRO F 220 10.89 -16.50 -4.42
N THR F 221 10.70 -16.30 -5.73
CA THR F 221 11.21 -15.15 -6.45
C THR F 221 10.04 -14.34 -7.00
N TYR F 222 10.32 -13.11 -7.44
CA TYR F 222 9.26 -12.36 -8.09
C TYR F 222 8.78 -13.08 -9.34
N GLY F 223 9.65 -13.85 -9.98
CA GLY F 223 9.21 -14.70 -11.07
C GLY F 223 8.08 -15.61 -10.64
N ASP F 224 8.17 -16.15 -9.43
CA ASP F 224 7.13 -17.06 -8.95
C ASP F 224 5.85 -16.28 -8.71
N LEU F 225 5.97 -15.17 -7.98
CA LEU F 225 4.80 -14.35 -7.70
C LEU F 225 4.11 -13.95 -9.00
N ASN F 226 4.89 -13.53 -10.00
CA ASN F 226 4.32 -13.03 -11.25
C ASN F 226 3.71 -14.14 -12.09
N HIS F 227 4.13 -15.39 -11.89
CA HIS F 227 3.49 -16.48 -12.60
C HIS F 227 2.00 -16.54 -12.24
N LEU F 228 1.69 -16.30 -10.96
CA LEU F 228 0.30 -16.33 -10.51
C LEU F 228 -0.44 -15.08 -10.98
N VAL F 229 0.23 -13.94 -11.00
CA VAL F 229 -0.44 -12.73 -11.44
C VAL F 229 -0.82 -12.85 -12.90
N SER F 230 0.06 -13.45 -13.70
CA SER F 230 -0.21 -13.54 -15.12
C SER F 230 -1.29 -14.57 -15.39
N ALA F 231 -1.29 -15.68 -14.65
CA ALA F 231 -2.38 -16.63 -14.80
C ALA F 231 -3.69 -15.95 -14.42
N THR F 232 -3.68 -15.17 -13.34
CA THR F 232 -4.88 -14.48 -12.91
C THR F 232 -5.29 -13.41 -13.90
N MET F 233 -4.31 -12.74 -14.52
CA MET F 233 -4.66 -11.66 -15.43
C MET F 233 -5.19 -12.20 -16.75
N SER F 234 -4.64 -13.32 -17.22
CA SER F 234 -5.25 -13.94 -18.40
C SER F 234 -6.68 -14.36 -18.10
N GLY F 235 -6.89 -14.96 -16.93
CA GLY F 235 -8.22 -15.43 -16.56
C GLY F 235 -9.24 -14.31 -16.48
N VAL F 236 -8.91 -13.23 -15.77
CA VAL F 236 -9.88 -12.17 -15.54
C VAL F 236 -10.14 -11.32 -16.77
N THR F 237 -9.30 -11.43 -17.80
CA THR F 237 -9.51 -10.72 -19.04
C THR F 237 -10.01 -11.66 -20.13
N THR F 238 -10.40 -12.88 -19.77
CA THR F 238 -10.92 -13.82 -20.76
C THR F 238 -12.21 -13.30 -21.40
N CYS F 239 -13.12 -12.74 -20.59
CA CYS F 239 -14.40 -12.26 -21.12
C CYS F 239 -14.21 -11.14 -22.13
N LEU F 240 -13.08 -10.43 -22.09
CA LEU F 240 -12.80 -9.35 -23.02
C LEU F 240 -12.21 -9.83 -24.34
N ARG F 241 -11.55 -11.00 -24.35
CA ARG F 241 -10.67 -11.38 -25.44
C ARG F 241 -11.24 -12.53 -26.28
N PHE F 242 -12.34 -13.12 -25.85
CA PHE F 242 -12.97 -14.21 -26.58
C PHE F 242 -14.47 -13.96 -26.67
N PRO F 243 -15.10 -14.47 -27.74
CA PRO F 243 -16.56 -14.35 -27.86
C PRO F 243 -17.31 -14.85 -26.64
N GLY F 244 -18.33 -14.09 -26.23
CA GLY F 244 -19.02 -14.41 -25.00
C GLY F 244 -20.08 -13.39 -24.68
N GLN F 245 -20.99 -13.82 -23.81
CA GLN F 245 -22.24 -13.13 -23.55
C GLN F 245 -22.18 -12.30 -22.28
N LEU F 246 -21.31 -12.68 -21.36
CA LEU F 246 -21.26 -12.09 -20.03
C LEU F 246 -19.94 -11.35 -19.84
N ASN F 247 -20.06 -10.19 -19.21
CA ASN F 247 -18.96 -9.29 -18.93
C ASN F 247 -18.00 -9.13 -20.11
N ALA F 248 -18.57 -8.91 -21.30
CA ALA F 248 -17.76 -8.96 -22.51
C ALA F 248 -17.03 -7.65 -22.78
N ASP F 249 -17.31 -6.62 -21.97
CA ASP F 249 -16.59 -5.36 -22.05
C ASP F 249 -16.52 -4.73 -20.66
N LEU F 250 -15.65 -3.72 -20.54
CA LEU F 250 -15.32 -3.18 -19.23
C LEU F 250 -16.52 -2.55 -18.55
N ARG F 251 -17.42 -1.95 -19.33
CA ARG F 251 -18.55 -1.23 -18.75
C ARG F 251 -19.61 -2.21 -18.25
N LYS F 252 -19.90 -3.23 -19.05
CA LYS F 252 -20.84 -4.26 -18.62
C LYS F 252 -20.33 -4.98 -17.39
N LEU F 253 -19.02 -5.17 -17.29
CA LEU F 253 -18.50 -5.79 -16.08
C LEU F 253 -18.72 -4.87 -14.89
N ALA F 254 -18.45 -3.57 -15.05
CA ALA F 254 -18.63 -2.64 -13.94
C ALA F 254 -20.08 -2.62 -13.48
N VAL F 255 -21.03 -2.63 -14.42
CA VAL F 255 -22.43 -2.63 -14.00
C VAL F 255 -22.78 -3.90 -13.24
N ASN F 256 -22.20 -5.05 -13.62
CA ASN F 256 -22.46 -6.27 -12.86
C ASN F 256 -21.65 -6.39 -11.57
N MET F 257 -20.46 -5.79 -11.47
CA MET F 257 -19.64 -6.05 -10.29
C MET F 257 -19.63 -4.93 -9.27
N VAL F 258 -20.10 -3.73 -9.60
CA VAL F 258 -19.89 -2.58 -8.73
C VAL F 258 -21.25 -2.01 -8.34
N PRO F 259 -21.82 -2.47 -7.22
CA PRO F 259 -23.13 -1.94 -6.79
C PRO F 259 -23.05 -0.55 -6.18
N PHE F 260 -21.89 -0.14 -5.65
CA PHE F 260 -21.75 1.19 -5.09
C PHE F 260 -20.40 1.76 -5.53
N PRO F 261 -20.40 3.01 -6.02
CA PRO F 261 -19.21 3.57 -6.67
C PRO F 261 -17.88 3.29 -5.99
N ARG F 262 -17.80 3.47 -4.69
CA ARG F 262 -16.48 3.35 -4.05
C ARG F 262 -16.07 1.90 -3.93
N LEU F 263 -17.01 0.97 -3.97
CA LEU F 263 -16.74 -0.45 -3.72
C LEU F 263 -16.48 -1.17 -5.05
N HIS F 264 -15.29 -0.91 -5.60
CA HIS F 264 -14.86 -1.39 -6.91
C HIS F 264 -13.49 -2.08 -6.83
N PHE F 265 -13.20 -2.66 -5.67
CA PHE F 265 -11.98 -3.44 -5.41
C PHE F 265 -12.30 -4.93 -5.34
N PHE F 266 -11.79 -5.67 -6.31
CA PHE F 266 -12.12 -7.07 -6.53
C PHE F 266 -11.08 -8.01 -5.93
N MET F 267 -11.55 -9.16 -5.43
CA MET F 267 -10.65 -10.26 -5.05
C MET F 267 -10.53 -11.22 -6.21
N PRO F 268 -9.39 -11.31 -6.88
CA PRO F 268 -9.23 -12.35 -7.89
C PRO F 268 -8.93 -13.70 -7.23
N GLY F 269 -9.23 -14.75 -7.98
CA GLY F 269 -8.88 -16.10 -7.56
C GLY F 269 -8.64 -16.93 -8.79
N PHE F 270 -7.86 -17.99 -8.61
CA PHE F 270 -7.48 -18.82 -9.74
C PHE F 270 -7.34 -20.25 -9.24
N ALA F 271 -7.70 -21.20 -10.10
CA ALA F 271 -7.48 -22.61 -9.82
C ALA F 271 -7.28 -23.32 -11.15
N PRO F 272 -6.40 -24.32 -11.22
CA PRO F 272 -5.49 -24.81 -10.15
C PRO F 272 -4.30 -23.89 -9.88
N LEU F 273 -3.79 -23.83 -8.65
CA LEU F 273 -2.53 -23.16 -8.40
C LEU F 273 -1.39 -24.06 -8.87
N THR F 274 -0.53 -23.50 -9.74
CA THR F 274 0.59 -24.27 -10.24
C THR F 274 1.85 -23.41 -10.25
N SER F 275 2.98 -24.06 -9.97
CA SER F 275 4.29 -23.43 -10.02
C SER F 275 4.92 -23.69 -11.39
N ARG F 276 5.49 -22.65 -11.99
CA ARG F 276 6.05 -22.77 -13.33
C ARG F 276 7.12 -23.85 -13.37
N GLY F 277 7.23 -24.51 -14.52
CA GLY F 277 8.18 -25.60 -14.68
C GLY F 277 7.57 -26.97 -14.46
N SER F 278 6.76 -27.09 -13.42
CA SER F 278 6.11 -28.36 -13.11
C SER F 278 5.04 -28.69 -14.15
N GLN F 279 4.65 -29.97 -14.19
CA GLN F 279 3.69 -30.46 -15.16
C GLN F 279 2.47 -31.04 -14.45
N GLN F 280 1.32 -30.95 -15.12
CA GLN F 280 0.04 -31.42 -14.50
C GLN F 280 -0.27 -32.82 -15.01
N TYR F 281 -0.20 -33.81 -14.12
CA TYR F 281 -0.44 -35.21 -14.52
C TYR F 281 -1.95 -35.43 -14.63
N ARG F 282 -2.68 -35.14 -13.56
CA ARG F 282 -4.16 -35.28 -13.59
C ARG F 282 -4.80 -33.88 -13.57
N ALA F 283 -5.73 -33.63 -14.49
CA ALA F 283 -6.45 -32.35 -14.44
C ALA F 283 -7.35 -32.38 -13.21
N LEU F 284 -8.15 -31.34 -13.02
CA LEU F 284 -9.09 -31.32 -11.88
C LEU F 284 -10.53 -31.41 -12.41
N THR F 285 -11.41 -32.06 -11.66
CA THR F 285 -12.82 -32.21 -12.07
C THR F 285 -13.56 -30.89 -11.89
N VAL F 286 -14.51 -30.55 -12.77
CA VAL F 286 -15.29 -29.35 -12.52
C VAL F 286 -15.60 -29.21 -11.04
N PRO F 287 -16.03 -30.27 -10.33
CA PRO F 287 -16.21 -30.14 -8.88
C PRO F 287 -14.99 -29.62 -8.15
N GLU F 288 -13.81 -30.19 -8.42
CA GLU F 288 -12.61 -29.72 -7.74
C GLU F 288 -12.32 -28.26 -8.02
N LEU F 289 -12.41 -27.85 -9.30
CA LEU F 289 -12.22 -26.45 -9.65
C LEU F 289 -13.12 -25.56 -8.82
N THR F 290 -14.38 -25.94 -8.71
CA THR F 290 -15.38 -25.07 -8.11
C THR F 290 -15.13 -24.95 -6.62
N GLN F 291 -14.82 -26.08 -5.97
CA GLN F 291 -14.57 -26.02 -4.53
C GLN F 291 -13.37 -25.14 -4.24
N GLN F 292 -12.34 -25.22 -5.08
CA GLN F 292 -11.08 -24.54 -4.82
C GLN F 292 -11.17 -23.02 -5.01
N MET F 293 -11.81 -22.58 -6.08
CA MET F 293 -11.79 -21.15 -6.41
C MET F 293 -12.48 -20.33 -5.33
N PHE F 294 -13.39 -20.95 -4.59
CA PHE F 294 -14.07 -20.26 -3.51
C PHE F 294 -13.33 -20.45 -2.18
N ASP F 295 -12.26 -21.25 -2.18
CA ASP F 295 -11.50 -21.53 -0.96
C ASP F 295 -10.57 -20.36 -0.68
N SER F 296 -10.51 -19.96 0.60
CA SER F 296 -9.64 -18.85 0.99
C SER F 296 -8.21 -19.01 0.50
N LYS F 297 -7.71 -20.25 0.39
CA LYS F 297 -6.33 -20.49 -0.02
C LYS F 297 -6.06 -20.14 -1.48
N ASN F 298 -7.08 -19.97 -2.31
CA ASN F 298 -6.88 -19.64 -3.72
C ASN F 298 -7.09 -18.18 -4.06
N MET F 299 -7.34 -17.34 -3.07
CA MET F 299 -7.53 -15.91 -3.30
C MET F 299 -6.19 -15.20 -3.45
N MET F 300 -6.13 -14.27 -4.42
CA MET F 300 -4.99 -13.39 -4.61
C MET F 300 -4.96 -12.17 -3.70
N ALA F 301 -5.92 -12.02 -2.79
CA ALA F 301 -5.85 -11.03 -1.73
C ALA F 301 -5.93 -11.73 -0.39
N ALA F 302 -5.10 -11.30 0.57
CA ALA F 302 -4.94 -12.09 1.80
C ALA F 302 -6.02 -11.75 2.82
N CYS F 303 -7.25 -12.10 2.47
CA CYS F 303 -8.42 -11.83 3.28
C CYS F 303 -9.26 -13.10 3.28
N ASP F 304 -9.79 -13.47 4.44
CA ASP F 304 -10.69 -14.62 4.51
C ASP F 304 -12.11 -14.24 4.11
N PRO F 305 -12.58 -14.75 2.96
CA PRO F 305 -13.93 -14.43 2.51
C PRO F 305 -15.01 -14.79 3.50
N ARG F 306 -14.77 -15.79 4.33
CA ARG F 306 -15.75 -16.21 5.32
C ARG F 306 -15.96 -15.14 6.39
N HIS F 307 -15.07 -14.15 6.45
CA HIS F 307 -15.14 -13.04 7.38
C HIS F 307 -15.98 -11.89 6.86
N GLY F 308 -16.53 -12.03 5.65
CA GLY F 308 -17.35 -11.01 5.07
C GLY F 308 -18.50 -11.59 4.28
N ARG F 309 -19.02 -10.82 3.32
CA ARG F 309 -20.10 -11.28 2.48
C ARG F 309 -19.82 -10.84 1.05
N TYR F 310 -20.19 -11.68 0.09
CA TYR F 310 -20.03 -11.35 -1.31
C TYR F 310 -21.18 -10.45 -1.78
N LEU F 311 -20.85 -9.32 -2.41
CA LEU F 311 -21.90 -8.51 -3.01
C LEU F 311 -22.21 -9.03 -4.39
N THR F 312 -21.18 -9.41 -5.14
CA THR F 312 -21.28 -9.87 -6.52
C THR F 312 -20.11 -10.81 -6.75
N VAL F 313 -20.32 -11.80 -7.60
CA VAL F 313 -19.24 -12.70 -8.00
C VAL F 313 -19.39 -13.02 -9.48
N ALA F 314 -18.28 -12.99 -10.19
CA ALA F 314 -18.14 -13.56 -11.53
C ALA F 314 -17.22 -14.77 -11.48
N ALA F 315 -17.61 -15.83 -12.16
CA ALA F 315 -16.78 -17.02 -12.30
C ALA F 315 -16.60 -17.35 -13.77
N ILE F 316 -15.36 -17.54 -14.20
CA ILE F 316 -15.05 -17.84 -15.60
C ILE F 316 -14.33 -19.18 -15.68
N PHE F 317 -14.99 -20.16 -16.29
CA PHE F 317 -14.41 -21.48 -16.52
C PHE F 317 -13.86 -21.53 -17.93
N ARG F 318 -12.67 -22.10 -18.07
CA ARG F 318 -12.00 -22.27 -19.35
C ARG F 318 -11.64 -23.73 -19.54
N GLY F 319 -11.78 -24.20 -20.77
CA GLY F 319 -11.50 -25.58 -21.12
C GLY F 319 -12.74 -26.31 -21.59
N ARG F 320 -12.49 -27.47 -22.18
CA ARG F 320 -13.56 -28.34 -22.64
C ARG F 320 -14.17 -29.05 -21.44
N MET F 321 -15.47 -28.87 -21.23
CA MET F 321 -16.09 -29.39 -20.02
C MET F 321 -17.60 -29.29 -20.18
N SER F 322 -18.31 -30.01 -19.32
CA SER F 322 -19.77 -30.06 -19.35
C SER F 322 -20.36 -28.75 -18.87
N MET F 323 -21.03 -28.03 -19.77
CA MET F 323 -21.74 -26.83 -19.32
C MET F 323 -22.78 -27.18 -18.26
N LYS F 324 -23.39 -28.37 -18.38
CA LYS F 324 -24.35 -28.84 -17.39
C LYS F 324 -23.71 -29.01 -16.02
N GLU F 325 -22.53 -29.64 -15.99
CA GLU F 325 -21.86 -29.89 -14.72
C GLU F 325 -21.37 -28.61 -14.07
N VAL F 326 -20.89 -27.65 -14.86
CA VAL F 326 -20.52 -26.34 -14.30
C VAL F 326 -21.69 -25.70 -13.59
N ASP F 327 -22.84 -25.62 -14.26
CA ASP F 327 -24.04 -25.12 -13.62
C ASP F 327 -24.35 -25.84 -12.31
N GLU F 328 -24.37 -27.17 -12.35
CA GLU F 328 -24.66 -27.95 -11.15
C GLU F 328 -23.70 -27.63 -10.01
N GLN F 329 -22.40 -27.50 -10.30
CA GLN F 329 -21.42 -27.30 -9.23
C GLN F 329 -21.44 -25.87 -8.71
N MET F 330 -21.74 -24.91 -9.59
CA MET F 330 -21.87 -23.53 -9.14
C MET F 330 -23.11 -23.35 -8.27
N LEU F 331 -24.20 -24.04 -8.61
CA LEU F 331 -25.38 -23.99 -7.75
C LEU F 331 -25.07 -24.61 -6.40
N ASN F 332 -24.37 -25.75 -6.39
CA ASN F 332 -23.99 -26.39 -5.13
C ASN F 332 -23.23 -25.43 -4.22
N VAL F 333 -22.21 -24.76 -4.77
CA VAL F 333 -21.42 -23.79 -4.01
C VAL F 333 -22.29 -22.68 -3.43
N GLN F 334 -23.21 -22.15 -4.23
CA GLN F 334 -24.05 -21.07 -3.70
C GLN F 334 -25.00 -21.61 -2.65
N ASN F 335 -25.55 -22.79 -2.88
CA ASN F 335 -26.50 -23.40 -1.96
C ASN F 335 -25.82 -23.84 -0.69
N LYS F 336 -24.51 -24.08 -0.77
CA LYS F 336 -23.72 -24.61 0.32
C LYS F 336 -23.12 -23.50 1.15
N ASN F 337 -22.95 -22.32 0.57
CA ASN F 337 -22.40 -21.18 1.31
C ASN F 337 -23.36 -20.03 1.19
N SER F 338 -24.67 -20.33 1.26
CA SER F 338 -25.64 -19.33 0.85
C SER F 338 -25.70 -18.17 1.85
N SER F 339 -25.07 -18.31 3.01
CA SER F 339 -25.08 -17.28 4.04
C SER F 339 -24.02 -16.22 3.80
N TYR F 340 -23.09 -16.50 2.89
CA TYR F 340 -21.96 -15.62 2.58
C TYR F 340 -22.24 -14.67 1.42
N PHE F 341 -23.39 -14.82 0.76
CA PHE F 341 -23.86 -13.91 -0.28
C PHE F 341 -25.01 -13.06 0.24
N VAL F 342 -24.93 -11.75 0.04
CA VAL F 342 -25.95 -10.87 0.57
C VAL F 342 -27.29 -11.22 -0.07
N GLU F 343 -28.35 -11.16 0.73
CA GLU F 343 -29.67 -11.56 0.25
C GLU F 343 -30.35 -10.49 -0.61
N TRP F 344 -29.93 -9.23 -0.49
CA TRP F 344 -30.56 -8.11 -1.18
C TRP F 344 -29.94 -7.80 -2.55
N ILE F 345 -29.13 -8.70 -3.10
CA ILE F 345 -28.75 -8.61 -4.51
C ILE F 345 -29.00 -9.99 -5.11
N PRO F 346 -30.23 -10.20 -5.57
CA PRO F 346 -30.62 -11.51 -6.10
C PRO F 346 -29.76 -11.97 -7.26
N ASN F 347 -29.52 -13.27 -7.31
CA ASN F 347 -28.77 -13.90 -8.39
C ASN F 347 -27.47 -13.16 -8.72
N ASN F 348 -26.68 -12.92 -7.69
CA ASN F 348 -25.50 -12.09 -7.80
C ASN F 348 -24.25 -12.88 -8.20
N VAL F 349 -24.39 -14.19 -8.49
CA VAL F 349 -23.29 -15.00 -8.99
C VAL F 349 -23.54 -15.28 -10.47
N LYS F 350 -22.57 -14.90 -11.31
CA LYS F 350 -22.67 -15.07 -12.76
C LYS F 350 -21.51 -15.93 -13.25
N THR F 351 -21.77 -16.80 -14.22
CA THR F 351 -20.81 -17.82 -14.63
C THR F 351 -20.56 -17.77 -16.13
N ALA F 352 -19.28 -17.80 -16.53
CA ALA F 352 -18.89 -17.81 -17.92
C ALA F 352 -18.02 -19.02 -18.24
N VAL F 353 -18.10 -19.48 -19.48
CA VAL F 353 -17.22 -20.54 -19.97
C VAL F 353 -16.62 -20.11 -21.31
N CYS F 354 -15.33 -20.39 -21.50
CA CYS F 354 -14.64 -20.14 -22.75
C CYS F 354 -13.88 -21.38 -23.17
N ASP F 355 -14.09 -21.83 -24.42
CA ASP F 355 -13.55 -23.12 -24.83
C ASP F 355 -12.02 -23.13 -24.89
N ILE F 356 -11.39 -22.01 -25.21
CA ILE F 356 -9.93 -21.94 -25.27
C ILE F 356 -9.36 -21.98 -23.85
N PRO F 357 -8.61 -23.02 -23.47
CA PRO F 357 -8.00 -23.03 -22.14
C PRO F 357 -6.69 -22.27 -22.15
N PRO F 358 -6.11 -21.98 -20.98
CA PRO F 358 -4.79 -21.35 -20.96
C PRO F 358 -3.66 -22.37 -21.05
N ARG F 359 -2.51 -21.87 -21.50
CA ARG F 359 -1.34 -22.69 -21.76
C ARG F 359 -0.97 -23.55 -20.54
N GLY F 360 -0.82 -24.85 -20.77
CA GLY F 360 -0.39 -25.77 -19.74
C GLY F 360 -1.50 -26.39 -18.92
N LEU F 361 -2.71 -25.83 -18.95
CA LEU F 361 -3.82 -26.32 -18.15
C LEU F 361 -4.90 -26.85 -19.08
N LYS F 362 -5.47 -28.00 -18.71
CA LYS F 362 -6.64 -28.49 -19.43
C LYS F 362 -7.93 -27.83 -18.95
N MET F 363 -8.01 -27.55 -17.65
CA MET F 363 -9.17 -26.93 -17.01
C MET F 363 -8.71 -25.87 -16.03
N SER F 364 -9.25 -24.67 -16.17
CA SER F 364 -8.98 -23.65 -15.16
C SER F 364 -10.26 -22.91 -14.85
N ALA F 365 -10.23 -22.23 -13.72
CA ALA F 365 -11.32 -21.39 -13.25
C ALA F 365 -10.71 -20.16 -12.63
N THR F 366 -11.31 -19.02 -12.92
CA THR F 366 -10.89 -17.75 -12.36
C THR F 366 -12.08 -17.15 -11.61
N PHE F 367 -11.83 -16.71 -10.38
CA PHE F 367 -12.85 -16.13 -9.53
C PHE F 367 -12.65 -14.62 -9.49
N ILE F 368 -13.73 -13.86 -9.71
CA ILE F 368 -13.73 -12.41 -9.46
C ILE F 368 -14.85 -12.09 -8.48
N GLY F 369 -14.48 -11.74 -7.27
CA GLY F 369 -15.42 -11.44 -6.21
C GLY F 369 -15.39 -10.01 -5.74
N ASN F 370 -16.57 -9.41 -5.56
CA ASN F 370 -16.66 -8.14 -4.85
C ASN F 370 -17.20 -8.50 -3.46
N SER F 371 -16.29 -8.85 -2.56
CA SER F 371 -16.63 -9.28 -1.21
C SER F 371 -16.27 -8.19 -0.21
N THR F 372 -17.14 -7.99 0.79
CA THR F 372 -16.83 -7.04 1.85
C THR F 372 -15.60 -7.42 2.66
N ALA F 373 -15.08 -8.64 2.49
CA ALA F 373 -13.92 -9.04 3.28
C ALA F 373 -12.66 -8.34 2.81
N ILE F 374 -12.70 -7.64 1.67
CA ILE F 374 -11.55 -6.89 1.23
C ILE F 374 -11.15 -5.82 2.24
N GLN F 375 -12.01 -5.54 3.22
CA GLN F 375 -11.65 -4.55 4.22
C GLN F 375 -10.45 -5.00 5.04
N GLU F 376 -10.27 -6.31 5.21
CA GLU F 376 -9.13 -6.78 5.98
C GLU F 376 -7.81 -6.37 5.32
N LEU F 377 -7.77 -6.39 3.99
CA LEU F 377 -6.57 -5.93 3.28
C LEU F 377 -6.29 -4.46 3.61
N PHE F 378 -7.31 -3.60 3.50
CA PHE F 378 -7.10 -2.17 3.70
C PHE F 378 -6.87 -1.87 5.17
N LYS F 379 -7.44 -2.68 6.05
CA LYS F 379 -7.18 -2.52 7.48
C LYS F 379 -5.72 -2.81 7.76
N ARG F 380 -5.16 -3.83 7.12
CA ARG F 380 -3.76 -4.18 7.34
C ARG F 380 -2.85 -3.02 6.98
N ILE F 381 -3.04 -2.46 5.78
CA ILE F 381 -2.29 -1.28 5.38
C ILE F 381 -2.54 -0.16 6.37
N SER F 382 -3.79 0.01 6.78
CA SER F 382 -4.14 1.12 7.66
C SER F 382 -3.42 1.02 8.99
N GLU F 383 -3.27 -0.20 9.51
CA GLU F 383 -2.56 -0.38 10.76
C GLU F 383 -1.09 -0.01 10.63
N GLN F 384 -0.46 -0.44 9.54
CA GLN F 384 0.95 -0.14 9.34
C GLN F 384 1.18 1.36 9.21
N PHE F 385 0.30 2.03 8.47
CA PHE F 385 0.40 3.46 8.26
C PHE F 385 0.35 4.22 9.58
N THR F 386 -0.65 3.94 10.41
CA THR F 386 -0.83 4.72 11.62
C THR F 386 0.33 4.50 12.58
N ALA F 387 0.92 3.29 12.58
CA ALA F 387 2.05 3.05 13.48
C ALA F 387 3.16 4.05 13.22
N MET F 388 3.39 4.44 11.97
CA MET F 388 4.40 5.42 11.63
C MET F 388 3.85 6.83 11.68
N PHE F 389 2.66 7.04 11.10
CA PHE F 389 2.18 8.40 10.89
C PHE F 389 1.92 9.10 12.20
N ARG F 390 1.55 8.36 13.24
CA ARG F 390 1.27 9.01 14.52
C ARG F 390 2.52 9.61 15.14
N ARG F 391 3.70 9.26 14.63
CA ARG F 391 4.95 9.87 15.07
C ARG F 391 5.60 10.67 13.96
N LYS F 392 4.90 10.82 12.83
CA LYS F 392 5.41 11.52 11.66
C LYS F 392 6.74 10.97 11.18
N ALA F 393 6.96 9.67 11.41
CA ALA F 393 8.23 9.03 11.10
C ALA F 393 8.42 8.88 9.60
N PHE F 394 9.61 9.23 9.11
CA PHE F 394 9.97 9.15 7.70
C PHE F 394 9.21 10.13 6.82
N LEU F 395 8.43 11.02 7.43
CA LEU F 395 7.65 11.98 6.67
C LEU F 395 8.54 12.94 5.90
N HIS F 396 9.73 13.24 6.43
CA HIS F 396 10.58 14.22 5.76
C HIS F 396 10.88 13.81 4.31
N TRP F 397 10.91 12.51 4.03
CA TRP F 397 11.09 12.07 2.64
C TRP F 397 10.02 12.62 1.72
N TYR F 398 8.81 12.87 2.24
CA TYR F 398 7.69 13.37 1.44
C TYR F 398 7.55 14.88 1.52
N THR F 399 7.64 15.43 2.73
CA THR F 399 7.55 16.88 2.89
C THR F 399 8.68 17.57 2.15
N GLY F 400 9.83 16.90 2.02
CA GLY F 400 10.93 17.50 1.30
C GLY F 400 10.63 17.68 -0.18
N GLU F 401 9.64 16.97 -0.70
CA GLU F 401 9.20 17.08 -2.09
C GLU F 401 8.01 18.01 -2.24
N GLY F 402 7.60 18.68 -1.17
CA GLY F 402 6.55 19.68 -1.26
C GLY F 402 5.21 19.24 -0.70
N MET F 403 5.08 17.98 -0.32
CA MET F 403 3.81 17.56 0.26
C MET F 403 3.64 18.09 1.68
N ASP F 404 2.40 18.36 2.01
CA ASP F 404 1.99 18.70 3.37
C ASP F 404 1.47 17.46 4.08
N GLU F 405 1.45 17.54 5.41
CA GLU F 405 1.00 16.39 6.18
C GLU F 405 -0.51 16.27 6.17
N MET F 406 -1.20 17.37 5.90
CA MET F 406 -2.64 17.33 5.78
C MET F 406 -3.07 16.33 4.71
N GLU F 407 -2.30 16.25 3.62
CA GLU F 407 -2.60 15.30 2.54
C GLU F 407 -2.45 13.84 2.99
N PHE F 408 -1.61 13.57 3.98
CA PHE F 408 -1.54 12.23 4.55
C PHE F 408 -2.77 11.95 5.40
N THR F 409 -3.15 12.91 6.25
CA THR F 409 -4.36 12.79 7.05
C THR F 409 -5.57 12.45 6.18
N GLU F 410 -5.73 13.12 5.04
CA GLU F 410 -6.87 12.84 4.17
C GLU F 410 -6.83 11.42 3.61
N ALA F 411 -5.66 10.98 3.12
CA ALA F 411 -5.60 9.63 2.59
C ALA F 411 -5.98 8.60 3.65
N GLU F 412 -5.43 8.72 4.86
CA GLU F 412 -5.86 7.82 5.93
C GLU F 412 -7.36 7.90 6.16
N SER F 413 -7.90 9.11 6.21
CA SER F 413 -9.33 9.27 6.45
CA SER F 413 -9.33 9.27 6.46
C SER F 413 -10.16 8.60 5.37
N ASN F 414 -9.88 8.92 4.10
CA ASN F 414 -10.62 8.29 3.02
C ASN F 414 -10.55 6.77 3.14
N MET F 415 -9.37 6.24 3.48
CA MET F 415 -9.23 4.79 3.54
C MET F 415 -9.98 4.20 4.73
N ASN F 416 -10.05 4.94 5.85
CA ASN F 416 -10.86 4.46 6.97
C ASN F 416 -12.35 4.54 6.67
N ASP F 417 -12.75 5.53 5.86
CA ASP F 417 -14.12 5.56 5.37
C ASP F 417 -14.41 4.33 4.53
N LEU F 418 -13.50 4.02 3.62
CA LEU F 418 -13.71 2.88 2.73
C LEU F 418 -13.89 1.60 3.57
N VAL F 419 -13.02 1.41 4.56
CA VAL F 419 -13.12 0.23 5.41
C VAL F 419 -14.48 0.16 6.09
N SER F 420 -14.91 1.27 6.71
CA SER F 420 -16.19 1.27 7.42
C SER F 420 -17.37 1.10 6.47
N GLU F 421 -17.26 1.62 5.25
CA GLU F 421 -18.34 1.44 4.28
C GLU F 421 -18.53 -0.02 3.90
N TYR F 422 -17.44 -0.76 3.69
CA TYR F 422 -17.55 -2.20 3.54
C TYR F 422 -18.23 -2.82 4.75
N GLN F 423 -17.93 -2.30 5.93
CA GLN F 423 -18.50 -2.88 7.15
C GLN F 423 -20.00 -2.60 7.21
N GLN F 424 -20.42 -1.43 6.73
CA GLN F 424 -21.84 -1.07 6.62
C GLN F 424 -22.65 -2.15 5.91
N TYR F 425 -22.19 -2.57 4.73
CA TYR F 425 -22.95 -3.50 3.90
C TYR F 425 -22.82 -4.94 4.38
N GLN F 426 -21.81 -5.23 5.21
CA GLN F 426 -21.64 -6.58 5.67
C GLN F 426 -22.75 -6.94 6.67
N ASP F 427 -23.23 -5.96 7.44
CA ASP F 427 -24.29 -6.18 8.43
C ASP F 427 -25.71 -5.98 7.90
N ALA F 428 -25.88 -5.50 6.67
CA ALA F 428 -27.19 -5.40 6.01
C ALA F 428 -28.09 -6.64 6.19
PG GTP G . -27.81 -3.99 -24.26
O1G GTP G . -27.89 -2.57 -24.71
O2G GTP G . -26.92 -4.83 -25.13
O3G GTP G . -27.50 -4.12 -22.80
O3B GTP G . -29.29 -4.59 -24.44
PB GTP G . -29.86 -5.79 -25.33
O1B GTP G . -28.79 -6.24 -26.26
O2B GTP G . -31.19 -5.39 -25.86
O3A GTP G . -30.07 -6.91 -24.21
PA GTP G . -30.35 -8.47 -24.37
O1A GTP G . -29.05 -9.20 -24.24
O2A GTP G . -31.17 -8.68 -25.59
O5' GTP G . -31.24 -8.76 -23.07
C5' GTP G . -30.70 -9.58 -22.03
C4' GTP G . -31.79 -10.46 -21.47
O4' GTP G . -32.48 -11.10 -22.56
C3' GTP G . -31.32 -11.63 -20.58
O3' GTP G . -32.34 -12.03 -19.68
C2' GTP G . -31.05 -12.72 -21.61
O2' GTP G . -31.13 -14.00 -21.05
C1' GTP G . -32.19 -12.47 -22.60
N9 GTP G . -31.84 -12.80 -23.99
C8 GTP G . -30.82 -12.25 -24.72
N7 GTP G . -30.74 -12.75 -25.94
C5 GTP G . -31.77 -13.67 -25.99
C6 GTP G . -32.16 -14.53 -27.05
O6 GTP G . -31.68 -14.62 -28.18
N1 GTP G . -33.26 -15.32 -26.68
C2 GTP G . -33.88 -15.30 -25.46
N2 GTP G . -34.91 -16.13 -25.31
N3 GTP G . -33.51 -14.50 -24.46
C4 GTP G . -32.45 -13.72 -24.79
MG MG H . -26.53 -6.21 -26.91
CA CA I . -48.23 -11.72 -54.77
C71 VLB J . 9.46 -13.12 -4.08
C70 VLB J . 10.20 -11.90 -3.79
C54 VLB J . 11.37 -12.20 -2.75
O72 VLB J . 12.05 -13.21 -3.47
C55 VLB J . 12.22 -10.92 -2.53
C53 VLB J . 10.81 -12.76 -1.45
C52 VLB J . 11.77 -12.74 -0.23
C51 VLB J . 12.59 -13.98 -0.18
C69 VLB J . 12.62 -11.42 -0.21
N56 VLB J . 13.28 -11.02 -1.52
C57 VLB J . 14.38 -12.09 -2.04
C58 VLB J . 15.58 -12.42 -1.30
C59 VLB J . 15.56 -12.75 0.02
C60 VLB J . 16.83 -12.36 0.65
C61 VLB J . 17.98 -11.78 0.15
C62 VLB J . 19.00 -11.57 1.06
C63 VLB J . 18.88 -11.93 2.40
C64 VLB J . 17.74 -12.51 2.90
C65 VLB J . 16.72 -12.72 1.96
N66 VLB J . 15.48 -13.27 2.25
C67 VLB J . 14.78 -13.27 1.00
C68 VLB J . 13.48 -14.00 1.13
C73 VLB J . 14.20 -15.57 1.31
O74 VLB J . 14.45 -16.11 2.43
O75 VLB J . 14.55 -16.29 0.19
C76 VLB J . 13.58 -17.10 -0.18
C15 VLB J . 12.69 -13.92 2.29
C14 VLB J . 12.69 -12.70 2.92
C13 VLB J . 11.90 -12.52 4.01
C12 VLB J . 11.68 -11.34 4.90
C19 VLB J . 12.98 -10.90 5.52
C11 VLB J . 11.21 -10.13 4.15
C10 VLB J . 12.03 -8.96 4.67
N9 VLB J . 12.68 -9.48 5.92
C8 VLB J . 14.00 -8.87 6.24
C7 VLB J . 14.46 -9.55 7.43
C6 VLB J . 14.20 -10.86 7.62
C5 VLB J . 13.50 -11.69 6.67
C20 VLB J . 14.47 -12.69 6.12
C21 VLB J . 15.94 -12.07 5.76
C4 VLB J . 12.39 -12.46 7.40
O28 VLB J . 12.65 -12.76 8.72
C29 VLB J . 13.14 -14.03 8.91
C30 VLB J . 14.16 -14.22 9.95
O31 VLB J . 12.68 -14.98 8.20
C3 VLB J . 11.01 -11.74 7.36
C23 VLB J . 9.92 -12.35 8.23
O24 VLB J . 8.96 -11.63 8.55
O25 VLB J . 9.94 -13.63 8.69
C26 VLB J . 9.10 -14.47 8.01
O27 VLB J . 11.23 -10.45 7.81
C2 VLB J . 10.59 -11.81 5.87
N1 VLB J . 10.33 -13.25 5.60
C22 VLB J . 8.98 -13.36 5.19
C18 VLB J . 11.08 -13.55 4.47
C17 VLB J . 11.06 -14.78 3.85
C16 VLB J . 11.87 -14.96 2.74
O32 VLB J . 11.84 -16.22 2.16
C33 VLB J . 10.66 -16.47 1.75
H711 VLB J . 8.78 -12.96 -4.74
H712 VLB J . 10.06 -13.81 -4.41
H713 VLB J . 9.03 -13.46 -3.29
H701 VLB J . 10.57 -11.52 -4.60
H702 VLB J . 9.61 -11.21 -3.44
H72 VLB J . 12.12 -13.90 -2.98
H551 VLB J . 12.63 -10.63 -3.37
H552 VLB J . 11.66 -10.16 -2.30
H531 VLB J . 9.99 -12.29 -1.26
H532 VLB J . 10.50 -13.66 -1.63
H52 VLB J . 11.19 -12.72 0.55
H511 VLB J . 12.04 -14.77 -0.23
H512 VLB J . 13.15 -14.07 -0.96
H691 VLB J . 12.10 -10.67 0.10
H692 VLB J . 13.33 -11.48 0.46
H571 VLB J . 14.06 -12.99 -2.20
H572 VLB J . 14.78 -11.89 -2.90
H581 VLB J . 16.00 -13.15 -1.77
H582 VLB J . 16.18 -11.68 -1.41
H61 VLB J . 18.02 -11.55 -0.75
H62 VLB J . 19.79 -11.17 0.75
H63 VLB J . 19.59 -11.77 2.99
H64 VLB J . 17.59 -12.76 3.78
H66 VLB J . 15.04 -12.89 2.93
H761 VLB J . 13.52 -17.08 -1.15
H762 VLB J . 13.79 -18.00 0.12
H763 VLB J . 12.75 -16.79 0.22
H14 VLB J . 13.22 -11.99 2.62
H19 VLB J . 13.70 -10.96 4.86
H111 VLB J . 11.30 -10.25 3.19
H112 VLB J . 10.25 -10.00 4.27
H101 VLB J . 12.70 -8.67 4.04
H102 VLB J . 11.48 -8.18 4.88
H81 VLB J . 14.68 -8.97 5.56
H82 VLB J . 13.99 -7.92 6.44
H7 VLB J . 14.95 -9.10 8.07
H6 VLB J . 14.50 -11.26 8.41
H201 VLB J . 14.51 -13.40 6.78
H202 VLB J . 14.02 -13.07 5.35
H211 VLB J . 16.48 -12.65 5.22
H212 VLB J . 15.90 -11.22 5.28
H213 VLB J . 16.48 -11.87 6.54
H4 VLB J . 12.37 -13.30 6.91
H301 VLB J . 14.36 -15.16 10.03
H302 VLB J . 14.97 -13.74 9.69
H303 VLB J . 13.84 -13.87 10.78
H261 VLB J . 8.83 -15.20 8.59
H262 VLB J . 8.31 -13.99 7.72
H263 VLB J . 9.54 -14.83 7.23
H27 VLB J . 10.73 -9.93 7.37
H2 VLB J . 9.80 -11.27 5.70
H221 VLB J . 8.75 -14.30 5.24
H222 VLB J . 8.46 -12.81 5.79
H223 VLB J . 8.96 -13.03 4.28
H17 VLB J . 10.50 -15.45 4.19
H331 VLB J . 10.75 -17.19 1.10
H332 VLB J . 10.15 -16.73 2.52
H333 VLB J . 10.34 -15.65 1.35
PG GTP K . 45.03 20.02 11.02
O1G GTP K . 46.09 19.14 11.59
O2G GTP K . 44.56 21.07 11.98
O3G GTP K . 45.40 20.60 9.69
O3B GTP K . 43.77 19.06 10.75
PB GTP K . 43.64 17.58 10.17
O1B GTP K . 44.55 17.43 9.02
O2B GTP K . 42.20 17.25 10.01
O3A GTP K . 44.21 16.72 11.40
PA GTP K . 43.94 15.19 11.75
O1A GTP K . 45.19 14.61 12.31
O2A GTP K . 43.31 14.54 10.57
O5' GTP K . 42.85 15.33 12.92
C5' GTP K . 43.21 14.84 14.24
C4' GTP K . 42.35 13.65 14.57
O4' GTP K . 42.28 12.79 13.41
C3' GTP K . 42.84 12.76 15.72
O3' GTP K . 41.76 12.25 16.48
C2' GTP K . 43.56 11.62 14.99
O2' GTP K . 43.56 10.43 15.73
C1' GTP K . 42.68 11.49 13.76
N9 GTP K . 43.35 10.89 12.61
C8 GTP K . 44.35 11.45 11.86
N7 GTP K . 44.75 10.68 10.88
C5 GTP K . 43.98 9.54 11.02
C6 GTP K . 43.98 8.34 10.25
O6 GTP K . 44.67 8.06 9.26
N1 GTP K . 43.03 7.43 10.72
C2 GTP K . 42.20 7.64 11.80
N2 GTP K . 41.37 6.65 12.09
N3 GTP K . 42.21 8.75 12.52
C4 GTP K . 43.11 9.65 12.08
MG MG L . 47.19 18.11 9.18
CA CA M . 34.55 1.49 -19.42
PB GDP N . 73.92 40.01 29.13
O1B GDP N . 74.77 39.40 28.05
O2B GDP N . 72.66 40.59 28.51
O3B GDP N . 74.68 41.16 29.78
O3A GDP N . 73.48 38.90 30.21
PA GDP N . 74.41 37.80 30.93
O1A GDP N . 75.62 38.42 31.58
O2A GDP N . 74.85 36.70 29.99
O5' GDP N . 73.43 37.17 32.06
C5' GDP N . 73.84 36.95 33.41
C4' GDP N . 72.96 35.87 34.01
O4' GDP N . 72.91 34.81 33.06
C3' GDP N . 73.56 35.31 35.29
O3' GDP N . 72.52 35.21 36.27
C2' GDP N . 74.08 33.93 34.93
O2' GDP N . 73.68 32.96 35.91
C1' GDP N . 73.43 33.59 33.61
N9 GDP N . 74.41 33.07 32.63
C8 GDP N . 75.36 33.76 31.99
N7 GDP N . 76.05 32.97 31.15
C5 GDP N . 75.52 31.73 31.24
C6 GDP N . 75.78 30.41 30.62
O6 GDP N . 76.70 30.28 29.79
N1 GDP N . 75.01 29.39 31.00
C2 GDP N . 74.02 29.51 31.90
N2 GDP N . 73.28 28.43 32.23
N3 GDP N . 73.73 30.69 32.51
C4 GDP N . 74.43 31.80 32.21
PB GDP O . 8.38 1.80 -8.64
O1B GDP O . 9.47 2.56 -7.92
O2B GDP O . 7.25 2.78 -8.90
O3B GDP O . 8.90 1.22 -9.94
O3A GDP O . 7.78 0.67 -7.69
PA GDP O . 8.36 -0.81 -7.50
O1A GDP O . 9.84 -0.83 -7.21
O2A GDP O . 8.05 -1.66 -8.71
O5' GDP O . 7.43 -1.29 -6.27
C5' GDP O . 7.92 -2.12 -5.22
C4' GDP O . 6.73 -2.89 -4.68
O4' GDP O . 6.29 -3.74 -5.74
C3' GDP O . 7.17 -3.79 -3.55
O3' GDP O . 6.04 -3.93 -2.69
C2' GDP O . 7.52 -5.10 -4.25
O2' GDP O . 7.26 -6.22 -3.40
C1' GDP O . 6.57 -5.10 -5.43
N9 GDP O . 7.11 -5.69 -6.68
C8 GDP O . 8.13 -5.21 -7.42
N7 GDP O . 8.33 -6.00 -8.52
C5 GDP O . 7.40 -6.98 -8.49
C6 GDP O . 7.04 -8.13 -9.33
O6 GDP O . 7.65 -8.41 -10.38
N1 GDP O . 6.01 -8.89 -8.94
C2 GDP O . 5.32 -8.63 -7.80
N2 GDP O . 4.30 -9.46 -7.49
N3 GDP O . 5.60 -7.58 -6.98
C4 GDP O . 6.60 -6.75 -7.28
#